data_9FL1
#
_entry.id   9FL1
#
_cell.length_a   75.160
_cell.length_b   100.617
_cell.length_c   97.792
_cell.angle_alpha   90.000
_cell.angle_beta   93.696
_cell.angle_gamma   90.000
#
_symmetry.space_group_name_H-M   'P 1 21 1'
#
loop_
_entity.id
_entity.type
_entity.pdbx_description
1 polymer 'Glyceraldehyde-3-phosphate dehydrogenase (Gap)'
2 non-polymer '4-(2-HYDROXYETHYL)-1-PIPERAZINE ETHANESULFONIC ACID'
3 non-polymer GLYCEROL
4 non-polymer 'SODIUM ION'
5 water water
#
_entity_poly.entity_id   1
_entity_poly.type   'polypeptide(L)'
_entity_poly.pdbx_seq_one_letter_code
;MPIRIAINGTGRIGLCAIRVASQRKDIEIVAINSTAELETLLHLIRHDSVHGHFEAQLNADRTLNIGHSKNILVLSERDI
NKLDFSAANAEIIIECTGKFNSLEASSAHLKNSVKKVIISAPAQNTPTFVYGVNHKNYHNESVISNASCTTNASAPLLKI
LDEAFKVENALLTTIHSYTNDQNLLDTKHKDIRRARAAGLNLIPTSTGVSKAISLVLPHLGPKVTGLAIRVPTPNVSLVD
LSLNFKKSVSKASVQHALKDACKHAFKGVVSIDEERLVSSDFISSPFSAIVIDDQIMTIGEKNAKVLAWYDNEMGYSERL
IDMAQYIAQN
;
_entity_poly.pdbx_strand_id   A,B,C,D
#
loop_
_chem_comp.id
_chem_comp.type
_chem_comp.name
_chem_comp.formula
EPE non-polymer '4-(2-HYDROXYETHYL)-1-PIPERAZINE ETHANESULFONIC ACID' 'C8 H18 N2 O4 S'
GOL non-polymer GLYCEROL 'C3 H8 O3'
NA non-polymer 'SODIUM ION' 'Na 1'
#
# COMPACT_ATOMS: atom_id res chain seq x y z
N PRO A 2 -42.23 -14.55 3.03
CA PRO A 2 -40.78 -14.51 3.03
C PRO A 2 -40.20 -15.12 4.30
N ILE A 3 -39.00 -15.71 4.19
CA ILE A 3 -38.28 -16.23 5.34
C ILE A 3 -37.74 -15.03 6.11
N ARG A 4 -38.08 -14.97 7.42
CA ARG A 4 -37.68 -13.87 8.29
C ARG A 4 -36.37 -14.18 9.01
N ILE A 5 -35.36 -13.31 8.80
CA ILE A 5 -34.05 -13.50 9.42
C ILE A 5 -33.68 -12.26 10.24
N ALA A 6 -32.77 -12.48 11.20
CA ALA A 6 -32.09 -11.42 11.91
C ALA A 6 -30.58 -11.57 11.74
N ILE A 7 -29.90 -10.43 11.66
CA ILE A 7 -28.45 -10.37 11.60
C ILE A 7 -27.92 -9.91 12.94
N ASN A 8 -27.10 -10.76 13.56
CA ASN A 8 -26.42 -10.38 14.78
C ASN A 8 -24.95 -10.02 14.50
N GLY A 9 -24.63 -8.73 14.65
CA GLY A 9 -23.29 -8.23 14.41
C GLY A 9 -23.21 -7.48 13.10
N THR A 10 -22.57 -6.29 13.13
CA THR A 10 -22.44 -5.44 11.96
C THR A 10 -20.98 -5.07 11.71
N GLY A 11 -20.09 -6.05 11.95
CA GLY A 11 -18.77 -6.02 11.34
C GLY A 11 -18.88 -6.21 9.84
N ARG A 12 -17.75 -6.49 9.19
CA ARG A 12 -17.74 -6.56 7.73
C ARG A 12 -18.73 -7.61 7.22
N ILE A 13 -18.76 -8.78 7.85
CA ILE A 13 -19.54 -9.91 7.35
C ILE A 13 -21.03 -9.62 7.62
N GLY A 14 -21.31 -9.08 8.80
CA GLY A 14 -22.69 -8.70 9.13
C GLY A 14 -23.25 -7.67 8.14
N LEU A 15 -22.42 -6.65 7.76
CA LEU A 15 -22.86 -5.63 6.82
C LEU A 15 -23.12 -6.27 5.45
N CYS A 16 -22.19 -7.12 5.01
CA CYS A 16 -22.35 -7.70 3.68
C CYS A 16 -23.58 -8.60 3.67
N ALA A 17 -23.85 -9.32 4.76
CA ALA A 17 -25.03 -10.18 4.85
C ALA A 17 -26.33 -9.35 4.79
N ILE A 18 -26.31 -8.17 5.39
CA ILE A 18 -27.44 -7.27 5.32
C ILE A 18 -27.73 -6.90 3.87
N ARG A 19 -26.70 -6.46 3.17
CA ARG A 19 -26.85 -5.99 1.81
C ARG A 19 -27.33 -7.13 0.92
N VAL A 20 -26.72 -8.32 1.05
CA VAL A 20 -27.09 -9.45 0.22
C VAL A 20 -28.57 -9.81 0.49
N ALA A 21 -28.90 -9.98 1.77
CA ALA A 21 -30.24 -10.43 2.13
C ALA A 21 -31.30 -9.43 1.66
N SER A 22 -30.95 -8.15 1.66
CA SER A 22 -31.91 -7.10 1.33
C SER A 22 -32.36 -7.21 -0.13
N GLN A 23 -31.62 -7.92 -0.98
CA GLN A 23 -31.90 -7.97 -2.41
C GLN A 23 -32.60 -9.27 -2.80
N ARG A 24 -32.91 -10.12 -1.81
CA ARG A 24 -33.55 -11.40 -2.08
C ARG A 24 -35.02 -11.30 -1.72
N LYS A 25 -35.90 -11.47 -2.73
CA LYS A 25 -37.33 -11.25 -2.58
C LYS A 25 -37.93 -12.21 -1.55
N ASP A 26 -37.34 -13.39 -1.35
CA ASP A 26 -37.95 -14.39 -0.49
C ASP A 26 -37.38 -14.34 0.92
N ILE A 27 -36.62 -13.28 1.21
CA ILE A 27 -36.05 -13.02 2.53
C ILE A 27 -36.61 -11.69 3.02
N GLU A 28 -36.96 -11.67 4.32
CA GLU A 28 -37.25 -10.44 5.02
C GLU A 28 -36.31 -10.34 6.22
N ILE A 29 -35.47 -9.30 6.24
CA ILE A 29 -34.70 -8.99 7.42
C ILE A 29 -35.63 -8.27 8.39
N VAL A 30 -35.82 -8.82 9.60
CA VAL A 30 -36.82 -8.27 10.51
C VAL A 30 -36.15 -7.55 11.67
N ALA A 31 -34.87 -7.90 11.96
CA ALA A 31 -34.05 -7.24 12.94
C ALA A 31 -32.56 -7.30 12.58
N ILE A 32 -31.80 -6.26 13.04
CA ILE A 32 -30.33 -6.23 13.08
C ILE A 32 -29.95 -5.83 14.51
N ASN A 33 -29.02 -6.55 15.13
CA ASN A 33 -28.41 -6.15 16.40
C ASN A 33 -26.97 -5.67 16.13
N SER A 34 -26.61 -4.53 16.71
CA SER A 34 -25.35 -3.86 16.39
C SER A 34 -24.86 -3.09 17.62
N THR A 35 -23.54 -3.02 17.79
CA THR A 35 -22.94 -2.24 18.85
C THR A 35 -22.84 -0.77 18.42
N ALA A 36 -23.11 -0.50 17.14
CA ALA A 36 -23.11 0.85 16.62
C ALA A 36 -24.44 1.53 16.94
N GLU A 37 -24.38 2.85 17.10
CA GLU A 37 -25.59 3.67 17.19
C GLU A 37 -26.29 3.64 15.83
N LEU A 38 -27.60 3.84 15.87
CA LEU A 38 -28.44 3.71 14.69
C LEU A 38 -27.90 4.49 13.48
N GLU A 39 -27.60 5.78 13.69
N GLU A 39 -27.60 5.78 13.68
CA GLU A 39 -27.15 6.65 12.60
CA GLU A 39 -27.17 6.65 12.60
C GLU A 39 -25.81 6.16 12.05
C GLU A 39 -25.81 6.17 12.05
N THR A 40 -24.97 5.60 12.92
CA THR A 40 -23.68 5.05 12.49
C THR A 40 -23.90 3.78 11.68
N LEU A 41 -24.82 2.91 12.13
CA LEU A 41 -25.13 1.70 11.38
C LEU A 41 -25.59 2.05 9.97
N LEU A 42 -26.49 3.05 9.88
CA LEU A 42 -27.03 3.50 8.61
C LEU A 42 -25.89 3.92 7.69
N HIS A 43 -24.98 4.71 8.24
CA HIS A 43 -23.86 5.23 7.47
C HIS A 43 -23.04 4.06 6.91
N LEU A 44 -22.79 3.07 7.76
CA LEU A 44 -21.94 1.95 7.40
C LEU A 44 -22.60 1.08 6.34
N ILE A 45 -23.94 0.93 6.40
CA ILE A 45 -24.63 0.23 5.35
C ILE A 45 -24.56 0.99 4.03
N ARG A 46 -24.78 2.31 4.10
CA ARG A 46 -24.78 3.15 2.91
C ARG A 46 -23.42 3.26 2.24
N HIS A 47 -22.33 3.31 3.02
CA HIS A 47 -21.03 3.69 2.48
C HIS A 47 -19.94 2.67 2.80
N ASP A 48 -19.30 2.14 1.77
CA ASP A 48 -18.37 1.03 1.95
C ASP A 48 -17.14 1.32 1.11
N SER A 49 -15.97 1.40 1.77
CA SER A 49 -14.71 1.69 1.09
C SER A 49 -14.39 0.70 -0.03
N VAL A 50 -14.92 -0.53 0.06
CA VAL A 50 -14.65 -1.58 -0.91
C VAL A 50 -15.84 -1.85 -1.83
N HIS A 51 -17.07 -2.05 -1.29
CA HIS A 51 -18.23 -2.45 -2.07
C HIS A 51 -19.05 -1.28 -2.61
N GLY A 52 -18.71 -0.03 -2.25
CA GLY A 52 -19.35 1.13 -2.82
C GLY A 52 -20.60 1.54 -2.05
N HIS A 53 -21.45 2.35 -2.71
N HIS A 53 -21.44 2.39 -2.69
CA HIS A 53 -22.59 3.00 -2.08
CA HIS A 53 -22.60 3.01 -2.07
C HIS A 53 -23.81 2.11 -2.24
C HIS A 53 -23.78 2.05 -2.21
N PHE A 54 -24.70 2.13 -1.24
CA PHE A 54 -25.90 1.29 -1.22
C PHE A 54 -27.06 2.13 -0.67
N GLU A 55 -28.26 1.93 -1.24
CA GLU A 55 -29.44 2.68 -0.85
C GLU A 55 -30.04 2.09 0.43
N ALA A 56 -30.25 2.94 1.43
CA ALA A 56 -30.87 2.54 2.68
C ALA A 56 -31.50 3.75 3.36
N GLN A 57 -32.70 3.57 3.93
CA GLN A 57 -33.38 4.72 4.48
C GLN A 57 -33.87 4.38 5.89
N LEU A 58 -34.04 5.45 6.68
CA LEU A 58 -34.63 5.34 8.00
C LEU A 58 -36.10 5.69 7.91
N ASN A 59 -36.97 4.83 8.43
CA ASN A 59 -38.39 5.13 8.55
C ASN A 59 -38.62 6.15 9.67
N ALA A 60 -39.85 6.70 9.77
CA ALA A 60 -40.18 7.63 10.83
C ALA A 60 -40.04 6.95 12.19
N ASP A 61 -40.40 5.66 12.25
CA ASP A 61 -40.39 4.92 13.51
C ASP A 61 -38.98 4.42 13.83
N ARG A 62 -38.01 4.81 13.00
CA ARG A 62 -36.59 4.54 13.23
C ARG A 62 -36.28 3.06 12.99
N THR A 63 -37.13 2.37 12.23
CA THR A 63 -36.69 1.12 11.61
C THR A 63 -35.98 1.44 10.29
N LEU A 64 -35.12 0.51 9.85
CA LEU A 64 -34.41 0.64 8.58
C LEU A 64 -35.25 0.08 7.43
N ASN A 65 -35.07 0.68 6.25
CA ASN A 65 -35.74 0.29 5.03
C ASN A 65 -34.69 0.04 3.95
N ILE A 66 -34.47 -1.23 3.60
CA ILE A 66 -33.40 -1.61 2.68
C ILE A 66 -33.93 -2.67 1.71
N GLY A 67 -34.06 -2.32 0.44
CA GLY A 67 -34.43 -3.29 -0.58
C GLY A 67 -35.79 -3.91 -0.27
N HIS A 68 -35.82 -5.25 -0.18
CA HIS A 68 -37.07 -5.95 0.08
C HIS A 68 -37.39 -6.01 1.57
N SER A 69 -36.48 -5.51 2.41
CA SER A 69 -36.69 -5.52 3.85
C SER A 69 -37.06 -4.11 4.31
N LYS A 70 -38.38 -3.89 4.48
CA LYS A 70 -38.92 -2.53 4.56
C LYS A 70 -39.05 -2.01 6.00
N ASN A 71 -38.89 -2.88 7.00
CA ASN A 71 -39.20 -2.54 8.38
C ASN A 71 -38.30 -3.31 9.33
N ILE A 72 -37.02 -2.93 9.34
CA ILE A 72 -36.00 -3.67 10.06
C ILE A 72 -35.80 -3.06 11.44
N LEU A 73 -36.05 -3.87 12.47
CA LEU A 73 -35.89 -3.44 13.85
C LEU A 73 -34.39 -3.37 14.11
N VAL A 74 -33.92 -2.26 14.67
CA VAL A 74 -32.54 -2.13 15.11
C VAL A 74 -32.40 -2.22 16.62
N LEU A 75 -31.53 -3.13 17.05
CA LEU A 75 -31.24 -3.39 18.45
C LEU A 75 -29.78 -3.06 18.76
N SER A 76 -29.48 -2.97 20.07
CA SER A 76 -28.10 -2.85 20.55
C SER A 76 -27.95 -3.51 21.92
N GLU A 77 -27.78 -4.83 21.94
CA GLU A 77 -27.77 -5.58 23.19
C GLU A 77 -26.66 -6.62 23.15
N ARG A 78 -25.64 -6.44 23.99
CA ARG A 78 -24.45 -7.28 23.98
C ARG A 78 -24.73 -8.64 24.61
N ASP A 79 -25.65 -8.69 25.57
CA ASP A 79 -25.96 -9.90 26.31
C ASP A 79 -26.87 -10.79 25.47
N ILE A 80 -26.38 -11.97 25.10
CA ILE A 80 -27.12 -12.86 24.21
C ILE A 80 -28.40 -13.35 24.89
N ASN A 81 -28.43 -13.38 26.22
CA ASN A 81 -29.60 -13.85 26.97
C ASN A 81 -30.71 -12.79 27.05
N LYS A 82 -30.34 -11.52 26.99
CA LYS A 82 -31.32 -10.44 27.04
C LYS A 82 -31.86 -10.15 25.64
N LEU A 83 -31.00 -10.35 24.64
CA LEU A 83 -31.32 -10.09 23.25
C LEU A 83 -32.49 -10.98 22.85
N ASP A 84 -33.45 -10.46 22.07
CA ASP A 84 -34.62 -11.24 21.69
C ASP A 84 -35.08 -10.92 20.29
N PHE A 85 -34.53 -11.63 19.30
CA PHE A 85 -35.02 -11.55 17.94
C PHE A 85 -36.43 -12.13 17.79
N SER A 86 -36.93 -12.86 18.79
CA SER A 86 -38.27 -13.43 18.74
C SER A 86 -39.35 -12.35 18.57
N ALA A 87 -39.10 -11.15 19.13
CA ALA A 87 -40.05 -10.06 19.13
C ALA A 87 -40.32 -9.52 17.71
N ALA A 88 -39.45 -9.83 16.75
CA ALA A 88 -39.62 -9.42 15.37
C ALA A 88 -40.03 -10.62 14.50
N ASN A 89 -40.20 -11.78 15.16
CA ASN A 89 -40.71 -13.00 14.56
C ASN A 89 -39.66 -13.62 13.65
N ALA A 90 -38.38 -13.43 14.02
CA ALA A 90 -37.25 -13.97 13.28
C ALA A 90 -37.23 -15.50 13.41
N GLU A 91 -37.15 -16.21 12.27
N GLU A 91 -37.11 -16.18 12.26
CA GLU A 91 -36.97 -17.65 12.28
CA GLU A 91 -36.99 -17.62 12.20
C GLU A 91 -35.48 -18.01 12.38
C GLU A 91 -35.51 -18.05 12.29
N ILE A 92 -34.63 -17.27 11.63
CA ILE A 92 -33.25 -17.68 11.46
C ILE A 92 -32.35 -16.52 11.83
N ILE A 93 -31.30 -16.81 12.62
CA ILE A 93 -30.27 -15.84 12.96
C ILE A 93 -29.02 -16.09 12.13
N ILE A 94 -28.49 -15.02 11.54
CA ILE A 94 -27.16 -15.02 10.92
C ILE A 94 -26.26 -14.40 11.99
N GLU A 95 -25.48 -15.25 12.66
CA GLU A 95 -24.66 -14.88 13.81
C GLU A 95 -23.26 -14.53 13.33
N CYS A 96 -22.97 -13.22 13.40
CA CYS A 96 -21.83 -12.58 12.78
C CYS A 96 -21.00 -11.74 13.76
N THR A 97 -21.04 -11.98 15.09
CA THR A 97 -20.35 -11.16 16.09
C THR A 97 -18.94 -11.69 16.37
N GLY A 98 -18.69 -12.99 16.18
CA GLY A 98 -17.40 -13.57 16.49
C GLY A 98 -17.24 -13.88 17.97
N LYS A 99 -18.29 -13.62 18.77
CA LYS A 99 -18.27 -13.72 20.22
C LYS A 99 -18.90 -15.02 20.70
N PHE A 100 -19.54 -15.78 19.80
CA PHE A 100 -20.33 -16.94 20.17
C PHE A 100 -20.07 -18.08 19.18
N ASN A 101 -18.82 -18.25 18.76
CA ASN A 101 -18.49 -19.18 17.71
C ASN A 101 -18.33 -20.58 18.29
N SER A 102 -19.45 -21.12 18.76
CA SER A 102 -19.49 -22.46 19.32
C SER A 102 -20.96 -22.85 19.47
N LEU A 103 -21.23 -24.17 19.45
CA LEU A 103 -22.58 -24.69 19.53
C LEU A 103 -23.25 -24.21 20.81
N GLU A 104 -22.50 -24.28 21.92
CA GLU A 104 -22.98 -23.88 23.22
C GLU A 104 -23.36 -22.40 23.23
N ALA A 105 -22.45 -21.56 22.74
CA ALA A 105 -22.64 -20.12 22.81
C ALA A 105 -23.86 -19.71 21.99
N SER A 106 -23.98 -20.18 20.74
CA SER A 106 -25.01 -19.68 19.83
C SER A 106 -26.40 -20.28 20.10
N SER A 107 -26.44 -21.35 20.88
CA SER A 107 -27.70 -21.98 21.28
C SER A 107 -28.64 -21.02 22.03
N ALA A 108 -28.05 -19.99 22.64
CA ALA A 108 -28.80 -19.03 23.44
C ALA A 108 -29.75 -18.19 22.57
N HIS A 109 -29.51 -18.15 21.26
CA HIS A 109 -30.40 -17.46 20.34
C HIS A 109 -31.78 -18.13 20.25
N LEU A 110 -31.84 -19.43 20.57
CA LEU A 110 -32.99 -20.23 20.22
C LEU A 110 -34.11 -19.98 21.22
N LYS A 111 -35.20 -19.38 20.71
CA LYS A 111 -36.34 -18.98 21.51
C LYS A 111 -37.51 -18.73 20.55
N ASN A 112 -38.71 -19.22 20.90
CA ASN A 112 -39.92 -18.72 20.26
C ASN A 112 -39.87 -18.98 18.75
N SER A 113 -40.10 -17.91 17.94
CA SER A 113 -40.09 -18.02 16.48
C SER A 113 -38.74 -18.53 15.98
N VAL A 114 -37.69 -18.32 16.78
CA VAL A 114 -36.30 -18.47 16.32
C VAL A 114 -35.90 -19.94 16.40
N LYS A 115 -35.72 -20.56 15.23
CA LYS A 115 -35.56 -22.00 15.15
C LYS A 115 -34.12 -22.42 14.86
N LYS A 116 -33.32 -21.50 14.28
CA LYS A 116 -32.07 -21.89 13.68
C LYS A 116 -31.11 -20.71 13.72
N VAL A 117 -29.80 -21.04 13.79
CA VAL A 117 -28.71 -20.09 13.74
C VAL A 117 -27.70 -20.61 12.72
N ILE A 118 -27.23 -19.70 11.85
CA ILE A 118 -26.07 -19.96 11.01
C ILE A 118 -24.94 -19.04 11.52
N ILE A 119 -23.87 -19.66 12.01
CA ILE A 119 -22.70 -18.93 12.49
C ILE A 119 -21.81 -18.67 11.29
N SER A 120 -21.38 -17.40 11.17
CA SER A 120 -20.65 -16.91 10.02
C SER A 120 -19.15 -17.12 10.24
N ALA A 121 -18.79 -18.25 10.84
CA ALA A 121 -17.39 -18.61 11.09
C ALA A 121 -17.31 -20.08 11.46
N PRO A 122 -16.09 -20.66 11.47
CA PRO A 122 -15.88 -21.95 12.12
C PRO A 122 -16.31 -21.83 13.58
N ALA A 123 -17.03 -22.86 14.07
CA ALA A 123 -17.52 -22.88 15.44
C ALA A 123 -17.27 -24.26 16.04
N GLN A 124 -16.76 -24.26 17.28
CA GLN A 124 -16.44 -25.49 18.01
C GLN A 124 -17.71 -26.32 18.21
N ASN A 125 -17.58 -27.63 17.98
CA ASN A 125 -18.61 -28.63 18.21
C ASN A 125 -19.86 -28.37 17.36
N THR A 126 -19.71 -27.67 16.22
CA THR A 126 -20.86 -27.23 15.46
C THR A 126 -20.88 -27.94 14.12
N PRO A 127 -22.04 -28.53 13.71
CA PRO A 127 -22.19 -29.08 12.37
C PRO A 127 -21.85 -28.00 11.35
N THR A 128 -20.93 -28.32 10.43
CA THR A 128 -20.42 -27.35 9.48
C THR A 128 -20.82 -27.76 8.06
N PHE A 129 -21.24 -26.78 7.27
CA PHE A 129 -21.70 -26.98 5.89
C PHE A 129 -21.07 -25.91 5.00
N VAL A 130 -20.73 -26.34 3.78
CA VAL A 130 -20.36 -25.46 2.70
C VAL A 130 -21.30 -25.73 1.54
N TYR A 131 -21.98 -24.66 1.08
CA TYR A 131 -22.98 -24.74 0.02
C TYR A 131 -22.35 -25.26 -1.28
N GLY A 132 -22.98 -26.32 -1.83
CA GLY A 132 -22.49 -26.97 -3.03
C GLY A 132 -21.53 -28.12 -2.73
N VAL A 133 -21.00 -28.21 -1.49
CA VAL A 133 -20.14 -29.29 -1.07
C VAL A 133 -20.91 -30.32 -0.25
N ASN A 134 -21.52 -29.92 0.88
CA ASN A 134 -22.19 -30.94 1.69
C ASN A 134 -23.52 -30.45 2.27
N HIS A 135 -24.08 -29.35 1.73
CA HIS A 135 -25.28 -28.79 2.33
C HIS A 135 -26.48 -29.74 2.25
N LYS A 136 -26.52 -30.60 1.22
CA LYS A 136 -27.59 -31.54 1.05
C LYS A 136 -27.57 -32.62 2.15
N ASN A 137 -26.49 -32.73 2.94
CA ASN A 137 -26.44 -33.57 4.12
C ASN A 137 -27.16 -32.93 5.32
N TYR A 138 -27.80 -31.74 5.19
CA TYR A 138 -28.52 -31.15 6.33
C TYR A 138 -29.75 -32.00 6.68
N HIS A 139 -29.89 -32.27 7.99
CA HIS A 139 -30.96 -33.03 8.59
C HIS A 139 -31.52 -32.18 9.75
N ASN A 140 -31.86 -30.91 9.48
CA ASN A 140 -32.67 -30.09 10.37
C ASN A 140 -31.90 -29.62 11.61
N GLU A 141 -30.55 -29.60 11.61
CA GLU A 141 -29.81 -29.14 12.78
C GLU A 141 -30.18 -27.66 13.06
N SER A 142 -30.20 -27.28 14.35
CA SER A 142 -30.70 -25.96 14.74
C SER A 142 -29.56 -24.93 14.82
N VAL A 143 -28.33 -25.38 15.07
CA VAL A 143 -27.19 -24.47 15.03
C VAL A 143 -26.14 -25.05 14.08
N ILE A 144 -25.82 -24.28 13.02
CA ILE A 144 -24.82 -24.71 12.05
C ILE A 144 -23.75 -23.63 11.84
N SER A 145 -22.61 -24.06 11.30
CA SER A 145 -21.54 -23.17 10.88
C SER A 145 -21.42 -23.18 9.36
N ASN A 146 -21.10 -22.00 8.79
CA ASN A 146 -20.92 -21.83 7.35
C ASN A 146 -19.43 -21.89 7.01
N ALA A 147 -18.62 -22.38 7.95
CA ALA A 147 -17.16 -22.51 7.82
C ALA A 147 -16.54 -21.13 7.55
N SER A 148 -15.37 -21.07 6.90
CA SER A 148 -14.68 -19.81 6.61
C SER A 148 -14.77 -19.46 5.13
N CYS A 149 -14.35 -18.23 4.77
CA CYS A 149 -14.30 -17.85 3.37
C CYS A 149 -13.28 -18.72 2.63
N THR A 150 -12.17 -19.07 3.29
N THR A 150 -12.15 -19.10 3.25
CA THR A 150 -11.11 -19.86 2.68
CA THR A 150 -11.15 -19.86 2.50
C THR A 150 -11.63 -21.26 2.32
C THR A 150 -11.61 -21.31 2.30
N THR A 151 -12.32 -21.91 3.27
CA THR A 151 -12.88 -23.25 3.06
C THR A 151 -13.99 -23.22 2.01
N ASN A 152 -14.80 -22.14 1.93
CA ASN A 152 -15.82 -22.02 0.89
C ASN A 152 -15.21 -21.96 -0.51
N ALA A 153 -13.98 -21.43 -0.62
CA ALA A 153 -13.30 -21.39 -1.90
C ALA A 153 -12.68 -22.74 -2.22
N SER A 154 -12.02 -23.36 -1.25
CA SER A 154 -11.19 -24.52 -1.57
C SER A 154 -12.00 -25.81 -1.66
N ALA A 155 -12.99 -25.97 -0.77
CA ALA A 155 -13.74 -27.23 -0.71
C ALA A 155 -14.46 -27.54 -2.03
N PRO A 156 -15.16 -26.59 -2.69
CA PRO A 156 -15.77 -26.87 -3.99
C PRO A 156 -14.76 -27.39 -5.01
N LEU A 157 -13.58 -26.77 -5.03
CA LEU A 157 -12.59 -27.13 -6.02
C LEU A 157 -12.05 -28.54 -5.77
N LEU A 158 -11.75 -28.82 -4.50
CA LEU A 158 -11.35 -30.16 -4.07
C LEU A 158 -12.41 -31.17 -4.47
N LYS A 159 -13.70 -30.89 -4.22
CA LYS A 159 -14.75 -31.84 -4.55
C LYS A 159 -14.81 -32.10 -6.06
N ILE A 160 -14.77 -31.05 -6.88
CA ILE A 160 -14.83 -31.20 -8.32
C ILE A 160 -13.66 -32.06 -8.81
N LEU A 161 -12.44 -31.69 -8.38
CA LEU A 161 -11.26 -32.35 -8.90
C LEU A 161 -11.12 -33.78 -8.39
N ASP A 162 -11.58 -34.05 -7.16
CA ASP A 162 -11.56 -35.42 -6.64
C ASP A 162 -12.52 -36.27 -7.47
N GLU A 163 -13.73 -35.76 -7.73
CA GLU A 163 -14.71 -36.56 -8.46
C GLU A 163 -14.21 -36.90 -9.86
N ALA A 164 -13.41 -35.99 -10.45
CA ALA A 164 -12.94 -36.16 -11.81
C ALA A 164 -11.72 -37.08 -11.89
N PHE A 165 -10.77 -36.93 -10.97
CA PHE A 165 -9.43 -37.50 -11.13
C PHE A 165 -8.94 -38.28 -9.89
N LYS A 166 -9.67 -38.15 -8.78
CA LYS A 166 -9.38 -38.87 -7.55
C LYS A 166 -8.11 -38.30 -6.89
N VAL A 167 -8.30 -37.45 -5.87
CA VAL A 167 -7.20 -36.84 -5.15
C VAL A 167 -6.46 -37.91 -4.37
N GLU A 168 -5.13 -37.99 -4.55
CA GLU A 168 -4.29 -38.76 -3.67
C GLU A 168 -3.84 -37.89 -2.50
N ASN A 169 -3.32 -36.68 -2.82
CA ASN A 169 -2.93 -35.71 -1.82
C ASN A 169 -3.01 -34.31 -2.44
N ALA A 170 -3.14 -33.28 -1.59
CA ALA A 170 -3.11 -31.91 -2.07
C ALA A 170 -2.54 -31.01 -1.00
N LEU A 171 -1.86 -29.96 -1.48
CA LEU A 171 -1.32 -28.89 -0.68
C LEU A 171 -1.99 -27.58 -1.09
N LEU A 172 -2.52 -26.84 -0.13
CA LEU A 172 -3.22 -25.60 -0.41
C LEU A 172 -2.46 -24.43 0.22
N THR A 173 -2.32 -23.36 -0.54
CA THR A 173 -1.85 -22.09 -0.01
C THR A 173 -2.93 -21.04 -0.28
N THR A 174 -3.41 -20.39 0.78
CA THR A 174 -4.30 -19.27 0.61
C THR A 174 -3.46 -18.00 0.71
N ILE A 175 -3.59 -17.14 -0.28
CA ILE A 175 -3.07 -15.78 -0.24
C ILE A 175 -4.23 -14.90 0.21
N HIS A 176 -4.17 -14.51 1.48
CA HIS A 176 -5.31 -13.97 2.21
C HIS A 176 -5.13 -12.47 2.33
N SER A 177 -6.02 -11.73 1.67
N SER A 177 -5.99 -11.77 1.58
CA SER A 177 -5.93 -10.28 1.55
CA SER A 177 -6.08 -10.32 1.60
C SER A 177 -6.60 -9.62 2.76
C SER A 177 -6.49 -9.88 3.00
N TYR A 178 -5.83 -8.87 3.56
CA TYR A 178 -6.15 -8.54 4.94
C TYR A 178 -6.41 -7.05 5.20
N THR A 179 -6.32 -6.16 4.20
CA THR A 179 -6.42 -4.72 4.44
C THR A 179 -7.78 -4.34 5.04
N ASP A 191 0.61 -17.55 18.49
CA ASP A 191 1.31 -17.23 17.21
C ASP A 191 1.94 -15.83 17.24
N ILE A 192 3.26 -15.82 17.46
CA ILE A 192 4.05 -14.61 17.65
C ILE A 192 3.95 -13.69 16.43
N ARG A 193 3.72 -14.25 15.23
CA ARG A 193 3.61 -13.43 14.03
C ARG A 193 2.40 -12.50 14.11
N ARG A 194 1.38 -12.86 14.90
CA ARG A 194 0.19 -12.03 15.00
C ARG A 194 0.46 -10.81 15.87
N ALA A 195 1.58 -10.82 16.61
CA ALA A 195 1.93 -9.63 17.37
C ALA A 195 2.61 -8.63 16.44
N ARG A 196 3.00 -9.07 15.23
CA ARG A 196 3.75 -8.24 14.29
C ARG A 196 2.77 -7.42 13.46
N ALA A 197 3.20 -6.20 13.08
CA ALA A 197 2.37 -5.28 12.33
C ALA A 197 1.85 -5.97 11.07
N ALA A 198 0.51 -6.01 10.92
CA ALA A 198 -0.06 -6.50 9.69
C ALA A 198 0.50 -5.68 8.53
N GLY A 199 -0.13 -4.56 8.18
CA GLY A 199 0.32 -3.73 7.06
C GLY A 199 1.83 -3.60 7.10
N LEU A 200 2.48 -3.87 5.97
CA LEU A 200 3.95 -3.80 5.83
C LEU A 200 4.51 -5.22 5.75
N ASN A 201 3.68 -6.27 5.73
CA ASN A 201 4.32 -7.59 5.79
C ASN A 201 3.51 -8.69 5.11
N LEU A 202 4.22 -9.65 4.47
CA LEU A 202 3.71 -10.98 4.13
C LEU A 202 3.82 -11.81 5.40
N ILE A 203 2.72 -12.47 5.82
CA ILE A 203 2.73 -13.17 7.08
C ILE A 203 2.23 -14.58 6.89
N PRO A 204 3.10 -15.59 6.96
CA PRO A 204 2.66 -16.98 6.93
C PRO A 204 1.95 -17.34 8.23
N THR A 205 0.88 -18.12 8.11
CA THR A 205 0.11 -18.56 9.27
C THR A 205 -0.40 -19.97 8.99
N SER A 206 -0.33 -20.87 9.99
CA SER A 206 -1.08 -22.11 9.96
C SER A 206 -2.58 -21.83 10.08
N THR A 207 -3.43 -22.67 9.45
CA THR A 207 -4.86 -22.40 9.45
C THR A 207 -5.72 -23.65 9.66
N GLY A 208 -5.10 -24.80 9.98
CA GLY A 208 -5.85 -26.03 10.22
C GLY A 208 -6.74 -26.41 9.04
N VAL A 209 -6.16 -26.35 7.84
CA VAL A 209 -6.79 -26.71 6.58
C VAL A 209 -7.36 -28.13 6.64
N SER A 210 -6.54 -29.09 7.05
CA SER A 210 -6.91 -30.49 7.00
C SER A 210 -8.19 -30.73 7.82
N LYS A 211 -8.18 -30.21 9.04
CA LYS A 211 -9.30 -30.31 9.96
C LYS A 211 -10.54 -29.64 9.37
N ALA A 212 -10.38 -28.43 8.83
CA ALA A 212 -11.48 -27.71 8.23
C ALA A 212 -12.08 -28.45 7.03
N ILE A 213 -11.23 -29.00 6.16
CA ILE A 213 -11.74 -29.75 5.03
C ILE A 213 -12.44 -31.04 5.49
N SER A 214 -11.92 -31.68 6.56
CA SER A 214 -12.48 -32.91 7.08
C SER A 214 -13.94 -32.70 7.52
N LEU A 215 -14.29 -31.46 7.89
CA LEU A 215 -15.61 -31.20 8.41
C LEU A 215 -16.65 -31.35 7.29
N VAL A 216 -16.26 -31.05 6.03
CA VAL A 216 -17.23 -31.00 4.96
C VAL A 216 -16.97 -32.07 3.90
N LEU A 217 -15.72 -32.58 3.82
CA LEU A 217 -15.34 -33.68 2.94
C LEU A 217 -14.49 -34.65 3.77
N PRO A 218 -15.11 -35.45 4.64
CA PRO A 218 -14.39 -36.35 5.55
C PRO A 218 -13.36 -37.29 4.94
N HIS A 219 -13.59 -37.76 3.70
CA HIS A 219 -12.67 -38.68 3.03
C HIS A 219 -11.44 -37.95 2.50
N LEU A 220 -11.58 -36.65 2.26
CA LEU A 220 -10.52 -35.86 1.63
C LEU A 220 -9.65 -35.15 2.64
N GLY A 221 -10.25 -34.70 3.75
CA GLY A 221 -9.57 -33.87 4.73
C GLY A 221 -8.19 -34.45 5.10
N PRO A 222 -8.10 -35.75 5.45
CA PRO A 222 -6.81 -36.35 5.80
C PRO A 222 -5.76 -36.38 4.70
N LYS A 223 -6.15 -36.12 3.46
CA LYS A 223 -5.27 -36.20 2.33
C LYS A 223 -4.74 -34.82 1.94
N VAL A 224 -5.18 -33.76 2.65
CA VAL A 224 -4.82 -32.39 2.25
C VAL A 224 -4.30 -31.64 3.47
N THR A 225 -3.39 -30.68 3.25
CA THR A 225 -3.00 -29.75 4.29
C THR A 225 -2.54 -28.48 3.57
N GLY A 226 -2.14 -27.48 4.35
CA GLY A 226 -1.80 -26.23 3.73
C GLY A 226 -1.62 -25.13 4.76
N LEU A 227 -1.55 -23.90 4.26
CA LEU A 227 -1.31 -22.74 5.10
C LEU A 227 -1.81 -21.50 4.36
N ALA A 228 -1.71 -20.36 5.02
CA ALA A 228 -2.05 -19.07 4.43
C ALA A 228 -0.85 -18.13 4.48
N ILE A 229 -0.82 -17.23 3.51
CA ILE A 229 0.08 -16.10 3.50
C ILE A 229 -0.77 -14.84 3.50
N ARG A 230 -0.73 -14.09 4.60
CA ARG A 230 -1.50 -12.86 4.72
C ARG A 230 -0.77 -11.74 3.98
N VAL A 231 -1.50 -11.03 3.10
CA VAL A 231 -0.90 -10.03 2.23
C VAL A 231 -1.74 -8.77 2.36
N PRO A 232 -1.10 -7.58 2.44
CA PRO A 232 -1.83 -6.32 2.59
C PRO A 232 -2.48 -5.79 1.32
N THR A 233 -3.42 -6.55 0.74
CA THR A 233 -4.33 -6.04 -0.28
C THR A 233 -5.75 -6.18 0.23
N PRO A 234 -6.70 -5.42 -0.34
CA PRO A 234 -8.09 -5.50 0.09
C PRO A 234 -8.94 -6.58 -0.58
N ASN A 235 -9.55 -7.41 0.26
CA ASN A 235 -10.75 -8.17 -0.04
C ASN A 235 -10.54 -9.40 -0.91
N VAL A 236 -9.86 -9.24 -2.07
CA VAL A 236 -9.85 -10.33 -3.03
C VAL A 236 -8.63 -11.19 -2.76
N SER A 237 -8.90 -12.44 -2.38
CA SER A 237 -7.91 -13.42 -1.98
C SER A 237 -7.81 -14.44 -3.10
N LEU A 238 -6.82 -15.34 -2.98
CA LEU A 238 -6.59 -16.35 -3.96
C LEU A 238 -6.31 -17.65 -3.21
N VAL A 239 -6.80 -18.76 -3.75
CA VAL A 239 -6.38 -20.05 -3.26
C VAL A 239 -5.57 -20.73 -4.36
N ASP A 240 -4.47 -21.37 -3.94
CA ASP A 240 -3.50 -22.02 -4.80
C ASP A 240 -3.40 -23.49 -4.41
N LEU A 241 -4.05 -24.38 -5.19
CA LEU A 241 -4.07 -25.82 -4.95
C LEU A 241 -3.01 -26.51 -5.79
N SER A 242 -2.18 -27.32 -5.13
CA SER A 242 -1.23 -28.22 -5.78
C SER A 242 -1.67 -29.65 -5.49
N LEU A 243 -2.17 -30.36 -6.49
CA LEU A 243 -2.83 -31.63 -6.26
C LEU A 243 -2.07 -32.74 -6.95
N ASN A 244 -2.03 -33.92 -6.32
CA ASN A 244 -1.55 -35.17 -6.88
C ASN A 244 -2.74 -36.12 -7.03
N PHE A 245 -2.98 -36.66 -8.22
CA PHE A 245 -4.19 -37.42 -8.49
C PHE A 245 -3.85 -38.87 -8.82
N LYS A 246 -4.86 -39.77 -8.72
CA LYS A 246 -4.67 -41.14 -9.14
C LYS A 246 -4.75 -41.24 -10.67
N LYS A 247 -5.75 -40.56 -11.27
CA LYS A 247 -5.91 -40.57 -12.70
C LYS A 247 -5.02 -39.49 -13.30
N SER A 248 -4.67 -39.68 -14.56
CA SER A 248 -3.80 -38.74 -15.25
C SER A 248 -4.55 -37.47 -15.63
N VAL A 249 -3.82 -36.35 -15.74
CA VAL A 249 -4.41 -35.04 -16.01
C VAL A 249 -3.63 -34.27 -17.06
N SER A 250 -4.26 -33.22 -17.59
CA SER A 250 -3.60 -32.26 -18.46
C SER A 250 -4.21 -30.91 -18.13
N LYS A 251 -3.64 -29.82 -18.65
CA LYS A 251 -4.27 -28.53 -18.46
C LYS A 251 -5.70 -28.57 -19.00
N ALA A 252 -5.81 -29.13 -20.21
CA ALA A 252 -7.06 -29.21 -20.93
C ALA A 252 -8.11 -30.01 -20.16
N SER A 253 -7.74 -31.18 -19.62
CA SER A 253 -8.74 -32.00 -18.95
C SER A 253 -9.14 -31.38 -17.61
N VAL A 254 -8.18 -30.73 -16.94
CA VAL A 254 -8.51 -30.06 -15.69
C VAL A 254 -9.44 -28.87 -15.97
N GLN A 255 -9.10 -28.08 -17.01
CA GLN A 255 -9.90 -26.95 -17.43
C GLN A 255 -11.33 -27.41 -17.70
N HIS A 256 -11.45 -28.51 -18.44
CA HIS A 256 -12.74 -29.02 -18.86
C HIS A 256 -13.56 -29.47 -17.65
N ALA A 257 -12.93 -30.18 -16.71
CA ALA A 257 -13.65 -30.67 -15.54
C ALA A 257 -14.19 -29.50 -14.73
N LEU A 258 -13.41 -28.42 -14.61
CA LEU A 258 -13.85 -27.27 -13.83
C LEU A 258 -14.97 -26.53 -14.57
N LYS A 259 -14.80 -26.40 -15.88
CA LYS A 259 -15.78 -25.67 -16.68
C LYS A 259 -17.13 -26.38 -16.58
N ASP A 260 -17.13 -27.71 -16.68
CA ASP A 260 -18.36 -28.49 -16.67
C ASP A 260 -19.07 -28.36 -15.31
N ALA A 261 -18.30 -28.35 -14.23
CA ALA A 261 -18.91 -28.21 -12.92
C ALA A 261 -19.58 -26.85 -12.75
N CYS A 262 -19.01 -25.80 -13.36
CA CYS A 262 -19.57 -24.46 -13.27
C CYS A 262 -20.91 -24.37 -14.00
N LYS A 263 -21.13 -25.23 -15.01
CA LYS A 263 -22.39 -25.26 -15.74
C LYS A 263 -23.47 -26.07 -15.01
N HIS A 264 -23.05 -27.01 -14.15
CA HIS A 264 -23.94 -28.02 -13.62
C HIS A 264 -23.95 -27.95 -12.09
N ALA A 265 -23.29 -28.89 -11.42
CA ALA A 265 -23.46 -29.05 -9.98
C ALA A 265 -23.03 -27.82 -9.18
N PHE A 266 -22.11 -27.01 -9.69
CA PHE A 266 -21.62 -25.86 -8.95
C PHE A 266 -22.02 -24.54 -9.60
N LYS A 267 -23.11 -24.55 -10.39
CA LYS A 267 -23.62 -23.35 -11.01
C LYS A 267 -24.00 -22.35 -9.92
N GLY A 268 -23.54 -21.10 -10.07
CA GLY A 268 -23.75 -20.05 -9.09
C GLY A 268 -22.80 -20.13 -7.88
N VAL A 269 -21.87 -21.10 -7.86
CA VAL A 269 -21.01 -21.28 -6.70
C VAL A 269 -19.55 -21.13 -7.14
N VAL A 270 -19.17 -21.86 -8.19
CA VAL A 270 -17.86 -21.70 -8.83
C VAL A 270 -18.06 -21.13 -10.22
N SER A 271 -17.13 -20.25 -10.62
CA SER A 271 -17.09 -19.63 -11.92
C SER A 271 -15.69 -19.81 -12.50
N ILE A 272 -15.55 -19.52 -13.81
CA ILE A 272 -14.26 -19.53 -14.51
C ILE A 272 -13.99 -18.13 -15.08
N ASP A 273 -12.78 -17.63 -14.90
CA ASP A 273 -12.35 -16.42 -15.58
C ASP A 273 -11.52 -16.83 -16.79
N GLU A 274 -12.07 -16.54 -17.96
CA GLU A 274 -11.43 -16.79 -19.24
C GLU A 274 -10.96 -15.46 -19.82
N GLU A 275 -11.10 -14.36 -19.08
CA GLU A 275 -10.76 -13.04 -19.63
C GLU A 275 -9.40 -12.49 -19.15
N ARG A 276 -8.66 -13.27 -18.37
N ARG A 276 -8.64 -13.27 -18.38
CA ARG A 276 -7.32 -12.88 -17.91
CA ARG A 276 -7.30 -12.88 -17.94
C ARG A 276 -7.37 -11.58 -17.12
C ARG A 276 -7.37 -11.58 -17.12
N LEU A 277 -8.27 -11.56 -16.14
CA LEU A 277 -8.47 -10.41 -15.27
C LEU A 277 -7.52 -10.46 -14.08
N VAL A 278 -7.54 -9.37 -13.30
CA VAL A 278 -6.73 -9.27 -12.10
C VAL A 278 -7.61 -9.15 -10.87
N SER A 279 -7.02 -9.15 -9.68
CA SER A 279 -7.74 -9.33 -8.43
C SER A 279 -8.87 -8.30 -8.27
N SER A 280 -8.62 -7.03 -8.57
CA SER A 280 -9.59 -5.99 -8.27
C SER A 280 -10.85 -6.17 -9.13
N ASP A 281 -10.78 -6.88 -10.26
CA ASP A 281 -11.93 -7.14 -11.10
C ASP A 281 -12.95 -8.06 -10.43
N PHE A 282 -12.58 -8.72 -9.33
CA PHE A 282 -13.51 -9.66 -8.68
C PHE A 282 -14.06 -9.07 -7.37
N ILE A 283 -13.78 -7.79 -7.08
CA ILE A 283 -14.36 -7.16 -5.91
C ILE A 283 -15.88 -7.28 -6.05
N SER A 284 -16.51 -7.76 -4.98
CA SER A 284 -17.96 -7.92 -4.91
C SER A 284 -18.49 -9.13 -5.69
N SER A 285 -17.61 -9.99 -6.24
CA SER A 285 -18.07 -11.20 -6.92
C SER A 285 -18.91 -12.07 -5.97
N PRO A 286 -20.03 -12.64 -6.47
CA PRO A 286 -20.85 -13.53 -5.64
C PRO A 286 -20.35 -14.97 -5.57
N PHE A 287 -19.27 -15.31 -6.29
CA PHE A 287 -18.88 -16.69 -6.37
C PHE A 287 -18.04 -17.04 -5.15
N SER A 288 -18.11 -18.32 -4.76
CA SER A 288 -17.26 -18.85 -3.71
C SER A 288 -15.83 -18.97 -4.23
N ALA A 289 -15.68 -19.21 -5.54
CA ALA A 289 -14.36 -19.28 -6.19
C ALA A 289 -14.48 -19.00 -7.68
N ILE A 290 -13.52 -18.24 -8.24
CA ILE A 290 -13.42 -18.01 -9.67
C ILE A 290 -12.08 -18.57 -10.14
N VAL A 291 -12.14 -19.62 -10.95
CA VAL A 291 -10.93 -20.32 -11.38
C VAL A 291 -10.18 -19.47 -12.39
N ILE A 292 -8.86 -19.45 -12.28
CA ILE A 292 -8.05 -18.66 -13.20
C ILE A 292 -7.67 -19.57 -14.36
N ASP A 293 -8.48 -19.52 -15.43
CA ASP A 293 -8.42 -20.56 -16.44
C ASP A 293 -7.04 -20.70 -17.09
N ASP A 294 -6.44 -19.57 -17.44
CA ASP A 294 -5.19 -19.57 -18.21
C ASP A 294 -3.99 -20.03 -17.39
N GLN A 295 -4.12 -20.02 -16.06
CA GLN A 295 -3.04 -20.38 -15.15
C GLN A 295 -3.13 -21.82 -14.62
N ILE A 296 -4.06 -22.61 -15.11
CA ILE A 296 -4.10 -24.02 -14.78
C ILE A 296 -2.88 -24.66 -15.45
N MET A 297 -2.17 -25.50 -14.70
CA MET A 297 -1.05 -26.20 -15.27
C MET A 297 -0.93 -27.57 -14.65
N THR A 298 -0.25 -28.44 -15.38
CA THR A 298 0.09 -29.76 -14.88
C THR A 298 1.57 -30.03 -15.09
N ILE A 299 2.06 -31.02 -14.35
CA ILE A 299 3.39 -31.53 -14.57
C ILE A 299 3.42 -33.00 -14.21
N GLY A 300 4.21 -33.78 -14.95
CA GLY A 300 4.16 -35.21 -14.78
C GLY A 300 2.80 -35.66 -15.26
N GLU A 301 2.45 -36.89 -14.92
CA GLU A 301 1.16 -37.39 -15.37
C GLU A 301 0.04 -36.93 -14.44
N LYS A 302 0.38 -36.64 -13.18
CA LYS A 302 -0.57 -36.75 -12.09
C LYS A 302 -0.72 -35.47 -11.27
N ASN A 303 0.03 -34.39 -11.57
CA ASN A 303 0.02 -33.22 -10.69
C ASN A 303 -0.59 -32.02 -11.40
N ALA A 304 -1.38 -31.24 -10.65
CA ALA A 304 -1.91 -30.01 -11.21
C ALA A 304 -1.84 -28.87 -10.20
N LYS A 305 -1.78 -27.65 -10.73
CA LYS A 305 -1.89 -26.44 -9.94
C LYS A 305 -3.11 -25.71 -10.47
N VAL A 306 -4.01 -25.37 -9.54
CA VAL A 306 -5.24 -24.63 -9.80
C VAL A 306 -5.32 -23.44 -8.85
N LEU A 307 -5.53 -22.25 -9.41
CA LEU A 307 -5.73 -21.02 -8.66
C LEU A 307 -7.19 -20.58 -8.82
N ALA A 308 -7.70 -19.93 -7.77
CA ALA A 308 -8.99 -19.30 -7.86
C ALA A 308 -9.07 -18.07 -6.97
N TRP A 309 -9.76 -17.06 -7.48
CA TRP A 309 -10.04 -15.83 -6.76
C TRP A 309 -11.23 -16.03 -5.84
N TYR A 310 -11.36 -15.16 -4.85
CA TYR A 310 -12.65 -14.94 -4.19
C TYR A 310 -12.61 -13.64 -3.41
N ASP A 311 -13.74 -12.93 -3.39
CA ASP A 311 -13.89 -11.81 -2.49
C ASP A 311 -14.09 -12.42 -1.09
N ASN A 312 -13.26 -12.07 -0.10
CA ASN A 312 -13.37 -12.83 1.13
C ASN A 312 -14.59 -12.39 1.96
N GLU A 313 -15.33 -11.36 1.52
CA GLU A 313 -16.59 -11.03 2.18
C GLU A 313 -17.79 -11.47 1.34
N MET A 314 -17.79 -11.21 0.01
CA MET A 314 -19.03 -11.25 -0.76
C MET A 314 -19.44 -12.66 -1.14
N GLY A 315 -18.50 -13.51 -1.55
CA GLY A 315 -18.87 -14.87 -1.91
C GLY A 315 -19.45 -15.57 -0.70
N TYR A 316 -18.72 -15.48 0.40
CA TYR A 316 -19.13 -16.05 1.67
C TYR A 316 -20.52 -15.56 2.09
N SER A 317 -20.77 -14.25 1.93
CA SER A 317 -22.04 -13.67 2.36
C SER A 317 -23.19 -14.12 1.48
N GLU A 318 -22.95 -14.21 0.18
CA GLU A 318 -23.93 -14.81 -0.72
C GLU A 318 -24.24 -16.25 -0.28
N ARG A 319 -23.23 -17.02 0.11
CA ARG A 319 -23.44 -18.39 0.57
C ARG A 319 -24.23 -18.43 1.88
N LEU A 320 -23.94 -17.49 2.79
CA LEU A 320 -24.63 -17.37 4.05
C LEU A 320 -26.15 -17.33 3.82
N ILE A 321 -26.56 -16.46 2.90
CA ILE A 321 -27.97 -16.25 2.63
C ILE A 321 -28.55 -17.42 1.83
N ASP A 322 -27.80 -17.93 0.84
CA ASP A 322 -28.14 -19.17 0.16
C ASP A 322 -28.47 -20.25 1.18
N MET A 323 -27.62 -20.40 2.22
CA MET A 323 -27.82 -21.44 3.22
C MET A 323 -29.06 -21.15 4.07
N ALA A 324 -29.30 -19.87 4.35
CA ALA A 324 -30.51 -19.48 5.07
C ALA A 324 -31.74 -19.93 4.26
N GLN A 325 -31.77 -19.63 2.95
CA GLN A 325 -32.92 -19.95 2.12
C GLN A 325 -33.08 -21.48 2.08
N TYR A 326 -31.95 -22.20 2.08
CA TYR A 326 -31.97 -23.65 1.94
C TYR A 326 -32.49 -24.34 3.20
N ILE A 327 -31.95 -23.96 4.38
CA ILE A 327 -32.35 -24.65 5.61
C ILE A 327 -33.74 -24.21 6.06
N ALA A 328 -34.30 -23.13 5.51
CA ALA A 328 -35.67 -22.75 5.80
C ALA A 328 -36.66 -23.76 5.19
N PRO B 2 43.36 -6.91 -6.70
CA PRO B 2 41.94 -7.26 -6.58
C PRO B 2 41.39 -7.40 -7.99
N ILE B 3 40.25 -8.07 -8.10
CA ILE B 3 39.60 -8.24 -9.38
C ILE B 3 38.93 -6.92 -9.75
N ARG B 4 39.21 -6.44 -10.97
CA ARG B 4 38.75 -5.15 -11.42
C ARG B 4 37.41 -5.36 -12.14
N ILE B 5 36.35 -4.75 -11.61
CA ILE B 5 35.05 -4.84 -12.25
C ILE B 5 34.51 -3.48 -12.68
N ALA B 6 33.61 -3.52 -13.67
CA ALA B 6 32.83 -2.36 -14.05
C ALA B 6 31.34 -2.71 -13.98
N ILE B 7 30.54 -1.73 -13.59
CA ILE B 7 29.10 -1.95 -13.52
C ILE B 7 28.42 -1.09 -14.58
N ASN B 8 27.70 -1.76 -15.50
CA ASN B 8 26.98 -1.09 -16.57
C ASN B 8 25.51 -1.01 -16.17
N GLY B 9 25.05 0.21 -15.87
CA GLY B 9 23.65 0.42 -15.53
C GLY B 9 23.49 0.65 -14.05
N THR B 10 22.67 1.67 -13.69
CA THR B 10 22.49 1.99 -12.28
C THR B 10 20.99 2.10 -11.94
N GLY B 11 20.20 1.20 -12.53
CA GLY B 11 18.88 0.84 -12.00
C GLY B 11 19.04 0.18 -10.64
N ARG B 12 17.97 -0.45 -10.11
CA ARG B 12 18.05 -1.06 -8.79
C ARG B 12 19.15 -2.11 -8.68
N ILE B 13 19.29 -2.99 -9.68
CA ILE B 13 20.25 -4.07 -9.56
C ILE B 13 21.67 -3.49 -9.62
N GLY B 14 21.89 -2.55 -10.52
CA GLY B 14 23.25 -1.97 -10.63
C GLY B 14 23.63 -1.25 -9.33
N LEU B 15 22.68 -0.52 -8.72
CA LEU B 15 22.95 0.18 -7.47
C LEU B 15 23.29 -0.81 -6.36
N CYS B 16 22.50 -1.89 -6.25
N CYS B 16 22.50 -1.88 -6.26
CA CYS B 16 22.80 -2.87 -5.23
CA CYS B 16 22.78 -2.88 -5.23
C CYS B 16 24.17 -3.53 -5.49
C CYS B 16 24.14 -3.54 -5.49
N ALA B 17 24.46 -3.82 -6.74
CA ALA B 17 25.74 -4.44 -7.09
C ALA B 17 26.91 -3.52 -6.68
N ILE B 18 26.75 -2.22 -6.87
CA ILE B 18 27.77 -1.26 -6.45
C ILE B 18 28.01 -1.38 -4.95
N ARG B 19 26.92 -1.38 -4.19
N ARG B 19 26.90 -1.36 -4.19
CA ARG B 19 27.03 -1.40 -2.74
CA ARG B 19 26.97 -1.42 -2.74
C ARG B 19 27.65 -2.72 -2.27
C ARG B 19 27.64 -2.71 -2.27
N VAL B 20 27.21 -3.85 -2.85
CA VAL B 20 27.74 -5.14 -2.44
C VAL B 20 29.23 -5.19 -2.81
N ALA B 21 29.55 -4.88 -4.05
CA ALA B 21 30.95 -4.98 -4.52
C ALA B 21 31.93 -4.09 -3.75
N SER B 22 31.46 -2.92 -3.31
CA SER B 22 32.24 -1.97 -2.55
C SER B 22 32.72 -2.55 -1.22
N GLN B 23 32.03 -3.58 -0.70
CA GLN B 23 32.34 -4.16 0.60
C GLN B 23 33.18 -5.43 0.48
N ARG B 24 33.55 -5.83 -0.74
CA ARG B 24 34.31 -7.05 -0.94
C ARG B 24 35.77 -6.67 -1.08
N LYS B 25 36.62 -7.12 -0.15
CA LYS B 25 38.03 -6.70 -0.10
C LYS B 25 38.83 -7.10 -1.35
N ASP B 26 38.42 -8.19 -2.04
CA ASP B 26 39.17 -8.64 -3.21
C ASP B 26 38.59 -8.14 -4.53
N ILE B 27 37.68 -7.16 -4.45
CA ILE B 27 37.10 -6.51 -5.62
C ILE B 27 37.47 -5.03 -5.61
N GLU B 28 37.74 -4.50 -6.80
CA GLU B 28 37.82 -3.08 -7.05
C GLU B 28 36.88 -2.73 -8.20
N ILE B 29 35.88 -1.90 -7.89
CA ILE B 29 35.08 -1.31 -8.94
C ILE B 29 35.89 -0.21 -9.58
N VAL B 30 36.26 -0.37 -10.86
CA VAL B 30 37.08 0.62 -11.54
C VAL B 30 36.23 1.58 -12.38
N ALA B 31 34.97 1.23 -12.65
CA ALA B 31 34.15 2.12 -13.46
C ALA B 31 32.67 1.78 -13.26
N ILE B 32 31.84 2.81 -13.35
CA ILE B 32 30.37 2.69 -13.40
C ILE B 32 29.91 3.48 -14.60
N ASN B 33 29.08 2.89 -15.45
CA ASN B 33 28.41 3.60 -16.54
C ASN B 33 26.94 3.81 -16.19
N SER B 34 26.46 5.05 -16.25
CA SER B 34 25.12 5.37 -15.77
C SER B 34 24.47 6.40 -16.68
N THR B 35 23.15 6.33 -16.83
CA THR B 35 22.40 7.35 -17.56
C THR B 35 22.23 8.59 -16.70
N ALA B 36 22.50 8.50 -15.39
CA ALA B 36 22.35 9.63 -14.49
C ALA B 36 23.60 10.49 -14.51
N GLU B 37 23.42 11.77 -14.23
CA GLU B 37 24.53 12.70 -14.01
C GLU B 37 25.23 12.32 -12.71
N LEU B 38 26.51 12.66 -12.62
CA LEU B 38 27.34 12.19 -11.52
C LEU B 38 26.71 12.49 -10.14
N GLU B 39 26.23 13.70 -9.92
CA GLU B 39 25.72 14.12 -8.63
C GLU B 39 24.45 13.33 -8.30
N THR B 40 23.67 12.98 -9.33
CA THR B 40 22.47 12.20 -9.11
C THR B 40 22.82 10.74 -8.77
N LEU B 41 23.77 10.15 -9.48
CA LEU B 41 24.28 8.84 -9.12
C LEU B 41 24.74 8.79 -7.67
N LEU B 42 25.51 9.78 -7.22
CA LEU B 42 26.02 9.77 -5.85
C LEU B 42 24.85 9.79 -4.86
N HIS B 43 23.84 10.58 -5.18
CA HIS B 43 22.63 10.66 -4.36
C HIS B 43 21.93 9.30 -4.29
N LEU B 44 21.80 8.62 -5.42
CA LEU B 44 21.10 7.35 -5.47
C LEU B 44 21.87 6.27 -4.71
N ILE B 45 23.21 6.29 -4.78
CA ILE B 45 24.01 5.34 -4.04
C ILE B 45 23.84 5.58 -2.53
N ARG B 46 23.87 6.86 -2.12
CA ARG B 46 23.82 7.23 -0.70
C ARG B 46 22.47 6.98 -0.03
N HIS B 47 21.38 7.19 -0.77
CA HIS B 47 20.05 7.20 -0.18
C HIS B 47 19.10 6.22 -0.88
N ASP B 48 18.62 5.24 -0.14
CA ASP B 48 17.82 4.20 -0.74
C ASP B 48 16.54 4.04 0.09
N SER B 49 15.37 4.11 -0.58
CA SER B 49 14.08 3.94 0.09
C SER B 49 13.98 2.60 0.85
N VAL B 50 14.72 1.56 0.43
CA VAL B 50 14.60 0.23 1.02
C VAL B 50 15.82 -0.15 1.87
N HIS B 51 17.05 0.02 1.37
CA HIS B 51 18.24 -0.49 2.05
C HIS B 51 18.91 0.56 2.93
N GLY B 52 18.37 1.79 2.96
CA GLY B 52 18.85 2.81 3.88
C GLY B 52 20.09 3.56 3.36
N HIS B 53 20.77 4.29 4.25
N HIS B 53 20.76 4.31 4.26
CA HIS B 53 21.82 5.22 3.86
CA HIS B 53 21.86 5.20 3.92
C HIS B 53 23.17 4.50 3.74
C HIS B 53 23.15 4.43 3.68
N PHE B 54 23.99 4.97 2.80
CA PHE B 54 25.29 4.35 2.52
C PHE B 54 26.35 5.43 2.37
N GLU B 55 27.57 5.18 2.86
CA GLU B 55 28.69 6.11 2.73
C GLU B 55 29.28 6.08 1.30
N ALA B 56 29.38 7.26 0.67
CA ALA B 56 30.01 7.43 -0.64
C ALA B 56 30.45 8.87 -0.79
N GLN B 57 31.60 9.07 -1.43
CA GLN B 57 32.13 10.41 -1.57
C GLN B 57 32.63 10.60 -2.99
N LEU B 58 32.70 11.88 -3.39
CA LEU B 58 33.34 12.32 -4.62
C LEU B 58 34.78 12.72 -4.31
N ASN B 59 35.73 12.16 -5.04
CA ASN B 59 37.11 12.61 -5.01
C ASN B 59 37.28 13.92 -5.78
N ALA B 60 38.40 14.62 -5.54
CA ALA B 60 38.70 15.87 -6.24
C ALA B 60 38.72 15.67 -7.75
N ASP B 61 39.17 14.51 -8.23
CA ASP B 61 39.30 14.23 -9.65
C ASP B 61 38.00 13.68 -10.27
N ARG B 62 36.90 13.75 -9.49
CA ARG B 62 35.55 13.41 -9.90
C ARG B 62 35.30 11.90 -10.01
N THR B 63 36.24 11.06 -9.56
CA THR B 63 35.96 9.65 -9.37
C THR B 63 35.18 9.50 -8.08
N LEU B 64 34.43 8.38 -7.96
CA LEU B 64 33.77 8.03 -6.73
C LEU B 64 34.66 7.18 -5.82
N ASN B 65 34.40 7.30 -4.53
CA ASN B 65 35.14 6.63 -3.47
C ASN B 65 34.12 5.94 -2.58
N ILE B 66 34.05 4.62 -2.69
CA ILE B 66 33.07 3.84 -1.94
C ILE B 66 33.75 2.57 -1.41
N GLY B 67 33.88 2.44 -0.08
CA GLY B 67 34.38 1.22 0.54
C GLY B 67 35.80 0.89 0.07
N HIS B 68 36.00 -0.33 -0.44
CA HIS B 68 37.30 -0.72 -0.95
C HIS B 68 37.59 -0.17 -2.34
N SER B 69 36.61 0.48 -2.96
CA SER B 69 36.73 1.03 -4.30
C SER B 69 36.89 2.54 -4.24
N LYS B 70 38.16 3.00 -4.26
CA LYS B 70 38.47 4.37 -3.91
C LYS B 70 38.67 5.30 -5.11
N ASN B 71 38.52 4.76 -6.32
N ASN B 71 38.63 4.76 -6.33
CA ASN B 71 38.93 5.42 -7.54
CA ASN B 71 38.89 5.51 -7.55
C ASN B 71 38.01 5.00 -8.70
C ASN B 71 38.01 5.01 -8.69
N ILE B 72 36.69 5.13 -8.53
CA ILE B 72 35.76 4.63 -9.52
C ILE B 72 35.52 5.69 -10.60
N LEU B 73 35.84 5.39 -11.85
CA LEU B 73 35.56 6.25 -13.00
C LEU B 73 34.04 6.20 -13.32
N VAL B 74 33.45 7.36 -13.55
CA VAL B 74 32.04 7.46 -13.86
C VAL B 74 31.88 7.89 -15.32
N LEU B 75 31.18 7.03 -16.06
CA LEU B 75 30.90 7.21 -17.48
C LEU B 75 29.40 7.43 -17.68
N SER B 76 29.05 7.97 -18.86
CA SER B 76 27.65 8.14 -19.28
C SER B 76 27.57 8.00 -20.80
N GLU B 77 27.81 6.76 -21.24
CA GLU B 77 27.80 6.43 -22.65
C GLU B 77 26.76 5.34 -22.92
N ARG B 78 25.70 5.69 -23.64
CA ARG B 78 24.61 4.75 -23.94
C ARG B 78 24.97 3.72 -25.02
N ASP B 79 25.90 4.07 -25.92
CA ASP B 79 26.24 3.25 -27.07
C ASP B 79 27.35 2.28 -26.67
N ILE B 80 27.00 0.99 -26.65
CA ILE B 80 27.89 -0.05 -26.18
C ILE B 80 29.13 -0.12 -27.05
N ASN B 81 29.05 0.25 -28.32
CA ASN B 81 30.22 0.16 -29.19
C ASN B 81 31.22 1.28 -28.88
N LYS B 82 30.77 2.38 -28.26
CA LYS B 82 31.67 3.47 -27.92
C LYS B 82 32.23 3.31 -26.50
N LEU B 83 31.46 2.68 -25.60
CA LEU B 83 31.82 2.49 -24.21
C LEU B 83 33.14 1.72 -24.09
N ASP B 84 34.10 2.30 -23.36
CA ASP B 84 35.45 1.75 -23.30
C ASP B 84 35.85 1.46 -21.85
N PHE B 85 35.33 0.36 -21.30
CA PHE B 85 35.71 -0.02 -19.95
C PHE B 85 37.17 -0.45 -19.85
N SER B 86 37.79 -0.83 -20.97
N SER B 86 37.79 -0.84 -20.98
CA SER B 86 39.19 -1.19 -20.97
CA SER B 86 39.19 -1.20 -21.01
C SER B 86 40.05 0.00 -20.57
C SER B 86 40.07 -0.01 -20.63
N ALA B 87 39.58 1.23 -20.80
CA ALA B 87 40.38 2.40 -20.43
C ALA B 87 40.57 2.49 -18.92
N ALA B 88 39.66 1.87 -18.14
CA ALA B 88 39.73 1.77 -16.68
C ALA B 88 40.32 0.42 -16.24
N ASN B 89 40.82 -0.35 -17.21
CA ASN B 89 41.38 -1.67 -16.96
C ASN B 89 40.35 -2.59 -16.30
N ALA B 90 39.08 -2.47 -16.68
CA ALA B 90 38.11 -3.44 -16.19
C ALA B 90 38.35 -4.85 -16.74
N GLU B 91 38.21 -5.83 -15.87
CA GLU B 91 38.30 -7.25 -16.24
C GLU B 91 36.94 -7.90 -16.39
N ILE B 92 36.03 -7.61 -15.43
CA ILE B 92 34.71 -8.23 -15.42
C ILE B 92 33.64 -7.14 -15.51
N ILE B 93 32.71 -7.29 -16.46
CA ILE B 93 31.62 -6.34 -16.61
C ILE B 93 30.38 -6.98 -15.98
N ILE B 94 29.74 -6.24 -15.08
CA ILE B 94 28.44 -6.63 -14.53
C ILE B 94 27.41 -5.84 -15.33
N GLU B 95 26.71 -6.55 -16.22
CA GLU B 95 25.82 -5.94 -17.20
C GLU B 95 24.40 -5.88 -16.63
N CYS B 96 24.01 -4.65 -16.24
CA CYS B 96 22.81 -4.40 -15.44
C CYS B 96 21.84 -3.40 -16.08
N THR B 97 21.91 -3.20 -17.41
CA THR B 97 21.08 -2.19 -18.07
C THR B 97 19.73 -2.75 -18.51
N GLY B 98 19.67 -4.08 -18.71
CA GLY B 98 18.53 -4.72 -19.34
C GLY B 98 18.41 -4.54 -20.86
N LYS B 99 19.37 -3.83 -21.50
CA LYS B 99 19.28 -3.51 -22.91
C LYS B 99 20.06 -4.50 -23.77
N PHE B 100 20.89 -5.35 -23.14
CA PHE B 100 21.74 -6.28 -23.88
C PHE B 100 21.66 -7.70 -23.32
N ASN B 101 20.45 -8.16 -23.00
CA ASN B 101 20.28 -9.46 -22.38
C ASN B 101 20.25 -10.57 -23.44
N SER B 102 21.34 -10.69 -24.18
CA SER B 102 21.55 -11.77 -25.12
C SER B 102 23.06 -11.98 -25.28
N LEU B 103 23.44 -13.17 -25.70
CA LEU B 103 24.83 -13.47 -25.92
C LEU B 103 25.41 -12.52 -26.95
N GLU B 104 24.72 -12.33 -28.09
CA GLU B 104 25.20 -11.48 -29.16
C GLU B 104 25.37 -10.03 -28.67
N ALA B 105 24.38 -9.53 -27.94
CA ALA B 105 24.35 -8.14 -27.58
C ALA B 105 25.46 -7.82 -26.56
N SER B 106 25.59 -8.67 -25.54
CA SER B 106 26.55 -8.44 -24.46
C SER B 106 27.96 -8.77 -24.92
N SER B 107 28.10 -9.56 -26.00
CA SER B 107 29.47 -9.87 -26.47
C SER B 107 30.17 -8.61 -26.98
N ALA B 108 29.41 -7.55 -27.26
CA ALA B 108 29.99 -6.27 -27.68
C ALA B 108 30.88 -5.66 -26.61
N HIS B 109 30.72 -6.11 -25.36
CA HIS B 109 31.57 -5.64 -24.27
C HIS B 109 32.99 -6.19 -24.36
N LEU B 110 33.23 -7.27 -25.15
CA LEU B 110 34.45 -8.07 -25.11
C LEU B 110 35.53 -7.41 -25.95
N LYS B 111 36.01 -6.28 -25.44
CA LYS B 111 36.97 -5.43 -26.13
C LYS B 111 38.24 -5.27 -25.29
N ASN B 112 39.38 -5.31 -26.00
CA ASN B 112 40.69 -5.06 -25.41
C ASN B 112 40.90 -5.88 -24.13
N SER B 113 41.08 -5.23 -22.98
N SER B 113 41.05 -5.17 -22.98
CA SER B 113 41.48 -5.92 -21.79
CA SER B 113 41.38 -5.67 -21.66
C SER B 113 40.29 -6.56 -21.04
C SER B 113 40.28 -6.58 -21.07
N VAL B 114 39.04 -6.34 -21.48
CA VAL B 114 37.89 -6.96 -20.85
C VAL B 114 37.93 -8.48 -21.02
N LYS B 115 37.78 -9.20 -19.90
CA LYS B 115 37.87 -10.67 -19.88
C LYS B 115 36.51 -11.37 -19.86
N LYS B 116 35.52 -10.81 -19.13
CA LYS B 116 34.28 -11.56 -18.93
C LYS B 116 33.11 -10.60 -18.75
N VAL B 117 31.89 -11.12 -19.03
CA VAL B 117 30.68 -10.39 -18.78
C VAL B 117 29.75 -11.31 -17.99
N ILE B 118 29.13 -10.75 -16.92
CA ILE B 118 28.04 -11.40 -16.23
C ILE B 118 26.82 -10.52 -16.41
N ILE B 119 25.78 -11.09 -17.02
CA ILE B 119 24.50 -10.40 -17.21
C ILE B 119 23.61 -10.65 -16.00
N SER B 120 23.04 -9.57 -15.44
CA SER B 120 22.26 -9.62 -14.21
C SER B 120 20.78 -9.85 -14.55
N ALA B 121 20.54 -10.76 -15.48
CA ALA B 121 19.19 -11.13 -15.92
C ALA B 121 19.30 -12.41 -16.73
N PRO B 122 18.19 -13.15 -16.90
CA PRO B 122 18.14 -14.19 -17.93
C PRO B 122 18.53 -13.56 -19.27
N ALA B 123 19.25 -14.33 -20.11
CA ALA B 123 19.69 -13.80 -21.38
C ALA B 123 19.63 -14.87 -22.46
N GLN B 124 19.15 -14.49 -23.64
N GLN B 124 19.19 -14.46 -23.65
CA GLN B 124 18.93 -15.41 -24.73
CA GLN B 124 19.01 -15.36 -24.78
C GLN B 124 20.27 -16.00 -25.17
C GLN B 124 20.33 -16.01 -25.18
N ASN B 125 20.28 -17.33 -25.37
N ASN B 125 20.28 -17.33 -25.41
CA ASN B 125 21.43 -18.06 -25.91
CA ASN B 125 21.42 -18.10 -25.91
C ASN B 125 22.67 -17.96 -25.03
C ASN B 125 22.67 -17.88 -25.06
N THR B 126 22.52 -17.63 -23.75
CA THR B 126 23.66 -17.36 -22.88
C THR B 126 23.80 -18.46 -21.84
N PRO B 127 25.01 -19.03 -21.61
CA PRO B 127 25.25 -19.97 -20.51
C PRO B 127 24.85 -19.36 -19.18
N THR B 128 23.98 -20.07 -18.44
CA THR B 128 23.40 -19.54 -17.22
C THR B 128 23.85 -20.33 -16.02
N PHE B 129 24.17 -19.59 -14.94
CA PHE B 129 24.71 -20.13 -13.70
C PHE B 129 24.00 -19.53 -12.49
N VAL B 130 23.76 -20.37 -11.49
CA VAL B 130 23.27 -19.94 -10.19
C VAL B 130 24.29 -20.43 -9.17
N TYR B 131 24.90 -19.49 -8.44
CA TYR B 131 25.89 -19.80 -7.42
C TYR B 131 25.31 -20.75 -6.37
N GLY B 132 26.01 -21.86 -6.17
CA GLY B 132 25.63 -22.92 -5.24
C GLY B 132 24.90 -24.06 -5.95
N VAL B 133 24.41 -23.81 -7.17
CA VAL B 133 23.64 -24.81 -7.90
C VAL B 133 24.48 -25.46 -9.00
N ASN B 134 24.97 -24.65 -9.95
CA ASN B 134 25.74 -25.19 -11.05
C ASN B 134 26.98 -24.37 -11.37
N HIS B 135 27.43 -23.47 -10.49
CA HIS B 135 28.57 -22.63 -10.85
C HIS B 135 29.83 -23.44 -11.03
N LYS B 136 29.94 -24.60 -10.40
CA LYS B 136 31.15 -25.40 -10.58
C LYS B 136 31.21 -26.03 -11.98
N ASN B 137 30.12 -25.97 -12.75
CA ASN B 137 30.13 -26.41 -14.14
C ASN B 137 30.69 -25.33 -15.07
N TYR B 138 30.97 -24.13 -14.53
CA TYR B 138 31.53 -23.05 -15.32
C TYR B 138 32.82 -23.55 -15.99
N HIS B 139 33.00 -23.23 -17.26
CA HIS B 139 34.15 -23.68 -18.03
C HIS B 139 34.68 -22.55 -18.92
N ASN B 140 34.99 -21.40 -18.31
N ASN B 140 35.03 -21.43 -18.26
CA ASN B 140 35.73 -20.32 -18.94
CA ASN B 140 35.68 -20.25 -18.81
C ASN B 140 34.89 -19.50 -19.92
C ASN B 140 34.89 -19.56 -19.91
N GLU B 141 33.56 -19.65 -19.90
CA GLU B 141 32.74 -18.92 -20.84
C GLU B 141 32.93 -17.42 -20.64
N SER B 142 33.00 -16.65 -21.72
CA SER B 142 33.29 -15.24 -21.61
C SER B 142 32.04 -14.41 -21.32
N VAL B 143 30.86 -14.94 -21.64
CA VAL B 143 29.62 -14.21 -21.36
C VAL B 143 28.63 -15.17 -20.70
N ILE B 144 28.16 -14.80 -19.50
CA ILE B 144 27.26 -15.65 -18.75
C ILE B 144 26.11 -14.82 -18.18
N SER B 145 25.08 -15.56 -17.80
CA SER B 145 23.90 -15.02 -17.15
C SER B 145 23.84 -15.53 -15.71
N ASN B 146 23.43 -14.66 -14.78
CA ASN B 146 23.23 -15.01 -13.39
C ASN B 146 21.75 -15.36 -13.15
N ALA B 147 20.97 -15.62 -14.20
CA ALA B 147 19.55 -15.99 -14.08
C ALA B 147 18.76 -14.87 -13.42
N SER B 148 17.66 -15.23 -12.72
CA SER B 148 16.76 -14.26 -12.09
C SER B 148 16.82 -14.40 -10.56
N CYS B 149 16.27 -13.42 -9.85
CA CYS B 149 16.20 -13.55 -8.42
C CYS B 149 15.30 -14.73 -8.02
N THR B 150 14.27 -14.99 -8.83
CA THR B 150 13.36 -16.11 -8.55
C THR B 150 14.10 -17.44 -8.62
N THR B 151 14.82 -17.64 -9.71
CA THR B 151 15.55 -18.88 -9.92
C THR B 151 16.65 -19.03 -8.87
N ASN B 152 17.26 -17.91 -8.47
CA ASN B 152 18.28 -17.96 -7.43
C ASN B 152 17.74 -18.45 -6.10
N ALA B 153 16.44 -18.21 -5.81
CA ALA B 153 15.84 -18.73 -4.59
C ALA B 153 15.38 -20.20 -4.75
N SER B 154 14.75 -20.54 -5.87
N SER B 154 14.74 -20.47 -5.88
CA SER B 154 14.12 -21.84 -6.00
CA SER B 154 14.09 -21.74 -6.17
C SER B 154 15.12 -22.93 -6.36
C SER B 154 15.12 -22.87 -6.34
N ALA B 155 16.11 -22.62 -7.20
CA ALA B 155 17.03 -23.67 -7.65
C ALA B 155 17.85 -24.28 -6.51
N PRO B 156 18.37 -23.50 -5.54
CA PRO B 156 19.08 -24.12 -4.42
C PRO B 156 18.18 -25.06 -3.63
N LEU B 157 16.94 -24.66 -3.43
CA LEU B 157 16.03 -25.50 -2.64
C LEU B 157 15.74 -26.78 -3.40
N LEU B 158 15.50 -26.68 -4.70
CA LEU B 158 15.26 -27.87 -5.50
C LEU B 158 16.46 -28.81 -5.45
N LYS B 159 17.68 -28.26 -5.56
CA LYS B 159 18.86 -29.12 -5.56
C LYS B 159 19.03 -29.83 -4.22
N ILE B 160 18.90 -29.10 -3.10
CA ILE B 160 19.01 -29.70 -1.78
C ILE B 160 17.99 -30.84 -1.65
N LEU B 161 16.74 -30.55 -1.99
CA LEU B 161 15.66 -31.52 -1.73
C LEU B 161 15.74 -32.70 -2.69
N ASP B 162 16.20 -32.44 -3.92
CA ASP B 162 16.40 -33.54 -4.86
C ASP B 162 17.50 -34.49 -4.38
N GLU B 163 18.63 -33.91 -3.98
CA GLU B 163 19.73 -34.72 -3.47
C GLU B 163 19.29 -35.56 -2.27
N ALA B 164 18.42 -35.04 -1.40
CA ALA B 164 18.04 -35.75 -0.20
C ALA B 164 16.97 -36.82 -0.46
N PHE B 165 15.99 -36.54 -1.32
CA PHE B 165 14.77 -37.36 -1.38
C PHE B 165 14.35 -37.74 -2.80
N LYS B 166 14.99 -37.11 -3.81
CA LYS B 166 14.77 -37.34 -5.23
C LYS B 166 13.44 -36.73 -5.67
N VAL B 167 13.48 -35.57 -6.32
CA VAL B 167 12.28 -34.96 -6.87
C VAL B 167 11.72 -35.80 -8.03
N GLU B 168 10.46 -36.19 -7.89
CA GLU B 168 9.69 -36.76 -8.99
C GLU B 168 9.04 -35.62 -9.77
N ASN B 169 8.39 -34.69 -9.05
CA ASN B 169 7.79 -33.51 -9.66
C ASN B 169 7.68 -32.41 -8.61
N ALA B 170 7.62 -31.15 -9.07
CA ALA B 170 7.37 -30.03 -8.16
C ALA B 170 6.61 -28.93 -8.87
N LEU B 171 5.84 -28.19 -8.06
CA LEU B 171 5.05 -27.05 -8.49
C LEU B 171 5.50 -25.87 -7.65
N LEU B 172 5.84 -24.76 -8.31
CA LEU B 172 6.41 -23.61 -7.61
C LEU B 172 5.53 -22.38 -7.82
N THR B 173 5.18 -21.72 -6.73
CA THR B 173 4.54 -20.41 -6.81
C THR B 173 5.47 -19.39 -6.19
N THR B 174 5.80 -18.36 -6.95
CA THR B 174 6.56 -17.24 -6.43
C THR B 174 5.59 -16.13 -6.07
N ILE B 175 5.65 -15.65 -4.83
N ILE B 175 5.65 -15.65 -4.83
CA ILE B 175 4.93 -14.47 -4.43
CA ILE B 175 4.91 -14.47 -4.43
C ILE B 175 5.91 -13.31 -4.53
C ILE B 175 5.88 -13.29 -4.52
N HIS B 176 5.72 -12.52 -5.59
CA HIS B 176 6.73 -11.56 -6.03
C HIS B 176 6.29 -10.17 -5.64
N SER B 177 7.13 -9.56 -4.80
CA SER B 177 6.89 -8.28 -4.19
C SER B 177 7.35 -7.20 -5.14
N TYR B 178 6.40 -6.40 -5.64
CA TYR B 178 6.68 -5.53 -6.76
C TYR B 178 6.66 -4.05 -6.34
N THR B 179 6.34 -3.77 -5.06
CA THR B 179 6.69 -2.53 -4.38
C THR B 179 5.64 -2.14 -3.36
N LYS B 190 1.76 -11.68 -25.80
CA LYS B 190 1.93 -10.60 -24.79
C LYS B 190 0.84 -10.75 -23.73
N ASP B 191 1.14 -10.25 -22.54
CA ASP B 191 0.36 -10.54 -21.37
C ASP B 191 -0.54 -9.35 -21.06
N ILE B 192 -1.85 -9.51 -21.32
CA ILE B 192 -2.80 -8.41 -21.14
C ILE B 192 -2.81 -7.90 -19.70
N ARG B 193 -2.47 -8.77 -18.74
CA ARG B 193 -2.49 -8.36 -17.34
C ARG B 193 -1.47 -7.25 -17.10
N ARG B 194 -0.41 -7.19 -17.93
CA ARG B 194 0.61 -6.13 -17.82
C ARG B 194 0.12 -4.79 -18.35
N ALA B 195 -0.98 -4.79 -19.11
CA ALA B 195 -1.55 -3.54 -19.63
C ALA B 195 -2.30 -2.78 -18.54
N ARG B 196 -2.58 -3.46 -17.43
CA ARG B 196 -3.23 -2.85 -16.29
C ARG B 196 -2.09 -2.32 -15.44
N ALA B 197 -2.10 -1.02 -15.12
CA ALA B 197 -1.22 -0.54 -14.07
C ALA B 197 -1.37 -1.51 -12.89
N ALA B 198 -0.22 -1.94 -12.37
CA ALA B 198 -0.18 -2.94 -11.32
C ALA B 198 -1.17 -2.48 -10.28
N GLY B 199 -0.98 -1.26 -9.74
CA GLY B 199 -1.91 -0.68 -8.79
C GLY B 199 -1.77 -1.39 -7.44
N LEU B 200 -2.89 -1.83 -6.87
CA LEU B 200 -2.89 -2.61 -5.66
C LEU B 200 -3.22 -4.07 -5.96
N ASN B 201 -3.16 -4.48 -7.23
CA ASN B 201 -3.69 -5.76 -7.66
C ASN B 201 -2.74 -6.93 -7.35
N LEU B 202 -3.32 -8.10 -7.08
CA LEU B 202 -2.61 -9.36 -7.17
C LEU B 202 -2.66 -9.73 -8.63
N ILE B 203 -1.51 -10.13 -9.21
CA ILE B 203 -1.43 -10.34 -10.65
C ILE B 203 -0.70 -11.66 -10.94
N PRO B 204 -1.43 -12.70 -11.37
CA PRO B 204 -0.79 -13.95 -11.78
C PRO B 204 -0.04 -13.79 -13.09
N THR B 205 1.13 -14.41 -13.20
CA THR B 205 1.92 -14.29 -14.41
C THR B 205 2.65 -15.60 -14.65
N SER B 206 2.65 -16.03 -15.91
CA SER B 206 3.44 -17.17 -16.36
C SER B 206 4.89 -16.69 -16.42
N THR B 207 5.84 -17.53 -15.99
CA THR B 207 7.20 -17.07 -15.78
C THR B 207 8.23 -18.04 -16.34
N GLY B 208 7.77 -19.03 -17.12
CA GLY B 208 8.67 -19.98 -17.75
C GLY B 208 9.62 -20.65 -16.77
N VAL B 209 9.07 -21.08 -15.65
CA VAL B 209 9.78 -21.73 -14.56
C VAL B 209 10.51 -23.00 -15.04
N SER B 210 9.81 -23.85 -15.78
CA SER B 210 10.42 -25.10 -16.23
C SER B 210 11.72 -24.84 -17.01
N LYS B 211 11.64 -23.97 -17.99
CA LYS B 211 12.79 -23.65 -18.83
C LYS B 211 13.90 -23.01 -18.01
N ALA B 212 13.53 -22.10 -17.10
CA ALA B 212 14.51 -21.43 -16.26
C ALA B 212 15.27 -22.44 -15.41
N ILE B 213 14.54 -23.38 -14.80
CA ILE B 213 15.17 -24.40 -13.97
C ILE B 213 16.05 -25.32 -14.84
N SER B 214 15.57 -25.67 -16.05
CA SER B 214 16.32 -26.50 -16.98
C SER B 214 17.71 -25.95 -17.23
N LEU B 215 17.87 -24.63 -17.20
CA LEU B 215 19.18 -24.07 -17.55
C LEU B 215 20.25 -24.43 -16.51
N VAL B 216 19.86 -24.54 -15.22
CA VAL B 216 20.82 -24.73 -14.13
C VAL B 216 20.75 -26.12 -13.50
N LEU B 217 19.61 -26.82 -13.65
CA LEU B 217 19.38 -28.17 -13.17
C LEU B 217 18.68 -28.93 -14.29
N PRO B 218 19.41 -29.29 -15.36
CA PRO B 218 18.75 -29.85 -16.56
C PRO B 218 17.92 -31.10 -16.31
N HIS B 219 18.32 -31.88 -15.31
CA HIS B 219 17.63 -33.11 -14.96
C HIS B 219 16.30 -32.84 -14.26
N LEU B 220 16.11 -31.63 -13.69
CA LEU B 220 14.93 -31.31 -12.92
C LEU B 220 13.97 -30.44 -13.69
N GLY B 221 14.49 -29.64 -14.61
CA GLY B 221 13.62 -28.70 -15.31
C GLY B 221 12.37 -29.37 -15.86
N PRO B 222 12.50 -30.53 -16.55
CA PRO B 222 11.34 -31.23 -17.11
C PRO B 222 10.30 -31.71 -16.09
N LYS B 223 10.69 -31.73 -14.81
CA LYS B 223 9.84 -32.27 -13.76
C LYS B 223 9.18 -31.16 -12.94
N VAL B 224 9.44 -29.90 -13.26
CA VAL B 224 8.95 -28.80 -12.43
C VAL B 224 8.24 -27.78 -13.32
N THR B 225 7.23 -27.13 -12.75
CA THR B 225 6.65 -25.95 -13.38
C THR B 225 6.07 -25.08 -12.28
N GLY B 226 5.51 -23.93 -12.67
CA GLY B 226 5.00 -23.00 -11.71
C GLY B 226 4.63 -21.67 -12.33
N LEU B 227 4.41 -20.71 -11.45
CA LEU B 227 3.96 -19.39 -11.85
C LEU B 227 4.34 -18.38 -10.78
N ALA B 228 4.04 -17.10 -11.01
CA ALA B 228 4.23 -16.06 -10.01
C ALA B 228 2.90 -15.34 -9.79
N ILE B 229 2.75 -14.86 -8.56
CA ILE B 229 1.70 -13.93 -8.21
C ILE B 229 2.38 -12.65 -7.73
N ARG B 230 2.19 -11.58 -8.51
CA ARG B 230 2.74 -10.27 -8.18
C ARG B 230 1.87 -9.65 -7.09
N VAL B 231 2.50 -9.23 -5.99
CA VAL B 231 1.82 -8.63 -4.84
C VAL B 231 2.49 -7.29 -4.55
N PRO B 232 1.69 -6.26 -4.19
CA PRO B 232 2.22 -4.92 -3.94
C PRO B 232 2.84 -4.70 -2.57
N THR B 233 3.86 -5.51 -2.23
CA THR B 233 4.69 -5.28 -1.06
C THR B 233 6.12 -5.03 -1.54
N PRO B 234 7.00 -4.45 -0.68
CA PRO B 234 8.35 -4.07 -1.11
C PRO B 234 9.39 -5.16 -0.87
N ASN B 235 10.10 -5.50 -1.94
CA ASN B 235 11.38 -6.18 -1.91
C ASN B 235 11.38 -7.63 -1.46
N VAL B 236 10.64 -7.97 -0.40
CA VAL B 236 10.84 -9.30 0.16
C VAL B 236 9.76 -10.21 -0.39
N SER B 237 10.24 -11.20 -1.14
CA SER B 237 9.42 -12.16 -1.87
C SER B 237 9.46 -13.50 -1.15
N LEU B 238 8.59 -14.42 -1.61
CA LEU B 238 8.49 -15.74 -1.05
C LEU B 238 8.37 -16.74 -2.18
N VAL B 239 9.07 -17.85 -2.07
CA VAL B 239 8.82 -18.96 -2.96
C VAL B 239 8.12 -20.07 -2.16
N ASP B 240 7.17 -20.72 -2.82
CA ASP B 240 6.30 -21.74 -2.24
C ASP B 240 6.40 -22.97 -3.13
N LEU B 241 7.15 -23.99 -2.66
CA LEU B 241 7.37 -25.22 -3.41
C LEU B 241 6.48 -26.33 -2.85
N SER B 242 5.75 -26.98 -3.74
CA SER B 242 4.98 -28.18 -3.45
C SER B 242 5.65 -29.33 -4.20
N LEU B 243 6.24 -30.27 -3.47
CA LEU B 243 7.08 -31.28 -4.09
C LEU B 243 6.54 -32.69 -3.85
N ASN B 244 6.73 -33.56 -4.84
CA ASN B 244 6.48 -34.98 -4.75
C ASN B 244 7.82 -35.70 -4.93
N PHE B 245 8.22 -36.54 -3.95
CA PHE B 245 9.52 -37.19 -3.92
C PHE B 245 9.38 -38.70 -4.13
N LYS B 246 10.49 -39.32 -4.52
CA LYS B 246 10.58 -40.77 -4.59
C LYS B 246 10.68 -41.35 -3.18
N LYS B 247 11.54 -40.76 -2.36
CA LYS B 247 11.74 -41.21 -0.99
C LYS B 247 10.69 -40.62 -0.06
N SER B 248 10.31 -41.39 0.95
CA SER B 248 9.36 -40.93 1.95
C SER B 248 9.99 -39.82 2.80
N VAL B 249 9.17 -38.85 3.18
CA VAL B 249 9.60 -37.69 3.93
C VAL B 249 8.67 -37.46 5.12
N SER B 250 9.20 -36.74 6.11
CA SER B 250 8.47 -36.22 7.26
C SER B 250 8.81 -34.76 7.45
N LYS B 251 8.02 -34.03 8.25
CA LYS B 251 8.38 -32.65 8.50
C LYS B 251 9.82 -32.58 9.02
N ALA B 252 10.12 -33.44 9.99
CA ALA B 252 11.43 -33.43 10.64
C ALA B 252 12.55 -33.77 9.65
N SER B 253 12.34 -34.70 8.73
CA SER B 253 13.38 -35.10 7.78
C SER B 253 13.66 -33.99 6.77
N VAL B 254 12.59 -33.29 6.36
CA VAL B 254 12.75 -32.17 5.44
C VAL B 254 13.49 -31.02 6.15
N GLN B 255 13.09 -30.73 7.38
CA GLN B 255 13.75 -29.72 8.20
C GLN B 255 15.25 -30.03 8.28
N HIS B 256 15.58 -31.30 8.55
CA HIS B 256 16.97 -31.69 8.76
C HIS B 256 17.77 -31.54 7.47
N ALA B 257 17.19 -31.99 6.35
CA ALA B 257 17.89 -31.88 5.08
C ALA B 257 18.24 -30.43 4.77
N LEU B 258 17.27 -29.52 4.98
CA LEU B 258 17.52 -28.10 4.68
C LEU B 258 18.56 -27.50 5.63
N LYS B 259 18.43 -27.80 6.92
CA LYS B 259 19.32 -27.27 7.94
C LYS B 259 20.75 -27.74 7.65
N ASP B 260 20.90 -29.01 7.29
CA ASP B 260 22.21 -29.60 7.04
C ASP B 260 22.87 -28.92 5.84
N ALA B 261 22.11 -28.68 4.79
CA ALA B 261 22.66 -28.05 3.60
C ALA B 261 23.15 -26.64 3.93
N CYS B 262 22.47 -25.92 4.83
CA CYS B 262 22.85 -24.54 5.16
C CYS B 262 24.18 -24.48 5.92
N LYS B 263 24.50 -25.58 6.61
CA LYS B 263 25.77 -25.70 7.32
C LYS B 263 26.91 -26.08 6.39
N HIS B 264 26.58 -26.71 5.24
CA HIS B 264 27.58 -27.36 4.40
C HIS B 264 27.58 -26.77 2.98
N ALA B 265 27.01 -27.49 2.01
CA ALA B 265 27.17 -27.16 0.61
C ALA B 265 26.53 -25.82 0.25
N PHE B 266 25.57 -25.34 1.04
CA PHE B 266 24.90 -24.07 0.74
C PHE B 266 25.13 -23.02 1.81
N LYS B 267 26.19 -23.20 2.60
CA LYS B 267 26.61 -22.19 3.57
C LYS B 267 26.79 -20.85 2.86
N GLY B 268 26.15 -19.79 3.40
CA GLY B 268 26.19 -18.46 2.83
C GLY B 268 25.21 -18.23 1.68
N VAL B 269 24.46 -19.28 1.27
CA VAL B 269 23.58 -19.17 0.13
C VAL B 269 22.14 -19.38 0.57
N VAL B 270 21.90 -20.48 1.31
CA VAL B 270 20.60 -20.74 1.93
C VAL B 270 20.76 -20.63 3.45
N SER B 271 19.74 -20.06 4.10
N SER B 271 19.73 -20.08 4.09
CA SER B 271 19.68 -20.04 5.55
CA SER B 271 19.67 -19.99 5.54
C SER B 271 18.29 -20.50 6.00
C SER B 271 18.28 -20.47 6.00
N ILE B 272 18.13 -20.64 7.31
CA ILE B 272 16.89 -21.12 7.93
C ILE B 272 16.43 -20.07 8.93
N ASP B 273 15.12 -19.79 8.93
CA ASP B 273 14.55 -18.94 9.97
C ASP B 273 13.81 -19.81 10.98
N GLU B 274 14.33 -19.84 12.20
CA GLU B 274 13.71 -20.58 13.29
C GLU B 274 13.09 -19.63 14.32
N GLU B 275 13.02 -18.33 13.99
CA GLU B 275 12.54 -17.33 14.93
C GLU B 275 11.14 -16.83 14.60
N ARG B 276 10.48 -17.43 13.61
N ARG B 276 10.47 -17.45 13.63
CA ARG B 276 9.11 -17.08 13.24
CA ARG B 276 9.11 -17.08 13.25
C ARG B 276 8.97 -15.59 12.88
C ARG B 276 8.99 -15.59 12.90
N LEU B 277 9.83 -15.13 11.98
CA LEU B 277 9.85 -13.75 11.55
C LEU B 277 8.90 -13.54 10.37
N VAL B 278 8.72 -12.27 10.03
CA VAL B 278 7.85 -11.86 8.94
C VAL B 278 8.68 -11.19 7.85
N SER B 279 8.04 -10.88 6.72
CA SER B 279 8.75 -10.53 5.50
C SER B 279 9.73 -9.38 5.72
N SER B 280 9.30 -8.33 6.43
CA SER B 280 10.10 -7.12 6.51
C SER B 280 11.41 -7.39 7.26
N ASP B 281 11.44 -8.43 8.10
CA ASP B 281 12.62 -8.81 8.85
C ASP B 281 13.77 -9.28 7.95
N PHE B 282 13.48 -9.57 6.69
CA PHE B 282 14.52 -10.06 5.79
C PHE B 282 14.92 -9.02 4.76
N ILE B 283 14.52 -7.77 4.94
CA ILE B 283 14.95 -6.73 4.01
C ILE B 283 16.48 -6.67 4.09
N SER B 284 17.14 -6.65 2.93
CA SER B 284 18.58 -6.59 2.80
C SER B 284 19.29 -7.91 3.15
N SER B 285 18.57 -9.02 3.32
CA SER B 285 19.23 -10.29 3.60
C SER B 285 20.17 -10.64 2.44
N PRO B 286 21.39 -11.17 2.72
CA PRO B 286 22.29 -11.62 1.65
C PRO B 286 22.05 -13.02 1.11
N PHE B 287 21.07 -13.74 1.68
CA PHE B 287 20.82 -15.11 1.30
C PHE B 287 19.98 -15.19 0.03
N SER B 288 20.25 -16.22 -0.79
CA SER B 288 19.41 -16.53 -1.93
C SER B 288 18.00 -16.95 -1.48
N ALA B 289 17.94 -17.61 -0.33
CA ALA B 289 16.67 -18.11 0.22
C ALA B 289 16.80 -18.33 1.71
N ILE B 290 15.76 -17.94 2.46
CA ILE B 290 15.67 -18.19 3.88
C ILE B 290 14.44 -19.06 4.14
N VAL B 291 14.68 -20.31 4.51
CA VAL B 291 13.63 -21.31 4.69
C VAL B 291 12.78 -20.95 5.92
N ILE B 292 11.47 -21.08 5.75
CA ILE B 292 10.55 -20.83 6.86
C ILE B 292 10.32 -22.14 7.62
N ASP B 293 11.15 -22.37 8.62
CA ASP B 293 11.29 -23.70 9.19
C ASP B 293 9.99 -24.19 9.81
N ASP B 294 9.27 -23.31 10.50
CA ASP B 294 8.09 -23.73 11.24
C ASP B 294 6.91 -24.10 10.32
N GLN B 295 6.96 -23.64 9.08
CA GLN B 295 5.88 -23.84 8.11
C GLN B 295 6.17 -24.98 7.14
N ILE B 296 7.27 -25.71 7.33
CA ILE B 296 7.49 -26.91 6.54
C ILE B 296 6.40 -27.92 6.89
N MET B 297 5.81 -28.54 5.87
CA MET B 297 4.79 -29.54 6.11
C MET B 297 4.88 -30.67 5.09
N THR B 298 4.38 -31.84 5.48
CA THR B 298 4.26 -32.96 4.57
C THR B 298 2.82 -33.45 4.59
N ILE B 299 2.45 -34.19 3.56
CA ILE B 299 1.17 -34.86 3.51
C ILE B 299 1.35 -36.13 2.68
N GLY B 300 0.77 -37.22 3.16
CA GLY B 300 1.05 -38.54 2.59
C GLY B 300 2.50 -38.90 2.89
N GLU B 301 3.04 -39.89 2.19
CA GLU B 301 4.40 -40.30 2.52
C GLU B 301 5.41 -39.45 1.75
N LYS B 302 5.00 -38.85 0.62
CA LYS B 302 5.96 -38.41 -0.37
C LYS B 302 5.87 -36.92 -0.69
N ASN B 303 4.97 -36.14 -0.07
CA ASN B 303 4.77 -34.76 -0.51
C ASN B 303 5.13 -33.79 0.59
N ALA B 304 5.69 -32.65 0.18
CA ALA B 304 6.06 -31.60 1.11
C ALA B 304 5.82 -30.24 0.49
N LYS B 305 5.57 -29.27 1.38
CA LYS B 305 5.57 -27.87 1.04
C LYS B 305 6.66 -27.19 1.85
N VAL B 306 7.44 -26.39 1.12
CA VAL B 306 8.54 -25.64 1.68
C VAL B 306 8.43 -24.20 1.16
N LEU B 307 8.54 -23.25 2.08
CA LEU B 307 8.49 -21.83 1.77
C LEU B 307 9.83 -21.21 2.12
N ALA B 308 10.21 -20.17 1.38
CA ALA B 308 11.44 -19.44 1.66
C ALA B 308 11.33 -17.99 1.21
N TRP B 309 11.87 -17.12 2.07
CA TRP B 309 11.98 -15.69 1.83
C TRP B 309 13.18 -15.40 0.96
N TYR B 310 13.11 -14.26 0.28
CA TYR B 310 14.30 -13.63 -0.26
C TYR B 310 14.07 -12.16 -0.52
N ASP B 311 15.12 -11.33 -0.31
CA ASP B 311 15.10 -9.98 -0.82
C ASP B 311 15.32 -10.04 -2.33
N ASN B 312 14.39 -9.43 -3.08
CA ASN B 312 14.36 -9.38 -4.53
C ASN B 312 15.65 -8.87 -5.13
N GLU B 313 16.32 -7.99 -4.39
CA GLU B 313 17.54 -7.37 -4.92
C GLU B 313 18.80 -7.93 -4.26
N MET B 314 18.81 -7.98 -2.92
N MET B 314 18.78 -8.05 -2.92
CA MET B 314 20.07 -8.14 -2.20
CA MET B 314 20.05 -8.13 -2.21
C MET B 314 20.63 -9.56 -2.37
C MET B 314 20.64 -9.55 -2.23
N GLY B 315 19.79 -10.59 -2.20
CA GLY B 315 20.29 -11.96 -2.35
C GLY B 315 20.96 -12.15 -3.71
N TYR B 316 20.22 -11.74 -4.73
CA TYR B 316 20.70 -11.82 -6.10
C TYR B 316 22.00 -11.04 -6.30
N SER B 317 22.07 -9.81 -5.76
CA SER B 317 23.27 -8.97 -5.95
C SER B 317 24.48 -9.59 -5.26
N GLU B 318 24.28 -10.15 -4.07
CA GLU B 318 25.35 -10.85 -3.38
C GLU B 318 25.86 -12.02 -4.25
N ARG B 319 24.93 -12.75 -4.89
CA ARG B 319 25.32 -13.87 -5.73
C ARG B 319 26.00 -13.37 -7.00
N LEU B 320 25.55 -12.23 -7.52
CA LEU B 320 26.17 -11.70 -8.72
C LEU B 320 27.65 -11.44 -8.47
N ILE B 321 28.00 -10.84 -7.32
CA ILE B 321 29.40 -10.54 -7.02
C ILE B 321 30.16 -11.82 -6.61
N ASP B 322 29.48 -12.76 -5.95
CA ASP B 322 30.05 -14.07 -5.69
C ASP B 322 30.48 -14.71 -7.01
N MET B 323 29.62 -14.60 -8.04
N MET B 323 29.63 -14.61 -8.03
CA MET B 323 29.89 -15.21 -9.33
CA MET B 323 29.94 -15.23 -9.31
C MET B 323 31.07 -14.49 -9.99
C MET B 323 31.12 -14.49 -9.95
N ALA B 324 31.15 -13.16 -9.83
CA ALA B 324 32.25 -12.39 -10.36
C ALA B 324 33.58 -12.87 -9.81
N GLN B 325 33.62 -13.03 -8.49
CA GLN B 325 34.80 -13.49 -7.79
C GLN B 325 35.16 -14.91 -8.26
N TYR B 326 34.15 -15.77 -8.39
CA TYR B 326 34.37 -17.16 -8.81
C TYR B 326 34.94 -17.25 -10.22
N ILE B 327 34.33 -16.57 -11.20
CA ILE B 327 34.76 -16.76 -12.58
C ILE B 327 36.10 -16.06 -12.82
N ALA B 328 36.48 -15.10 -11.97
CA ALA B 328 37.75 -14.40 -12.14
C ALA B 328 38.92 -15.34 -11.90
N GLN B 329 38.66 -16.37 -11.10
CA GLN B 329 39.63 -17.36 -10.68
C GLN B 329 39.59 -18.52 -11.68
N PRO C 2 23.01 6.36 37.73
CA PRO C 2 21.98 6.59 36.72
C PRO C 2 20.61 6.91 37.30
N ILE C 3 19.81 7.57 36.46
CA ILE C 3 18.44 7.89 36.79
C ILE C 3 17.68 6.60 36.52
N ARG C 4 16.93 6.15 37.54
CA ARG C 4 16.22 4.88 37.49
C ARG C 4 14.80 5.12 37.01
N ILE C 5 14.45 4.52 35.88
CA ILE C 5 13.13 4.72 35.28
C ILE C 5 12.47 3.37 35.09
N ALA C 6 11.13 3.42 35.05
CA ALA C 6 10.33 2.26 34.70
C ALA C 6 9.42 2.66 33.55
N ILE C 7 9.15 1.69 32.68
CA ILE C 7 8.30 1.89 31.53
C ILE C 7 7.05 1.08 31.74
N ASN C 8 5.89 1.74 31.73
CA ASN C 8 4.62 1.08 31.84
C ASN C 8 3.98 1.01 30.45
N GLY C 9 3.85 -0.20 29.92
CA GLY C 9 3.25 -0.43 28.61
C GLY C 9 4.29 -0.70 27.53
N THR C 10 4.03 -1.75 26.73
CA THR C 10 4.94 -2.10 25.65
C THR C 10 4.21 -2.16 24.31
N GLY C 11 3.29 -1.21 24.09
CA GLY C 11 2.86 -0.86 22.75
C GLY C 11 4.00 -0.17 22.00
N ARG C 12 3.70 0.41 20.85
CA ARG C 12 4.69 1.05 20.00
C ARG C 12 5.53 2.08 20.75
N ILE C 13 4.92 2.96 21.53
CA ILE C 13 5.68 4.01 22.20
C ILE C 13 6.56 3.42 23.31
N GLY C 14 5.99 2.52 24.12
CA GLY C 14 6.73 1.85 25.17
C GLY C 14 7.96 1.15 24.62
N LEU C 15 7.81 0.43 23.49
CA LEU C 15 8.91 -0.31 22.90
C LEU C 15 10.01 0.64 22.45
N CYS C 16 9.62 1.77 21.83
N CYS C 16 9.61 1.77 21.84
CA CYS C 16 10.56 2.74 21.33
CA CYS C 16 10.58 2.72 21.34
C CYS C 16 11.27 3.41 22.51
C CYS C 16 11.27 3.41 22.51
N ALA C 17 10.50 3.73 23.57
CA ALA C 17 11.09 4.31 24.77
C ALA C 17 12.14 3.37 25.39
N ILE C 18 11.86 2.06 25.39
CA ILE C 18 12.80 1.08 25.91
C ILE C 18 14.09 1.13 25.08
N ARG C 19 13.94 1.12 23.76
CA ARG C 19 15.11 1.12 22.88
C ARG C 19 15.91 2.39 23.10
N VAL C 20 15.24 3.54 23.17
CA VAL C 20 15.92 4.82 23.35
C VAL C 20 16.64 4.86 24.69
N ALA C 21 15.91 4.54 25.78
CA ALA C 21 16.43 4.64 27.13
C ALA C 21 17.63 3.72 27.29
N SER C 22 17.58 2.55 26.61
CA SER C 22 18.62 1.56 26.77
C SER C 22 19.98 2.09 26.28
N GLN C 23 19.97 3.14 25.46
CA GLN C 23 21.21 3.59 24.85
C GLN C 23 21.75 4.82 25.57
N ARG C 24 21.08 5.27 26.63
CA ARG C 24 21.51 6.44 27.39
C ARG C 24 22.28 6.03 28.66
N LYS C 25 23.56 6.38 28.71
CA LYS C 25 24.47 5.95 29.76
C LYS C 25 24.01 6.34 31.16
N ASP C 26 23.40 7.54 31.31
N ASP C 26 23.35 7.51 31.25
CA ASP C 26 23.01 7.97 32.65
CA ASP C 26 22.97 8.09 32.52
C ASP C 26 21.53 7.66 32.89
C ASP C 26 21.55 7.65 32.89
N ILE C 27 20.98 6.67 32.16
CA ILE C 27 19.67 6.11 32.48
C ILE C 27 19.83 4.63 32.82
N GLU C 28 19.02 4.16 33.76
CA GLU C 28 18.89 2.75 34.05
C GLU C 28 17.40 2.43 34.04
N ILE C 29 16.99 1.58 33.09
CA ILE C 29 15.66 1.01 33.10
C ILE C 29 15.66 -0.07 34.16
N VAL C 30 14.86 0.12 35.23
CA VAL C 30 14.86 -0.84 36.33
C VAL C 30 13.69 -1.80 36.22
N ALA C 31 12.63 -1.40 35.50
CA ALA C 31 11.48 -2.28 35.33
C ALA C 31 10.68 -1.91 34.10
N ILE C 32 10.04 -2.94 33.51
CA ILE C 32 9.08 -2.81 32.43
C ILE C 32 7.84 -3.59 32.83
N ASN C 33 6.65 -2.97 32.76
CA ASN C 33 5.40 -3.68 32.95
C ASN C 33 4.74 -3.83 31.58
N SER C 34 4.41 -5.07 31.20
CA SER C 34 3.94 -5.40 29.88
C SER C 34 2.77 -6.35 30.01
N THR C 35 1.79 -6.26 29.11
CA THR C 35 0.74 -7.26 29.03
C THR C 35 1.24 -8.49 28.27
N ALA C 36 2.40 -8.40 27.63
CA ALA C 36 2.92 -9.54 26.88
C ALA C 36 3.69 -10.48 27.81
N GLU C 37 3.70 -11.77 27.43
CA GLU C 37 4.55 -12.75 28.08
C GLU C 37 6.00 -12.37 27.84
N LEU C 38 6.89 -12.78 28.75
CA LEU C 38 8.30 -12.43 28.71
C LEU C 38 8.92 -12.65 27.32
N GLU C 39 8.68 -13.83 26.75
CA GLU C 39 9.35 -14.25 25.53
C GLU C 39 8.82 -13.44 24.35
N THR C 40 7.54 -13.08 24.39
CA THR C 40 6.93 -12.24 23.37
C THR C 40 7.52 -10.84 23.43
N LEU C 41 7.64 -10.32 24.65
CA LEU C 41 8.20 -8.99 24.87
C LEU C 41 9.60 -8.93 24.25
N LEU C 42 10.42 -9.93 24.56
CA LEU C 42 11.77 -10.00 24.04
C LEU C 42 11.76 -9.97 22.52
N HIS C 43 10.87 -10.75 21.91
CA HIS C 43 10.75 -10.79 20.46
C HIS C 43 10.41 -9.40 19.90
N LEU C 44 9.46 -8.69 20.55
CA LEU C 44 9.02 -7.40 20.07
C LEU C 44 10.10 -6.33 20.21
N ILE C 45 10.93 -6.42 21.26
CA ILE C 45 12.06 -5.53 21.43
C ILE C 45 13.10 -5.80 20.35
N ARG C 46 13.37 -7.09 20.09
CA ARG C 46 14.39 -7.47 19.11
C ARG C 46 14.05 -7.17 17.65
N HIS C 47 12.80 -7.39 17.24
CA HIS C 47 12.42 -7.35 15.85
C HIS C 47 11.27 -6.37 15.61
N ASP C 48 11.52 -5.39 14.78
CA ASP C 48 10.57 -4.32 14.53
C ASP C 48 10.42 -4.14 13.03
N SER C 49 9.16 -4.15 12.53
CA SER C 49 8.89 -4.06 11.10
C SER C 49 9.36 -2.74 10.48
N VAL C 50 9.45 -1.67 11.28
CA VAL C 50 9.86 -0.34 10.84
C VAL C 50 11.29 0.02 11.27
N HIS C 51 11.64 -0.21 12.55
CA HIS C 51 12.90 0.28 13.11
C HIS C 51 14.03 -0.74 13.04
N GLY C 52 13.73 -1.96 12.57
CA GLY C 52 14.75 -2.97 12.39
C GLY C 52 15.03 -3.81 13.64
N HIS C 53 16.17 -4.54 13.58
CA HIS C 53 16.60 -5.50 14.59
C HIS C 53 17.39 -4.78 15.69
N PHE C 54 17.28 -5.28 16.93
N PHE C 54 17.26 -5.27 16.92
CA PHE C 54 17.87 -4.65 18.11
CA PHE C 54 17.88 -4.68 18.09
C PHE C 54 18.32 -5.74 19.08
C PHE C 54 18.38 -5.81 19.00
N GLU C 55 19.51 -5.55 19.68
CA GLU C 55 20.13 -6.54 20.56
C GLU C 55 19.48 -6.46 21.94
N ALA C 56 18.99 -7.63 22.41
CA ALA C 56 18.43 -7.77 23.75
C ALA C 56 18.57 -9.22 24.17
N GLN C 57 18.82 -9.44 25.47
CA GLN C 57 18.96 -10.79 25.99
C GLN C 57 18.17 -10.94 27.28
N LEU C 58 17.86 -12.21 27.61
CA LEU C 58 17.31 -12.57 28.91
C LEU C 58 18.48 -13.00 29.79
N ASN C 59 18.54 -12.51 31.03
CA ASN C 59 19.53 -13.00 31.97
C ASN C 59 19.04 -14.33 32.51
N ALA C 60 19.93 -15.07 33.19
CA ALA C 60 19.59 -16.35 33.79
C ALA C 60 18.35 -16.20 34.66
N ASP C 61 18.22 -15.08 35.35
CA ASP C 61 17.16 -14.89 36.33
C ASP C 61 15.92 -14.26 35.69
N ARG C 62 15.89 -14.17 34.36
CA ARG C 62 14.71 -13.80 33.59
C ARG C 62 14.41 -12.31 33.66
N THR C 63 15.38 -11.51 34.12
CA THR C 63 15.38 -10.08 33.88
C THR C 63 15.93 -9.83 32.47
N LEU C 64 15.61 -8.64 31.93
CA LEU C 64 16.03 -8.30 30.58
C LEU C 64 17.37 -7.56 30.62
N ASN C 65 18.10 -7.68 29.51
CA ASN C 65 19.41 -7.11 29.38
C ASN C 65 19.53 -6.34 28.06
N ILE C 66 19.40 -5.01 28.15
CA ILE C 66 19.38 -4.15 26.97
C ILE C 66 20.31 -2.97 27.18
N GLY C 67 21.42 -2.96 26.43
CA GLY C 67 22.31 -1.81 26.39
C GLY C 67 22.86 -1.50 27.77
N HIS C 68 22.65 -0.27 28.23
CA HIS C 68 23.16 0.14 29.53
C HIS C 68 22.25 -0.36 30.66
N SER C 69 21.09 -0.92 30.33
CA SER C 69 20.17 -1.44 31.35
C SER C 69 20.26 -2.96 31.43
N LYS C 70 21.11 -3.48 32.34
CA LYS C 70 21.55 -4.87 32.30
C LYS C 70 20.71 -5.76 33.22
N ASN C 71 19.73 -5.19 33.93
CA ASN C 71 18.99 -5.93 34.93
C ASN C 71 17.58 -5.35 35.04
N ILE C 72 16.81 -5.54 33.98
CA ILE C 72 15.47 -4.97 33.93
C ILE C 72 14.47 -6.00 34.44
N LEU C 73 13.76 -5.64 35.51
CA LEU C 73 12.70 -6.49 36.03
C LEU C 73 11.48 -6.39 35.11
N VAL C 74 10.92 -7.55 34.72
CA VAL C 74 9.72 -7.58 33.89
C VAL C 74 8.53 -7.98 34.75
N LEU C 75 7.50 -7.12 34.73
CA LEU C 75 6.27 -7.30 35.48
C LEU C 75 5.12 -7.47 34.49
N SER C 76 3.99 -8.03 34.95
CA SER C 76 2.77 -8.10 34.16
C SER C 76 1.55 -7.84 35.03
N GLU C 77 1.41 -6.60 35.50
CA GLU C 77 0.34 -6.26 36.43
C GLU C 77 -0.51 -5.11 35.88
N ARG C 78 -1.76 -5.42 35.51
CA ARG C 78 -2.66 -4.44 34.91
C ARG C 78 -3.21 -3.44 35.91
N ASP C 79 -3.30 -3.81 37.19
CA ASP C 79 -3.87 -2.96 38.22
C ASP C 79 -2.79 -2.02 38.75
N ILE C 80 -2.99 -0.71 38.52
CA ILE C 80 -1.98 0.29 38.83
C ILE C 80 -1.80 0.39 40.34
N ASN C 81 -2.85 0.05 41.11
CA ASN C 81 -2.79 0.10 42.56
C ASN C 81 -2.03 -1.11 43.11
N LYS C 82 -1.93 -2.21 42.36
CA LYS C 82 -1.14 -3.36 42.81
C LYS C 82 0.28 -3.24 42.29
N LEU C 83 0.45 -2.65 41.10
CA LEU C 83 1.75 -2.47 40.46
C LEU C 83 2.70 -1.73 41.41
N ASP C 84 3.93 -2.24 41.56
CA ASP C 84 4.87 -1.66 42.52
C ASP C 84 6.24 -1.48 41.86
N PHE C 85 6.40 -0.43 41.08
CA PHE C 85 7.71 -0.12 40.51
C PHE C 85 8.69 0.28 41.61
N SER C 86 8.14 0.68 42.77
CA SER C 86 8.95 1.01 43.93
C SER C 86 9.83 -0.16 44.40
N ALA C 87 9.39 -1.40 44.14
CA ALA C 87 10.16 -2.58 44.52
C ALA C 87 11.47 -2.63 43.74
N ALA C 88 11.56 -1.91 42.63
CA ALA C 88 12.77 -1.89 41.83
C ALA C 88 13.51 -0.56 41.98
N ASN C 89 13.05 0.29 42.91
CA ASN C 89 13.68 1.57 43.22
C ASN C 89 13.62 2.54 42.03
N ALA C 90 12.54 2.49 41.24
CA ALA C 90 12.32 3.44 40.16
C ALA C 90 12.04 4.83 40.72
N GLU C 91 12.54 5.89 40.06
N GLU C 91 12.54 5.86 40.03
CA GLU C 91 12.19 7.24 40.48
CA GLU C 91 12.32 7.25 40.41
C GLU C 91 11.23 7.91 39.50
C GLU C 91 11.26 7.89 39.51
N ILE C 92 11.31 7.54 38.21
CA ILE C 92 10.45 8.10 37.18
C ILE C 92 9.75 7.01 36.38
N ILE C 93 8.44 7.22 36.16
CA ILE C 93 7.66 6.34 35.32
C ILE C 93 7.45 7.00 33.96
N ILE C 94 7.70 6.24 32.89
CA ILE C 94 7.28 6.60 31.56
C ILE C 94 5.98 5.84 31.32
N GLU C 95 4.86 6.56 31.34
CA GLU C 95 3.53 5.96 31.36
C GLU C 95 3.01 5.89 29.93
N CYS C 96 3.04 4.68 29.38
CA CYS C 96 2.82 4.45 27.96
C CYS C 96 1.65 3.51 27.68
N THR C 97 0.71 3.33 28.61
CA THR C 97 -0.33 2.31 28.44
C THR C 97 -1.53 2.88 27.73
N GLY C 98 -1.73 4.17 27.85
CA GLY C 98 -2.93 4.80 27.31
C GLY C 98 -4.15 4.66 28.22
N LYS C 99 -3.99 4.01 29.40
CA LYS C 99 -5.12 3.68 30.26
C LYS C 99 -5.25 4.66 31.44
N PHE C 100 -4.25 5.56 31.60
CA PHE C 100 -4.11 6.43 32.76
C PHE C 100 -3.73 7.85 32.34
N ASN C 101 -4.33 8.33 31.23
CA ASN C 101 -3.96 9.62 30.64
C ASN C 101 -4.73 10.77 31.32
N SER C 102 -4.47 10.92 32.63
CA SER C 102 -5.01 12.02 33.42
C SER C 102 -4.17 12.17 34.70
N LEU C 103 -4.25 13.34 35.31
CA LEU C 103 -3.50 13.60 36.54
C LEU C 103 -3.93 12.60 37.62
N GLU C 104 -5.25 12.48 37.82
CA GLU C 104 -5.79 11.65 38.87
C GLU C 104 -5.32 10.19 38.69
N ALA C 105 -5.45 9.66 37.47
CA ALA C 105 -5.18 8.26 37.23
C ALA C 105 -3.69 7.96 37.38
N SER C 106 -2.81 8.80 36.79
CA SER C 106 -1.39 8.52 36.83
C SER C 106 -0.77 8.83 38.20
N SER C 107 -1.46 9.60 39.06
CA SER C 107 -0.93 9.87 40.39
C SER C 107 -0.87 8.58 41.23
N ALA C 108 -1.62 7.55 40.85
CA ALA C 108 -1.55 6.26 41.50
C ALA C 108 -0.14 5.68 41.48
N HIS C 109 0.69 6.05 40.52
CA HIS C 109 2.05 5.54 40.45
C HIS C 109 2.93 6.05 41.60
N LEU C 110 2.55 7.19 42.20
CA LEU C 110 3.41 7.88 43.15
C LEU C 110 3.36 7.22 44.52
N LYS C 111 4.47 6.55 44.87
CA LYS C 111 4.59 5.75 46.07
C LYS C 111 6.07 5.44 46.27
N ASN C 112 6.52 5.48 47.53
CA ASN C 112 7.87 5.12 47.92
C ASN C 112 8.85 5.92 47.07
N SER C 113 9.70 5.22 46.29
CA SER C 113 10.79 5.84 45.55
C SER C 113 10.28 6.59 44.32
N VAL C 114 9.06 6.27 43.86
CA VAL C 114 8.54 6.79 42.61
C VAL C 114 7.98 8.17 42.86
N LYS C 115 8.69 9.18 42.32
CA LYS C 115 8.37 10.58 42.59
C LYS C 115 7.85 11.31 41.35
N LYS C 116 8.07 10.76 40.14
CA LYS C 116 7.71 11.46 38.92
C LYS C 116 7.11 10.52 37.89
N VAL C 117 6.13 11.03 37.15
CA VAL C 117 5.52 10.32 36.04
C VAL C 117 5.49 11.25 34.83
N ILE C 118 5.91 10.70 33.69
CA ILE C 118 5.79 11.34 32.39
C ILE C 118 4.81 10.51 31.57
N ILE C 119 3.67 11.13 31.22
CA ILE C 119 2.67 10.45 30.42
C ILE C 119 3.00 10.67 28.95
N SER C 120 3.02 9.58 28.19
CA SER C 120 3.43 9.60 26.80
C SER C 120 2.24 9.88 25.88
N ALA C 121 1.41 10.85 26.28
CA ALA C 121 0.23 11.25 25.55
C ALA C 121 -0.32 12.52 26.20
N PRO C 122 -1.17 13.29 25.49
CA PRO C 122 -2.01 14.28 26.16
C PRO C 122 -2.75 13.63 27.32
N ALA C 123 -2.89 14.37 28.43
CA ALA C 123 -3.54 13.87 29.63
C ALA C 123 -4.39 14.97 30.27
N GLN C 124 -5.60 14.60 30.71
CA GLN C 124 -6.53 15.56 31.30
C GLN C 124 -5.93 16.20 32.55
N ASN C 125 -6.08 17.53 32.67
CA ASN C 125 -5.71 18.27 33.88
C ASN C 125 -4.24 18.13 34.23
N THR C 126 -3.38 17.80 33.26
CA THR C 126 -1.99 17.49 33.52
C THR C 126 -1.10 18.58 32.94
N PRO C 127 -0.14 19.14 33.74
CA PRO C 127 0.92 20.01 33.21
C PRO C 127 1.61 19.37 32.02
N THR C 128 1.70 20.13 30.91
CA THR C 128 2.16 19.56 29.64
C THR C 128 3.42 20.29 29.19
N PHE C 129 4.42 19.54 28.76
CA PHE C 129 5.70 20.10 28.34
C PHE C 129 6.13 19.51 27.01
N VAL C 130 6.68 20.37 26.15
CA VAL C 130 7.36 19.94 24.94
C VAL C 130 8.81 20.39 25.05
N TYR C 131 9.72 19.43 25.03
CA TYR C 131 11.15 19.74 25.12
C TYR C 131 11.58 20.72 24.03
N GLY C 132 12.25 21.81 24.42
CA GLY C 132 12.68 22.85 23.50
C GLY C 132 11.72 24.03 23.44
N VAL C 133 10.49 23.80 23.90
CA VAL C 133 9.43 24.80 23.76
C VAL C 133 9.14 25.43 25.13
N ASN C 134 8.77 24.60 26.12
CA ASN C 134 8.46 25.13 27.45
C ASN C 134 8.97 24.24 28.58
N HIS C 135 9.92 23.34 28.31
CA HIS C 135 10.34 22.46 29.39
C HIS C 135 11.07 23.23 30.49
N LYS C 136 11.69 24.37 30.16
CA LYS C 136 12.40 25.13 31.17
C LYS C 136 11.44 25.77 32.18
N ASN C 137 10.12 25.69 31.91
CA ASN C 137 9.11 26.17 32.85
C ASN C 137 8.72 25.09 33.86
N TYR C 138 9.30 23.89 33.73
CA TYR C 138 9.08 22.81 34.67
C TYR C 138 9.40 23.28 36.08
N HIS C 139 8.48 23.05 37.03
CA HIS C 139 8.61 23.52 38.40
C HIS C 139 8.36 22.35 39.35
N ASN C 140 9.04 21.22 39.08
CA ASN C 140 9.09 20.07 39.96
C ASN C 140 7.73 19.38 40.10
N GLU C 141 6.84 19.52 39.09
CA GLU C 141 5.58 18.80 39.11
C GLU C 141 5.82 17.30 39.04
N SER C 142 4.99 16.53 39.76
CA SER C 142 5.23 15.10 39.93
C SER C 142 4.58 14.30 38.79
N VAL C 143 3.54 14.85 38.14
CA VAL C 143 2.95 14.21 36.98
C VAL C 143 2.85 15.22 35.85
N ILE C 144 3.44 14.85 34.70
CA ILE C 144 3.42 15.68 33.52
C ILE C 144 3.09 14.84 32.29
N SER C 145 2.74 15.53 31.20
CA SER C 145 2.44 14.99 29.89
C SER C 145 3.49 15.54 28.92
N ASN C 146 3.94 14.66 28.02
CA ASN C 146 4.85 15.02 26.94
C ASN C 146 4.08 15.38 25.67
N ALA C 147 2.76 15.62 25.77
CA ALA C 147 1.94 16.04 24.65
C ALA C 147 1.88 14.89 23.62
N SER C 148 1.69 15.22 22.33
CA SER C 148 1.60 14.25 21.25
C SER C 148 2.80 14.39 20.31
N CYS C 149 2.97 13.41 19.42
CA CYS C 149 4.01 13.50 18.40
C CYS C 149 3.76 14.73 17.51
N THR C 150 2.48 15.01 17.19
CA THR C 150 2.15 16.11 16.29
C THR C 150 2.52 17.45 16.94
N THR C 151 2.23 17.62 18.23
CA THR C 151 2.53 18.87 18.93
C THR C 151 4.05 19.03 19.10
N ASN C 152 4.77 17.93 19.32
CA ASN C 152 6.22 18.01 19.44
C ASN C 152 6.86 18.48 18.13
N ALA C 153 6.23 18.22 16.99
CA ALA C 153 6.74 18.69 15.70
C ALA C 153 6.33 20.14 15.46
N SER C 154 5.08 20.49 15.78
CA SER C 154 4.58 21.77 15.31
C SER C 154 4.94 22.89 16.29
N ALA C 155 4.98 22.62 17.60
CA ALA C 155 5.23 23.69 18.58
C ALA C 155 6.64 24.27 18.43
N PRO C 156 7.71 23.48 18.25
CA PRO C 156 9.03 24.10 18.04
C PRO C 156 9.07 25.06 16.86
N LEU C 157 8.41 24.65 15.76
CA LEU C 157 8.40 25.44 14.54
C LEU C 157 7.67 26.73 14.81
N LEU C 158 6.51 26.62 15.47
CA LEU C 158 5.79 27.82 15.84
C LEU C 158 6.63 28.77 16.68
N LYS C 159 7.29 28.28 17.72
CA LYS C 159 8.08 29.14 18.59
C LYS C 159 9.22 29.81 17.82
N ILE C 160 9.93 29.06 16.96
CA ILE C 160 11.03 29.64 16.19
C ILE C 160 10.54 30.79 15.32
N LEU C 161 9.44 30.52 14.60
CA LEU C 161 8.95 31.46 13.63
C LEU C 161 8.28 32.65 14.31
N ASP C 162 7.57 32.41 15.44
CA ASP C 162 7.03 33.51 16.22
C ASP C 162 8.13 34.46 16.73
N GLU C 163 9.18 33.89 17.31
CA GLU C 163 10.30 34.70 17.80
C GLU C 163 10.91 35.52 16.67
N ALA C 164 10.96 34.96 15.47
CA ALA C 164 11.61 35.63 14.34
C ALA C 164 10.72 36.72 13.75
N PHE C 165 9.43 36.44 13.58
CA PHE C 165 8.60 37.24 12.69
C PHE C 165 7.25 37.64 13.32
N LYS C 166 6.92 37.06 14.47
CA LYS C 166 5.67 37.36 15.19
C LYS C 166 4.47 36.75 14.47
N VAL C 167 4.03 35.58 14.94
CA VAL C 167 2.86 34.92 14.37
C VAL C 167 1.61 35.73 14.69
N GLU C 168 0.87 36.13 13.65
CA GLU C 168 -0.47 36.69 13.84
C GLU C 168 -1.52 35.58 13.82
N ASN C 169 -1.42 34.67 12.85
CA ASN C 169 -2.28 33.48 12.77
C ASN C 169 -1.52 32.36 12.05
N ALA C 170 -1.96 31.11 12.26
CA ALA C 170 -1.46 30.00 11.51
C ALA C 170 -2.46 28.87 11.43
N LEU C 171 -2.34 28.14 10.32
CA LEU C 171 -3.12 26.97 10.01
C LEU C 171 -2.18 25.80 9.84
N LEU C 172 -2.49 24.68 10.50
CA LEU C 172 -1.58 23.54 10.55
C LEU C 172 -2.28 22.29 10.05
N THR C 173 -1.81 21.75 8.94
CA THR C 173 -2.32 20.46 8.51
C THR C 173 -1.27 19.41 8.81
N THR C 174 -1.62 18.39 9.58
CA THR C 174 -0.77 17.24 9.78
C THR C 174 -1.17 16.16 8.79
N ILE C 175 -0.18 15.65 8.06
CA ILE C 175 -0.33 14.46 7.25
C ILE C 175 0.23 13.32 8.09
N HIS C 176 -0.70 12.54 8.63
CA HIS C 176 -0.45 11.64 9.73
C HIS C 176 -0.37 10.21 9.18
N SER C 177 0.83 9.66 9.22
CA SER C 177 1.06 8.33 8.68
C SER C 177 0.53 7.30 9.66
N TYR C 178 -0.33 6.39 9.20
CA TYR C 178 -1.14 5.60 10.11
C TYR C 178 -0.96 4.09 9.92
N THR C 179 -0.15 3.64 8.96
CA THR C 179 0.03 2.20 8.77
C THR C 179 0.34 1.53 10.12
N ASN C 180 1.31 2.06 10.90
CA ASN C 180 1.57 1.57 12.25
C ASN C 180 1.11 2.61 13.28
N ASP C 191 -16.58 10.12 16.16
CA ASP C 191 -16.06 10.51 14.79
C ASP C 191 -16.36 9.40 13.79
N ILE C 192 -17.38 9.63 12.95
CA ILE C 192 -17.92 8.59 12.07
C ILE C 192 -16.81 8.08 11.13
N ARG C 193 -15.86 8.93 10.79
CA ARG C 193 -14.86 8.56 9.81
C ARG C 193 -13.95 7.48 10.38
N ARG C 194 -13.87 7.40 11.71
CA ARG C 194 -13.04 6.41 12.37
C ARG C 194 -13.69 5.04 12.31
N ALA C 195 -15.01 4.99 12.03
CA ALA C 195 -15.72 3.73 11.91
C ALA C 195 -15.42 3.08 10.56
N ARG C 196 -14.80 3.86 9.66
CA ARG C 196 -14.41 3.41 8.34
C ARG C 196 -13.05 2.70 8.45
N ALA C 197 -13.14 1.36 8.46
CA ALA C 197 -12.03 0.50 8.07
C ALA C 197 -11.12 1.30 7.14
N ALA C 198 -10.09 1.93 7.74
CA ALA C 198 -9.25 2.92 7.09
C ALA C 198 -8.92 2.46 5.69
N GLY C 199 -8.58 1.17 5.54
CA GLY C 199 -8.18 0.63 4.25
C GLY C 199 -7.04 1.47 3.71
N LEU C 200 -7.24 2.03 2.51
CA LEU C 200 -6.19 2.84 1.90
C LEU C 200 -6.78 4.23 1.72
N ASN C 201 -7.75 4.60 2.60
CA ASN C 201 -8.38 5.90 2.60
C ASN C 201 -7.49 7.03 3.16
N LEU C 202 -7.70 8.23 2.59
CA LEU C 202 -7.33 9.48 3.22
C LEU C 202 -8.49 9.87 4.13
N ILE C 203 -8.17 10.24 5.37
CA ILE C 203 -9.22 10.47 6.36
C ILE C 203 -8.96 11.78 7.09
N PRO C 204 -9.74 12.84 6.80
CA PRO C 204 -9.67 14.08 7.57
C PRO C 204 -10.14 13.89 9.01
N THR C 205 -9.44 14.50 9.94
CA THR C 205 -9.73 14.37 11.36
C THR C 205 -9.49 15.70 12.07
N SER C 206 -10.46 16.15 12.89
CA SER C 206 -10.22 17.23 13.84
C SER C 206 -9.22 16.74 14.88
N THR C 207 -8.35 17.63 15.38
CA THR C 207 -7.40 17.16 16.39
C THR C 207 -7.15 18.12 17.55
N GLY C 208 -7.97 19.15 17.73
CA GLY C 208 -7.74 20.01 18.89
C GLY C 208 -6.38 20.73 18.91
N VAL C 209 -5.91 21.16 17.74
CA VAL C 209 -4.62 21.82 17.59
C VAL C 209 -4.51 23.04 18.50
N SER C 210 -5.55 23.91 18.46
CA SER C 210 -5.50 25.14 19.22
C SER C 210 -5.25 24.85 20.71
N LYS C 211 -6.04 23.93 21.30
CA LYS C 211 -5.91 23.60 22.71
C LYS C 211 -4.54 22.99 23.00
N ALA C 212 -4.06 22.10 22.12
CA ALA C 212 -2.78 21.43 22.31
C ALA C 212 -1.63 22.45 22.32
N ILE C 213 -1.67 23.41 21.40
CA ILE C 213 -0.64 24.43 21.33
C ILE C 213 -0.78 25.38 22.53
N SER C 214 -2.01 25.70 22.95
CA SER C 214 -2.23 26.56 24.11
C SER C 214 -1.53 26.06 25.38
N LEU C 215 -1.43 24.73 25.53
CA LEU C 215 -0.83 24.15 26.72
C LEU C 215 0.66 24.49 26.82
N VAL C 216 1.37 24.63 25.70
CA VAL C 216 2.82 24.83 25.74
C VAL C 216 3.24 26.22 25.24
N LEU C 217 2.37 26.86 24.45
CA LEU C 217 2.58 28.23 23.98
C LEU C 217 1.26 28.98 24.14
N PRO C 218 0.92 29.37 25.39
CA PRO C 218 -0.38 29.98 25.71
C PRO C 218 -0.71 31.21 24.86
N HIS C 219 0.31 31.99 24.46
CA HIS C 219 0.13 33.20 23.67
C HIS C 219 -0.23 32.89 22.22
N LEU C 220 0.16 31.71 21.73
CA LEU C 220 -0.03 31.34 20.33
C LEU C 220 -1.25 30.45 20.12
N GLY C 221 -1.59 29.61 21.10
CA GLY C 221 -2.66 28.62 20.93
C GLY C 221 -3.91 29.24 20.30
N PRO C 222 -4.37 30.37 20.83
CA PRO C 222 -5.56 31.00 20.28
C PRO C 222 -5.44 31.57 18.88
N LYS C 223 -4.21 31.73 18.37
CA LYS C 223 -3.96 32.28 17.04
C LYS C 223 -3.78 31.17 15.99
N VAL C 224 -3.92 29.89 16.38
CA VAL C 224 -3.70 28.80 15.44
C VAL C 224 -4.86 27.81 15.47
N THR C 225 -5.07 27.12 14.37
CA THR C 225 -5.90 25.92 14.36
C THR C 225 -5.43 25.06 13.21
N GLY C 226 -6.09 23.95 13.03
CA GLY C 226 -5.82 23.09 11.89
C GLY C 226 -6.50 21.74 12.03
N LEU C 227 -5.90 20.74 11.40
N LEU C 227 -5.98 20.75 11.31
CA LEU C 227 -6.53 19.43 11.33
CA LEU C 227 -6.55 19.40 11.36
C LEU C 227 -5.47 18.41 10.93
C LEU C 227 -5.54 18.43 10.77
N ALA C 228 -5.88 17.14 10.85
CA ALA C 228 -5.04 16.09 10.33
C ALA C 228 -5.73 15.40 9.15
N ILE C 229 -4.88 14.89 8.27
CA ILE C 229 -5.29 13.98 7.22
C ILE C 229 -4.51 12.68 7.46
N ARG C 230 -5.24 11.63 7.83
CA ARG C 230 -4.62 10.34 8.04
C ARG C 230 -4.38 9.68 6.68
N VAL C 231 -3.16 9.16 6.48
CA VAL C 231 -2.74 8.59 5.22
C VAL C 231 -2.10 7.24 5.52
N PRO C 232 -2.32 6.23 4.66
CA PRO C 232 -1.80 4.89 4.91
C PRO C 232 -0.36 4.71 4.44
N THR C 233 0.53 5.44 5.08
CA THR C 233 1.95 5.16 4.92
C THR C 233 2.52 5.00 6.31
N PRO C 234 3.69 4.34 6.47
CA PRO C 234 4.21 4.05 7.80
C PRO C 234 5.14 5.10 8.39
N ASN C 235 4.83 5.50 9.63
CA ASN C 235 5.70 6.15 10.61
C ASN C 235 6.00 7.61 10.30
N VAL C 236 6.47 7.90 9.08
CA VAL C 236 6.96 9.26 8.86
C VAL C 236 5.83 10.14 8.40
N SER C 237 5.53 11.13 9.24
CA SER C 237 4.48 12.09 9.05
C SER C 237 5.07 13.43 8.61
N LEU C 238 4.18 14.34 8.22
CA LEU C 238 4.57 15.67 7.81
C LEU C 238 3.60 16.66 8.45
N VAL C 239 4.16 17.77 8.92
CA VAL C 239 3.32 18.89 9.27
C VAL C 239 3.54 20.00 8.24
N ASP C 240 2.43 20.65 7.88
CA ASP C 240 2.33 21.69 6.87
C ASP C 240 1.73 22.93 7.53
N LEU C 241 2.62 23.91 7.78
CA LEU C 241 2.23 25.13 8.46
C LEU C 241 2.05 26.25 7.44
N SER C 242 0.88 26.91 7.49
CA SER C 242 0.59 28.09 6.69
C SER C 242 0.47 29.24 7.68
N LEU C 243 1.41 30.18 7.65
CA LEU C 243 1.51 31.18 8.69
C LEU C 243 1.33 32.59 8.08
N ASN C 244 0.75 33.47 8.89
CA ASN C 244 0.64 34.89 8.60
C ASN C 244 1.39 35.62 9.70
N PHE C 245 2.36 36.48 9.33
CA PHE C 245 3.24 37.12 10.31
C PHE C 245 2.98 38.63 10.37
N LYS C 246 3.39 39.26 11.47
CA LYS C 246 3.43 40.72 11.54
C LYS C 246 4.58 41.29 10.71
N LYS C 247 5.76 40.71 10.88
CA LYS C 247 6.93 41.15 10.12
C LYS C 247 6.95 40.51 8.74
N SER C 248 7.67 41.14 7.81
CA SER C 248 7.78 40.66 6.44
C SER C 248 8.77 39.51 6.36
N VAL C 249 8.50 38.59 5.43
CA VAL C 249 9.26 37.35 5.25
C VAL C 249 9.61 37.10 3.79
N SER C 250 10.54 36.18 3.59
CA SER C 250 10.87 35.67 2.26
C SER C 250 11.26 34.21 2.46
N LYS C 251 11.35 33.45 1.36
CA LYS C 251 11.83 32.08 1.46
C LYS C 251 13.15 32.06 2.22
N ALA C 252 14.09 32.92 1.78
CA ALA C 252 15.43 32.91 2.37
C ALA C 252 15.44 33.32 3.83
N SER C 253 14.60 34.29 4.25
CA SER C 253 14.68 34.70 5.64
C SER C 253 14.05 33.67 6.57
N VAL C 254 13.00 32.99 6.09
CA VAL C 254 12.41 31.88 6.81
C VAL C 254 13.38 30.71 6.93
N GLN C 255 13.99 30.36 5.80
CA GLN C 255 15.01 29.32 5.79
C GLN C 255 16.07 29.66 6.85
N HIS C 256 16.53 30.90 6.82
CA HIS C 256 17.66 31.30 7.66
C HIS C 256 17.28 31.25 9.14
N ALA C 257 16.07 31.72 9.48
CA ALA C 257 15.63 31.63 10.87
C ALA C 257 15.57 30.19 11.35
N LEU C 258 15.08 29.28 10.51
CA LEU C 258 14.96 27.88 10.93
C LEU C 258 16.36 27.26 11.09
N LYS C 259 17.24 27.55 10.15
CA LYS C 259 18.58 26.99 10.16
C LYS C 259 19.34 27.46 11.39
N ASP C 260 19.23 28.76 11.71
CA ASP C 260 19.91 29.30 12.86
C ASP C 260 19.38 28.66 14.14
N ALA C 261 18.05 28.42 14.26
CA ALA C 261 17.50 27.80 15.46
C ALA C 261 18.05 26.38 15.70
N CYS C 262 18.28 25.66 14.61
CA CYS C 262 18.75 24.29 14.65
C CYS C 262 20.21 24.22 15.12
N LYS C 263 20.95 25.32 14.92
CA LYS C 263 22.32 25.41 15.43
C LYS C 263 22.35 25.79 16.90
N HIS C 264 21.31 26.49 17.39
CA HIS C 264 21.35 27.11 18.70
C HIS C 264 20.25 26.55 19.61
N ALA C 265 19.13 27.27 19.79
CA ALA C 265 18.21 26.92 20.85
C ALA C 265 17.49 25.59 20.60
N PHE C 266 17.41 25.13 19.35
CA PHE C 266 16.73 23.87 19.06
C PHE C 266 17.69 22.79 18.58
N LYS C 267 18.98 22.96 18.86
CA LYS C 267 19.95 21.93 18.53
C LYS C 267 19.49 20.59 19.11
N GLY C 268 19.47 19.54 18.26
CA GLY C 268 19.09 18.21 18.69
C GLY C 268 17.57 18.00 18.73
N VAL C 269 16.78 19.06 18.45
CA VAL C 269 15.33 18.97 18.49
C VAL C 269 14.75 19.17 17.10
N VAL C 270 15.18 20.25 16.42
CA VAL C 270 14.76 20.51 15.05
C VAL C 270 16.02 20.44 14.17
N SER C 271 15.85 19.85 12.98
CA SER C 271 16.87 19.68 11.97
C SER C 271 16.36 20.25 10.65
N ILE C 272 17.27 20.40 9.69
CA ILE C 272 16.95 20.88 8.35
C ILE C 272 17.40 19.81 7.35
N ASP C 273 16.56 19.46 6.39
CA ASP C 273 16.94 18.62 5.27
C ASP C 273 17.23 19.52 4.08
N GLU C 274 18.52 19.57 3.71
CA GLU C 274 18.98 20.25 2.51
C GLU C 274 19.28 19.29 1.36
N GLU C 275 18.99 17.99 1.49
CA GLU C 275 19.37 16.99 0.50
C GLU C 275 18.18 16.48 -0.34
N ARG C 276 17.00 17.09 -0.18
N ARG C 276 17.00 17.09 -0.18
CA ARG C 276 15.85 16.79 -1.02
CA ARG C 276 15.86 16.79 -1.03
C ARG C 276 15.48 15.32 -0.90
C ARG C 276 15.48 15.32 -0.90
N LEU C 277 15.34 14.87 0.36
CA LEU C 277 15.02 13.48 0.64
C LEU C 277 13.51 13.26 0.65
N VAL C 278 13.12 11.98 0.77
CA VAL C 278 11.70 11.60 0.84
C VAL C 278 11.39 10.95 2.19
N SER C 279 10.11 10.69 2.45
CA SER C 279 9.68 10.34 3.79
C SER C 279 10.47 9.19 4.37
N SER C 280 10.66 8.09 3.62
CA SER C 280 11.27 6.89 4.20
C SER C 280 12.71 7.14 4.62
N ASP C 281 13.31 8.22 4.13
CA ASP C 281 14.67 8.58 4.54
C ASP C 281 14.71 9.00 6.01
N PHE C 282 13.59 9.37 6.63
CA PHE C 282 13.57 9.86 7.98
C PHE C 282 13.07 8.81 8.97
N ILE C 283 12.90 7.56 8.55
CA ILE C 283 12.46 6.52 9.48
C ILE C 283 13.53 6.43 10.56
N SER C 284 13.09 6.40 11.84
CA SER C 284 13.93 6.33 13.03
C SER C 284 14.72 7.63 13.32
N SER C 285 14.36 8.74 12.67
CA SER C 285 15.01 10.01 12.97
C SER C 285 14.72 10.41 14.42
N PRO C 286 15.74 10.93 15.14
CA PRO C 286 15.54 11.38 16.52
C PRO C 286 15.00 12.78 16.69
N PHE C 287 14.83 13.50 15.58
CA PHE C 287 14.41 14.88 15.67
C PHE C 287 12.90 14.98 15.85
N SER C 288 12.47 16.04 16.55
CA SER C 288 11.04 16.35 16.71
C SER C 288 10.46 16.83 15.39
N ALA C 289 11.28 17.48 14.55
CA ALA C 289 10.85 17.94 13.24
C ALA C 289 12.09 18.08 12.35
N ILE C 290 11.95 17.76 11.06
CA ILE C 290 13.02 17.96 10.08
C ILE C 290 12.45 18.83 8.97
N VAL C 291 12.85 20.10 8.95
CA VAL C 291 12.36 21.08 8.00
C VAL C 291 12.70 20.72 6.56
N ILE C 292 11.73 20.85 5.66
CA ILE C 292 11.98 20.60 4.24
C ILE C 292 12.46 21.89 3.59
N ASP C 293 13.80 22.05 3.52
CA ASP C 293 14.38 23.36 3.21
C ASP C 293 13.90 23.91 1.88
N ASP C 294 13.92 23.06 0.84
CA ASP C 294 13.70 23.49 -0.53
C ASP C 294 12.23 23.80 -0.77
N GLN C 295 11.34 23.32 0.12
CA GLN C 295 9.91 23.53 -0.11
C GLN C 295 9.35 24.68 0.72
N ILE C 296 10.19 25.45 1.39
CA ILE C 296 9.76 26.65 2.07
C ILE C 296 9.33 27.66 1.01
N MET C 297 8.18 28.30 1.23
CA MET C 297 7.73 29.31 0.29
C MET C 297 7.01 30.42 1.04
N THR C 298 6.94 31.57 0.37
CA THR C 298 6.22 32.74 0.87
C THR C 298 5.36 33.32 -0.22
N ILE C 299 4.33 34.09 0.20
CA ILE C 299 3.50 34.77 -0.77
C ILE C 299 2.97 36.04 -0.12
N GLY C 300 2.92 37.11 -0.91
CA GLY C 300 2.73 38.44 -0.32
C GLY C 300 3.90 38.74 0.61
N GLU C 301 3.75 39.75 1.45
CA GLU C 301 4.86 40.12 2.31
C GLU C 301 4.89 39.26 3.57
N LYS C 302 3.73 38.70 3.95
CA LYS C 302 3.57 38.27 5.32
C LYS C 302 3.26 36.77 5.49
N ASN C 303 3.13 35.99 4.44
CA ASN C 303 2.69 34.61 4.58
C ASN C 303 3.76 33.61 4.19
N ALA C 304 3.89 32.53 4.96
CA ALA C 304 4.80 31.45 4.62
C ALA C 304 4.14 30.08 4.77
N LYS C 305 4.68 29.14 3.98
CA LYS C 305 4.40 27.73 4.14
C LYS C 305 5.70 27.01 4.51
N VAL C 306 5.63 26.26 5.61
CA VAL C 306 6.72 25.47 6.11
C VAL C 306 6.28 24.04 6.30
N LEU C 307 7.04 23.09 5.72
CA LEU C 307 6.83 21.67 5.94
C LEU C 307 7.94 21.06 6.76
N ALA C 308 7.59 20.07 7.59
CA ALA C 308 8.60 19.30 8.32
C ALA C 308 8.16 17.84 8.47
N TRP C 309 9.15 16.97 8.35
CA TRP C 309 9.00 15.54 8.60
C TRP C 309 9.12 15.25 10.10
N TYR C 310 8.56 14.10 10.50
CA TYR C 310 8.95 13.48 11.76
C TYR C 310 8.54 12.02 11.77
N ASP C 311 9.35 11.17 12.40
CA ASP C 311 8.95 9.80 12.65
C ASP C 311 7.97 9.83 13.83
N ASN C 312 6.74 9.34 13.70
CA ASN C 312 5.78 9.64 14.75
C ASN C 312 6.06 8.81 16.02
N GLU C 313 7.01 7.88 15.97
CA GLU C 313 7.45 7.16 17.16
C GLU C 313 8.77 7.70 17.70
N MET C 314 9.79 7.86 16.85
CA MET C 314 11.16 7.95 17.35
C MET C 314 11.51 9.35 17.86
N GLY C 315 11.06 10.40 17.16
CA GLY C 315 11.26 11.74 17.64
C GLY C 315 10.66 11.91 19.03
N TYR C 316 9.38 11.52 19.14
CA TYR C 316 8.65 11.64 20.39
C TYR C 316 9.32 10.82 21.49
N SER C 317 9.80 9.62 21.17
CA SER C 317 10.40 8.74 22.18
C SER C 317 11.74 9.29 22.65
N GLU C 318 12.53 9.86 21.73
CA GLU C 318 13.75 10.55 22.12
C GLU C 318 13.46 11.70 23.09
N ARG C 319 12.44 12.52 22.78
CA ARG C 319 12.02 13.60 23.66
C ARG C 319 11.56 13.10 25.04
N LEU C 320 10.84 11.96 25.07
CA LEU C 320 10.38 11.37 26.33
C LEU C 320 11.56 11.18 27.27
N ILE C 321 12.64 10.59 26.73
CA ILE C 321 13.76 10.26 27.58
C ILE C 321 14.58 11.53 27.85
N ASP C 322 14.65 12.47 26.91
CA ASP C 322 15.24 13.79 27.19
C ASP C 322 14.52 14.45 28.37
N MET C 323 13.18 14.34 28.40
CA MET C 323 12.40 14.97 29.44
C MET C 323 12.64 14.22 30.76
N ALA C 324 12.78 12.88 30.72
CA ALA C 324 13.14 12.13 31.91
C ALA C 324 14.45 12.64 32.50
N GLN C 325 15.48 12.80 31.67
CA GLN C 325 16.77 13.25 32.18
C GLN C 325 16.65 14.67 32.70
N TYR C 326 15.86 15.52 32.04
CA TYR C 326 15.79 16.91 32.46
C TYR C 326 15.09 17.05 33.82
N ILE C 327 13.97 16.34 34.03
CA ILE C 327 13.20 16.55 35.24
C ILE C 327 13.84 15.84 36.43
N ALA C 328 14.72 14.87 36.17
CA ALA C 328 15.47 14.27 37.25
C ALA C 328 16.45 15.30 37.84
N PRO D 2 -25.01 15.36 -33.55
CA PRO D 2 -24.09 15.37 -32.44
C PRO D 2 -22.74 15.96 -32.86
N ILE D 3 -22.02 16.41 -31.85
CA ILE D 3 -20.68 16.90 -32.07
C ILE D 3 -19.77 15.69 -32.24
N ARG D 4 -18.97 15.71 -33.32
CA ARG D 4 -18.16 14.57 -33.67
C ARG D 4 -16.76 14.81 -33.11
N ILE D 5 -16.32 13.90 -32.24
CA ILE D 5 -15.01 14.00 -31.62
C ILE D 5 -14.15 12.77 -31.90
N ALA D 6 -12.84 12.98 -31.79
CA ALA D 6 -11.89 11.90 -31.84
C ALA D 6 -11.00 12.00 -30.62
N ILE D 7 -10.61 10.85 -30.08
CA ILE D 7 -9.76 10.77 -28.92
C ILE D 7 -8.42 10.21 -29.37
N ASN D 8 -7.38 11.00 -29.13
CA ASN D 8 -6.00 10.59 -29.46
C ASN D 8 -5.29 10.17 -28.17
N GLY D 9 -5.01 8.88 -28.05
CA GLY D 9 -4.31 8.34 -26.90
C GLY D 9 -5.27 7.65 -25.95
N THR D 10 -4.88 6.44 -25.51
CA THR D 10 -5.68 5.62 -24.61
C THR D 10 -4.89 5.17 -23.38
N GLY D 11 -4.16 6.13 -22.81
CA GLY D 11 -3.76 6.06 -21.42
C GLY D 11 -4.97 6.31 -20.52
N ARG D 12 -4.71 6.55 -19.24
CA ARG D 12 -5.76 6.73 -18.24
C ARG D 12 -6.73 7.85 -18.64
N ILE D 13 -6.23 8.98 -19.09
CA ILE D 13 -7.09 10.10 -19.39
C ILE D 13 -7.94 9.82 -20.64
N GLY D 14 -7.30 9.28 -21.68
CA GLY D 14 -8.02 8.92 -22.90
C GLY D 14 -9.14 7.91 -22.61
N LEU D 15 -8.84 6.90 -21.79
CA LEU D 15 -9.81 5.86 -21.48
C LEU D 15 -11.01 6.47 -20.77
N CYS D 16 -10.73 7.34 -19.79
N CYS D 16 -10.74 7.33 -19.78
CA CYS D 16 -11.79 7.99 -19.02
CA CYS D 16 -11.80 8.00 -19.03
C CYS D 16 -12.60 8.92 -19.91
C CYS D 16 -12.61 8.91 -19.93
N ALA D 17 -11.93 9.63 -20.83
CA ALA D 17 -12.63 10.48 -21.79
C ALA D 17 -13.59 9.66 -22.69
N ILE D 18 -13.13 8.49 -23.15
CA ILE D 18 -13.96 7.60 -23.95
C ILE D 18 -15.23 7.28 -23.16
N ARG D 19 -15.05 6.88 -21.89
N ARG D 19 -15.04 6.86 -21.90
CA ARG D 19 -16.20 6.43 -21.09
CA ARG D 19 -16.17 6.44 -21.07
C ARG D 19 -17.15 7.60 -20.86
C ARG D 19 -17.14 7.60 -20.88
N VAL D 20 -16.60 8.77 -20.52
CA VAL D 20 -17.43 9.94 -20.28
C VAL D 20 -18.16 10.35 -21.57
N ALA D 21 -17.40 10.52 -22.66
CA ALA D 21 -18.00 11.01 -23.90
C ALA D 21 -19.10 10.06 -24.40
N SER D 22 -18.93 8.75 -24.15
CA SER D 22 -19.87 7.75 -24.65
C SER D 22 -21.24 7.96 -24.02
N GLN D 23 -21.29 8.64 -22.88
CA GLN D 23 -22.55 8.83 -22.15
C GLN D 23 -23.22 10.17 -22.40
N ARG D 24 -22.64 11.01 -23.26
CA ARG D 24 -23.21 12.31 -23.57
C ARG D 24 -24.00 12.22 -24.85
N LYS D 25 -25.33 12.47 -24.78
CA LYS D 25 -26.21 12.28 -25.94
C LYS D 25 -25.90 13.19 -27.13
N ASP D 26 -25.25 14.36 -26.92
N ASP D 26 -25.21 14.32 -26.89
CA ASP D 26 -24.98 15.24 -28.04
CA ASP D 26 -24.92 15.30 -27.93
C ASP D 26 -23.52 15.14 -28.49
C ASP D 26 -23.52 15.13 -28.50
N ILE D 27 -22.82 14.07 -28.09
CA ILE D 27 -21.48 13.76 -28.59
C ILE D 27 -21.55 12.46 -29.39
N GLU D 28 -20.76 12.41 -30.48
CA GLU D 28 -20.45 11.15 -31.14
C GLU D 28 -18.92 11.03 -31.23
N ILE D 29 -18.37 9.98 -30.61
CA ILE D 29 -16.97 9.60 -30.82
C ILE D 29 -16.90 8.90 -32.16
N VAL D 30 -16.23 9.53 -33.13
CA VAL D 30 -16.10 8.99 -34.48
C VAL D 30 -14.79 8.22 -34.64
N ALA D 31 -13.82 8.46 -33.76
CA ALA D 31 -12.52 7.78 -33.91
C ALA D 31 -11.75 7.82 -32.61
N ILE D 32 -11.02 6.72 -32.35
CA ILE D 32 -10.02 6.59 -31.30
C ILE D 32 -8.71 6.16 -31.96
N ASN D 33 -7.64 6.86 -31.62
CA ASN D 33 -6.31 6.44 -32.02
C ASN D 33 -5.56 5.94 -30.78
N SER D 34 -5.03 4.71 -30.86
CA SER D 34 -4.46 4.00 -29.73
C SER D 34 -3.20 3.28 -30.19
N THR D 35 -2.19 3.19 -29.31
CA THR D 35 -1.05 2.32 -29.55
C THR D 35 -1.40 0.86 -29.29
N ALA D 36 -2.53 0.59 -28.64
CA ALA D 36 -2.94 -0.77 -28.34
C ALA D 36 -3.60 -1.40 -29.55
N GLU D 37 -3.42 -2.71 -29.68
CA GLU D 37 -4.23 -3.48 -30.61
C GLU D 37 -5.69 -3.37 -30.18
N LEU D 38 -6.58 -3.54 -31.17
CA LEU D 38 -8.01 -3.34 -31.01
C LEU D 38 -8.58 -4.15 -29.84
N GLU D 39 -8.21 -5.43 -29.75
CA GLU D 39 -8.76 -6.31 -28.73
C GLU D 39 -8.27 -5.90 -27.35
N THR D 40 -7.02 -5.41 -27.24
CA THR D 40 -6.49 -4.88 -25.99
C THR D 40 -7.25 -3.61 -25.59
N LEU D 41 -7.49 -2.72 -26.55
CA LEU D 41 -8.21 -1.47 -26.33
C LEU D 41 -9.59 -1.79 -25.74
N LEU D 42 -10.29 -2.73 -26.35
CA LEU D 42 -11.63 -3.10 -25.90
C LEU D 42 -11.57 -3.63 -24.47
N HIS D 43 -10.56 -4.45 -24.18
CA HIS D 43 -10.34 -4.95 -22.83
C HIS D 43 -10.15 -3.81 -21.82
N LEU D 44 -9.26 -2.86 -22.15
CA LEU D 44 -9.00 -1.75 -21.26
C LEU D 44 -10.22 -0.86 -21.02
N ILE D 45 -11.05 -0.66 -22.03
CA ILE D 45 -12.29 0.11 -21.88
C ILE D 45 -13.25 -0.64 -20.96
N ARG D 46 -13.38 -1.96 -21.16
CA ARG D 46 -14.30 -2.77 -20.38
C ARG D 46 -13.92 -2.91 -18.91
N HIS D 47 -12.61 -3.10 -18.61
CA HIS D 47 -12.15 -3.52 -17.30
C HIS D 47 -11.17 -2.52 -16.71
N ASP D 48 -11.51 -1.96 -15.56
CA ASP D 48 -10.73 -0.86 -15.02
C ASP D 48 -10.51 -1.11 -13.54
N SER D 49 -9.23 -1.07 -13.11
CA SER D 49 -8.90 -1.39 -11.72
C SER D 49 -9.58 -0.41 -10.75
N VAL D 50 -9.90 0.82 -11.18
CA VAL D 50 -10.44 1.81 -10.26
C VAL D 50 -11.92 2.11 -10.54
N HIS D 51 -12.32 2.23 -11.82
CA HIS D 51 -13.66 2.68 -12.16
C HIS D 51 -14.60 1.53 -12.48
N GLY D 52 -14.11 0.28 -12.48
CA GLY D 52 -15.00 -0.85 -12.58
C GLY D 52 -15.27 -1.23 -14.03
N HIS D 53 -16.29 -2.08 -14.22
N HIS D 53 -16.28 -2.10 -14.24
CA HIS D 53 -16.63 -2.68 -15.51
CA HIS D 53 -16.53 -2.70 -15.54
C HIS D 53 -17.44 -1.69 -16.34
C HIS D 53 -17.51 -1.84 -16.34
N PHE D 54 -17.29 -1.77 -17.67
CA PHE D 54 -18.06 -0.91 -18.56
C PHE D 54 -18.48 -1.69 -19.80
N GLU D 55 -19.71 -1.44 -20.28
CA GLU D 55 -20.25 -2.06 -21.48
C GLU D 55 -19.62 -1.44 -22.76
N ALA D 56 -19.04 -2.31 -23.58
CA ALA D 56 -18.47 -1.94 -24.88
C ALA D 56 -18.47 -3.19 -25.75
N GLN D 57 -18.72 -3.02 -27.04
CA GLN D 57 -18.78 -4.14 -27.98
C GLN D 57 -18.07 -3.78 -29.28
N LEU D 58 -17.59 -4.82 -29.99
CA LEU D 58 -17.09 -4.67 -31.34
C LEU D 58 -18.23 -4.94 -32.32
N ASN D 59 -18.41 -4.03 -33.27
CA ASN D 59 -19.31 -4.25 -34.40
C ASN D 59 -18.68 -5.24 -35.39
N ALA D 60 -19.54 -5.84 -36.23
CA ALA D 60 -19.10 -6.75 -37.29
C ALA D 60 -18.01 -6.12 -38.16
N ASP D 61 -18.09 -4.81 -38.40
CA ASP D 61 -17.14 -4.09 -39.22
C ASP D 61 -15.90 -3.60 -38.45
N ARG D 62 -15.79 -4.02 -37.18
N ARG D 62 -15.74 -4.03 -37.19
CA ARG D 62 -14.62 -3.84 -36.32
CA ARG D 62 -14.54 -3.81 -36.39
C ARG D 62 -14.53 -2.41 -35.78
C ARG D 62 -14.53 -2.41 -35.75
N THR D 63 -15.57 -1.61 -35.95
CA THR D 63 -15.70 -0.38 -35.19
C THR D 63 -16.17 -0.75 -33.79
N LEU D 64 -15.96 0.16 -32.85
CA LEU D 64 -16.40 0.01 -31.49
C LEU D 64 -17.80 0.61 -31.32
N ASN D 65 -18.53 0.06 -30.36
CA ASN D 65 -19.91 0.47 -30.08
C ASN D 65 -20.01 0.68 -28.58
N ILE D 66 -20.09 1.94 -28.15
CA ILE D 66 -20.05 2.27 -26.73
C ILE D 66 -21.08 3.38 -26.49
N GLY D 67 -22.14 3.06 -25.76
CA GLY D 67 -23.10 4.08 -25.40
C GLY D 67 -23.74 4.72 -26.63
N HIS D 68 -23.71 6.07 -26.65
CA HIS D 68 -24.23 6.85 -27.77
C HIS D 68 -23.34 6.80 -29.01
N SER D 69 -22.11 6.31 -28.86
CA SER D 69 -21.16 6.24 -29.96
C SER D 69 -21.11 4.82 -30.52
N LYS D 70 -21.86 4.59 -31.59
CA LYS D 70 -22.14 3.24 -32.04
C LYS D 70 -21.26 2.81 -33.20
N ASN D 71 -20.37 3.69 -33.67
CA ASN D 71 -19.63 3.46 -34.91
C ASN D 71 -18.21 4.05 -34.82
N ILE D 72 -17.43 3.65 -33.82
CA ILE D 72 -16.16 4.31 -33.53
C ILE D 72 -15.03 3.66 -34.34
N LEU D 73 -14.43 4.44 -35.25
CA LEU D 73 -13.28 3.94 -36.01
C LEU D 73 -12.09 3.84 -35.07
N VAL D 74 -11.33 2.75 -35.15
CA VAL D 74 -10.15 2.58 -34.32
C VAL D 74 -8.91 2.65 -35.21
N LEU D 75 -8.01 3.57 -34.85
CA LEU D 75 -6.77 3.79 -35.58
C LEU D 75 -5.61 3.41 -34.68
N SER D 76 -4.43 3.26 -35.33
CA SER D 76 -3.19 2.98 -34.63
C SER D 76 -2.04 3.59 -35.43
N GLU D 77 -2.03 4.93 -35.46
CA GLU D 77 -0.98 5.67 -36.15
C GLU D 77 -0.27 6.60 -35.16
N ARG D 78 1.04 6.34 -34.95
CA ARG D 78 1.87 7.08 -34.01
C ARG D 78 2.29 8.43 -34.60
N ASP D 79 2.34 8.54 -35.93
CA ASP D 79 2.83 9.75 -36.58
C ASP D 79 1.69 10.73 -36.82
N ILE D 80 1.70 11.84 -36.09
CA ILE D 80 0.61 12.80 -36.13
C ILE D 80 0.43 13.35 -37.54
N ASN D 81 1.50 13.38 -38.35
CA ASN D 81 1.41 13.94 -39.69
C ASN D 81 0.68 12.98 -40.64
N LYS D 82 0.70 11.68 -40.36
CA LYS D 82 -0.02 10.71 -41.17
C LYS D 82 -1.45 10.51 -40.65
N LEU D 83 -1.66 10.65 -39.34
CA LEU D 83 -2.97 10.48 -38.72
C LEU D 83 -3.99 11.42 -39.36
N ASP D 84 -5.11 10.87 -39.83
CA ASP D 84 -6.09 11.66 -40.57
C ASP D 84 -7.49 11.52 -39.97
N PHE D 85 -7.75 12.31 -38.93
CA PHE D 85 -9.06 12.31 -38.28
C PHE D 85 -10.13 12.95 -39.16
N SER D 86 -9.72 13.78 -40.15
CA SER D 86 -10.69 14.40 -41.04
C SER D 86 -11.42 13.30 -41.84
N ALA D 87 -10.74 12.18 -42.13
CA ALA D 87 -11.41 11.09 -42.85
C ALA D 87 -12.55 10.46 -42.05
N ALA D 88 -12.53 10.61 -40.73
CA ALA D 88 -13.63 10.14 -39.90
C ALA D 88 -14.64 11.25 -39.60
N ASN D 89 -14.45 12.42 -40.21
CA ASN D 89 -15.29 13.60 -39.98
C ASN D 89 -15.27 14.05 -38.53
N ALA D 90 -14.11 13.95 -37.89
CA ALA D 90 -13.94 14.46 -36.53
C ALA D 90 -13.88 15.97 -36.58
N GLU D 91 -14.60 16.62 -35.67
CA GLU D 91 -14.59 18.07 -35.56
C GLU D 91 -13.64 18.52 -34.45
N ILE D 92 -13.68 17.82 -33.31
CA ILE D 92 -12.91 18.18 -32.13
C ILE D 92 -12.00 17.01 -31.77
N ILE D 93 -10.69 17.28 -31.66
CA ILE D 93 -9.75 16.28 -31.22
C ILE D 93 -9.50 16.46 -29.73
N ILE D 94 -9.64 15.38 -28.95
CA ILE D 94 -9.25 15.37 -27.56
C ILE D 94 -7.86 14.73 -27.48
N GLU D 95 -6.83 15.56 -27.22
CA GLU D 95 -5.43 15.15 -27.38
C GLU D 95 -4.90 14.71 -26.02
N CYS D 96 -4.76 13.39 -25.89
CA CYS D 96 -4.55 12.70 -24.63
C CYS D 96 -3.28 11.86 -24.63
N THR D 97 -2.35 12.07 -25.57
CA THR D 97 -1.14 11.22 -25.64
C THR D 97 -0.02 11.70 -24.73
N GLY D 98 -0.01 13.00 -24.43
CA GLY D 98 1.12 13.58 -23.72
C GLY D 98 2.35 13.83 -24.59
N LYS D 99 2.28 13.59 -25.91
CA LYS D 99 3.45 13.72 -26.78
C LYS D 99 3.44 15.03 -27.55
N PHE D 100 2.32 15.76 -27.50
CA PHE D 100 2.10 16.96 -28.28
C PHE D 100 1.58 18.10 -27.40
N ASN D 101 2.09 18.25 -26.17
CA ASN D 101 1.53 19.23 -25.22
C ASN D 101 2.12 20.63 -25.46
N SER D 102 1.90 21.16 -26.68
CA SER D 102 2.28 22.51 -27.04
C SER D 102 1.39 22.97 -28.18
N LEU D 103 1.28 24.29 -28.35
CA LEU D 103 0.51 24.87 -29.45
C LEU D 103 1.01 24.35 -30.78
N GLU D 104 2.35 24.42 -30.98
CA GLU D 104 2.94 24.04 -32.25
C GLU D 104 2.70 22.55 -32.52
N ALA D 105 2.91 21.68 -31.54
CA ALA D 105 2.82 20.25 -31.80
C ALA D 105 1.38 19.85 -32.13
N SER D 106 0.45 20.29 -31.28
CA SER D 106 -0.94 19.90 -31.44
C SER D 106 -1.61 20.55 -32.67
N SER D 107 -1.04 21.65 -33.17
CA SER D 107 -1.61 22.28 -34.35
C SER D 107 -1.56 21.36 -35.57
N ALA D 108 -0.70 20.34 -35.54
CA ALA D 108 -0.58 19.39 -36.62
C ALA D 108 -1.87 18.59 -36.83
N HIS D 109 -2.74 18.58 -35.82
CA HIS D 109 -4.04 17.93 -35.95
C HIS D 109 -5.01 18.71 -36.84
N LEU D 110 -4.73 19.98 -37.09
CA LEU D 110 -5.70 20.90 -37.69
C LEU D 110 -5.67 20.75 -39.21
N LYS D 111 -6.16 19.59 -39.66
CA LYS D 111 -6.11 19.25 -41.07
C LYS D 111 -7.51 19.17 -41.65
N ASN D 112 -7.65 19.77 -42.82
CA ASN D 112 -8.86 19.66 -43.61
C ASN D 112 -10.05 20.00 -42.74
N SER D 113 -10.97 19.04 -42.50
CA SER D 113 -12.24 19.37 -41.88
C SER D 113 -12.16 19.48 -40.35
N VAL D 114 -11.03 19.11 -39.73
CA VAL D 114 -10.90 19.19 -38.27
C VAL D 114 -10.97 20.66 -37.82
N LYS D 115 -11.77 20.91 -36.78
CA LYS D 115 -12.05 22.29 -36.36
C LYS D 115 -11.22 22.75 -35.17
N LYS D 116 -11.05 21.88 -34.17
N LYS D 116 -10.97 21.84 -34.22
CA LYS D 116 -10.50 22.27 -32.88
CA LYS D 116 -10.56 22.24 -32.89
C LYS D 116 -9.71 21.12 -32.26
C LYS D 116 -9.75 21.13 -32.22
N VAL D 117 -8.80 21.49 -31.34
CA VAL D 117 -8.07 20.58 -30.49
C VAL D 117 -8.17 21.04 -29.04
N ILE D 118 -8.49 20.10 -28.14
CA ILE D 118 -8.41 20.28 -26.69
C ILE D 118 -7.36 19.31 -26.14
N ILE D 119 -6.30 19.91 -25.56
CA ILE D 119 -5.21 19.14 -25.00
C ILE D 119 -5.56 18.83 -23.55
N SER D 120 -5.51 17.55 -23.17
CA SER D 120 -5.81 17.05 -21.84
C SER D 120 -4.63 17.16 -20.87
N ALA D 121 -3.95 18.32 -20.87
CA ALA D 121 -2.82 18.59 -20.02
C ALA D 121 -2.45 20.06 -20.20
N PRO D 122 -1.68 20.64 -19.26
CA PRO D 122 -1.03 21.91 -19.53
C PRO D 122 -0.21 21.80 -20.83
N ALA D 123 -0.18 22.88 -21.62
CA ALA D 123 0.50 22.88 -22.91
C ALA D 123 1.23 24.20 -23.12
N GLN D 124 2.49 24.13 -23.57
CA GLN D 124 3.26 25.35 -23.76
C GLN D 124 2.58 26.28 -24.78
N ASN D 125 2.52 27.58 -24.45
CA ASN D 125 2.05 28.62 -25.38
C ASN D 125 0.59 28.43 -25.81
N THR D 126 -0.19 27.70 -25.01
CA THR D 126 -1.52 27.34 -25.45
C THR D 126 -2.54 28.03 -24.55
N PRO D 127 -3.56 28.70 -25.15
CA PRO D 127 -4.68 29.24 -24.36
C PRO D 127 -5.28 28.15 -23.48
N THR D 128 -5.47 28.47 -22.20
CA THR D 128 -5.84 27.48 -21.20
C THR D 128 -7.15 27.89 -20.58
N PHE D 129 -8.03 26.89 -20.45
CA PHE D 129 -9.35 27.11 -19.91
C PHE D 129 -9.72 26.04 -18.88
N VAL D 130 -10.40 26.46 -17.81
CA VAL D 130 -10.99 25.57 -16.84
C VAL D 130 -12.49 25.85 -16.85
N TYR D 131 -13.29 24.82 -17.16
CA TYR D 131 -14.75 24.95 -17.22
C TYR D 131 -15.28 25.40 -15.85
N GLY D 132 -16.07 26.48 -15.87
CA GLY D 132 -16.61 27.07 -14.65
C GLY D 132 -15.79 28.26 -14.17
N VAL D 133 -14.54 28.38 -14.64
CA VAL D 133 -13.63 29.40 -14.15
C VAL D 133 -13.46 30.49 -15.20
N ASN D 134 -12.96 30.14 -16.39
CA ASN D 134 -12.74 31.13 -17.43
C ASN D 134 -13.18 30.63 -18.81
N HIS D 135 -13.99 29.57 -18.94
CA HIS D 135 -14.38 29.10 -20.26
C HIS D 135 -15.18 30.13 -21.07
N LYS D 136 -15.95 31.01 -20.39
CA LYS D 136 -16.68 32.06 -21.10
C LYS D 136 -15.75 33.09 -21.75
N ASN D 137 -14.47 33.11 -21.41
CA ASN D 137 -13.50 33.94 -22.12
C ASN D 137 -13.02 33.33 -23.44
N TYR D 138 -13.42 32.08 -23.73
CA TYR D 138 -13.06 31.44 -24.96
C TYR D 138 -13.49 32.31 -26.15
N HIS D 139 -12.61 32.46 -27.14
CA HIS D 139 -12.86 33.35 -28.27
C HIS D 139 -12.40 32.66 -29.56
N ASN D 140 -12.88 31.43 -29.80
CA ASN D 140 -12.77 30.71 -31.06
C ASN D 140 -11.36 30.17 -31.30
N GLU D 141 -10.54 30.10 -30.26
CA GLU D 141 -9.19 29.56 -30.42
C GLU D 141 -9.24 28.14 -30.95
N SER D 142 -8.32 27.82 -31.86
CA SER D 142 -8.42 26.54 -32.51
C SER D 142 -7.76 25.41 -31.68
N VAL D 143 -6.81 25.77 -30.80
CA VAL D 143 -6.08 24.83 -29.95
C VAL D 143 -6.06 25.36 -28.52
N ILE D 144 -6.65 24.61 -27.58
CA ILE D 144 -6.72 25.00 -26.19
C ILE D 144 -6.25 23.85 -25.29
N SER D 145 -5.88 24.20 -24.06
CA SER D 145 -5.52 23.31 -22.97
C SER D 145 -6.64 23.32 -21.91
N ASN D 146 -6.91 22.14 -21.35
CA ASN D 146 -7.84 21.97 -20.24
C ASN D 146 -7.12 21.99 -18.89
N ALA D 147 -5.87 22.48 -18.85
CA ALA D 147 -5.06 22.58 -17.63
C ALA D 147 -4.83 21.18 -17.05
N SER D 148 -4.67 21.10 -15.71
CA SER D 148 -4.42 19.86 -14.98
C SER D 148 -5.60 19.54 -14.07
N CYS D 149 -5.62 18.31 -13.52
CA CYS D 149 -6.65 17.93 -12.58
C CYS D 149 -6.56 18.79 -11.32
N THR D 150 -5.33 19.15 -10.91
CA THR D 150 -5.11 19.94 -9.70
C THR D 150 -5.68 21.35 -9.89
N THR D 151 -5.43 21.99 -11.05
CA THR D 151 -5.95 23.32 -11.33
C THR D 151 -7.47 23.28 -11.43
N ASN D 152 -8.03 22.23 -12.04
N ASN D 152 -7.95 22.18 -12.01
CA ASN D 152 -9.48 22.15 -12.17
CA ASN D 152 -9.36 21.93 -12.20
C ASN D 152 -10.14 22.07 -10.80
C ASN D 152 -10.11 21.97 -10.87
N ALA D 153 -9.45 21.54 -9.79
CA ALA D 153 -10.02 21.52 -8.45
C ALA D 153 -9.80 22.85 -7.72
N SER D 154 -8.58 23.39 -7.81
N SER D 154 -8.61 23.43 -7.81
CA SER D 154 -8.18 24.58 -7.08
CA SER D 154 -8.29 24.59 -7.01
C SER D 154 -8.91 25.83 -7.60
C SER D 154 -8.87 25.88 -7.58
N ALA D 155 -8.93 26.01 -8.92
CA ALA D 155 -9.32 27.27 -9.52
C ALA D 155 -10.79 27.59 -9.25
N PRO D 156 -11.75 26.63 -9.36
CA PRO D 156 -13.12 26.99 -9.01
C PRO D 156 -13.24 27.50 -7.58
N LEU D 157 -12.54 26.85 -6.65
CA LEU D 157 -12.66 27.24 -5.25
C LEU D 157 -12.08 28.65 -5.06
N LEU D 158 -10.93 28.93 -5.69
CA LEU D 158 -10.37 30.26 -5.57
C LEU D 158 -11.34 31.31 -6.10
N LYS D 159 -11.97 31.03 -7.24
CA LYS D 159 -12.90 31.97 -7.85
C LYS D 159 -14.11 32.23 -6.95
N ILE D 160 -14.72 31.17 -6.41
CA ILE D 160 -15.88 31.35 -5.52
C ILE D 160 -15.48 32.24 -4.35
N LEU D 161 -14.35 31.90 -3.72
CA LEU D 161 -13.99 32.52 -2.45
C LEU D 161 -13.53 33.97 -2.66
N ASP D 162 -12.89 34.21 -3.81
CA ASP D 162 -12.46 35.54 -4.20
C ASP D 162 -13.68 36.43 -4.44
N GLU D 163 -14.67 35.90 -5.16
CA GLU D 163 -15.85 36.69 -5.47
C GLU D 163 -16.59 37.03 -4.18
N ALA D 164 -16.51 36.15 -3.20
CA ALA D 164 -17.28 36.33 -1.98
C ALA D 164 -16.56 37.24 -0.98
N PHE D 165 -15.23 37.07 -0.84
CA PHE D 165 -14.51 37.70 0.27
C PHE D 165 -13.23 38.46 -0.15
N LYS D 166 -12.83 38.35 -1.42
CA LYS D 166 -11.64 38.95 -2.03
C LYS D 166 -10.36 38.30 -1.50
N VAL D 167 -9.76 37.43 -2.32
CA VAL D 167 -8.50 36.81 -1.94
C VAL D 167 -7.37 37.87 -1.96
N GLU D 168 -6.70 38.03 -0.82
CA GLU D 168 -5.48 38.82 -0.75
C GLU D 168 -4.25 37.92 -1.04
N ASN D 169 -4.22 36.76 -0.39
CA ASN D 169 -3.22 35.74 -0.66
C ASN D 169 -3.77 34.34 -0.36
N ALA D 170 -3.19 33.31 -0.99
CA ALA D 170 -3.49 31.93 -0.64
C ALA D 170 -2.30 31.01 -0.84
N LEU D 171 -2.27 29.98 0.01
CA LEU D 171 -1.30 28.89 -0.05
C LEU D 171 -2.06 27.60 -0.27
N LEU D 172 -1.65 26.82 -1.28
CA LEU D 172 -2.34 25.60 -1.66
C LEU D 172 -1.41 24.40 -1.50
N THR D 173 -1.90 23.36 -0.81
CA THR D 173 -1.23 22.07 -0.81
C THR D 173 -2.14 21.07 -1.49
N THR D 174 -1.64 20.40 -2.51
CA THR D 174 -2.36 19.30 -3.10
C THR D 174 -1.80 18.00 -2.51
N ILE D 175 -2.69 17.16 -2.01
CA ILE D 175 -2.35 15.82 -1.55
C ILE D 175 -2.74 14.92 -2.71
N HIS D 176 -1.72 14.49 -3.47
CA HIS D 176 -1.88 13.94 -4.80
C HIS D 176 -1.73 12.42 -4.71
N SER D 177 -2.79 11.71 -5.01
CA SER D 177 -2.85 10.27 -4.86
C SER D 177 -2.29 9.62 -6.11
N TYR D 178 -1.18 8.92 -5.97
CA TYR D 178 -0.41 8.53 -7.15
C TYR D 178 -0.45 7.01 -7.40
N THR D 179 -1.22 6.21 -6.64
CA THR D 179 -1.16 4.77 -6.81
C THR D 179 -1.47 4.35 -8.26
N ASN D 180 -2.41 5.04 -8.95
CA ASN D 180 -2.77 4.65 -10.32
C ASN D 180 -2.27 5.69 -11.34
N ASP D 181 -1.32 6.53 -10.92
CA ASP D 181 -0.89 7.67 -11.71
C ASP D 181 0.56 7.42 -12.17
N ASP D 191 14.50 17.56 -10.70
CA ASP D 191 13.87 17.13 -9.41
C ASP D 191 14.37 15.75 -9.00
N ILE D 192 15.35 15.69 -8.09
CA ILE D 192 15.98 14.44 -7.70
C ILE D 192 14.99 13.50 -7.00
N ARG D 193 13.93 14.03 -6.42
CA ARG D 193 13.00 13.16 -5.70
C ARG D 193 12.29 12.22 -6.67
N ARG D 194 12.22 12.62 -7.93
CA ARG D 194 11.63 11.80 -8.98
C ARG D 194 12.53 10.62 -9.36
N ALA D 195 13.82 10.63 -9.02
CA ALA D 195 14.74 9.58 -9.46
C ALA D 195 14.67 8.33 -8.57
N ARG D 196 14.02 8.48 -7.43
CA ARG D 196 13.85 7.42 -6.44
C ARG D 196 12.62 6.62 -6.87
N ALA D 197 12.55 5.33 -6.54
CA ALA D 197 11.25 4.67 -6.55
C ALA D 197 10.26 5.51 -5.74
N ALA D 198 9.05 5.71 -6.30
CA ALA D 198 7.97 6.29 -5.51
C ALA D 198 7.80 5.42 -4.27
N GLY D 199 7.64 4.08 -4.46
CA GLY D 199 7.54 3.16 -3.34
C GLY D 199 6.27 3.48 -2.54
N LEU D 200 6.38 3.51 -1.22
CA LEU D 200 5.28 3.98 -0.38
C LEU D 200 5.68 5.30 0.29
N ASN D 201 6.49 6.12 -0.40
CA ASN D 201 6.95 7.40 0.12
C ASN D 201 5.91 8.51 -0.03
N LEU D 202 5.92 9.42 0.94
CA LEU D 202 5.40 10.76 0.76
C LEU D 202 6.49 11.57 0.05
N ILE D 203 6.10 12.24 -1.03
CA ILE D 203 7.05 12.99 -1.88
C ILE D 203 6.53 14.41 -2.10
N PRO D 204 7.19 15.43 -1.50
CA PRO D 204 6.90 16.82 -1.80
C PRO D 204 7.43 17.19 -3.19
N THR D 205 6.65 17.96 -3.92
N THR D 205 6.66 18.02 -3.89
CA THR D 205 7.11 18.46 -5.19
CA THR D 205 6.88 18.36 -5.29
C THR D 205 6.54 19.83 -5.44
C THR D 205 6.47 19.81 -5.54
N SER D 206 7.36 20.67 -6.07
CA SER D 206 6.94 21.96 -6.60
C SER D 206 6.15 21.70 -7.86
N THR D 207 5.09 22.48 -8.09
CA THR D 207 4.16 22.20 -9.17
C THR D 207 3.77 23.45 -9.94
N GLY D 208 4.48 24.57 -9.71
CA GLY D 208 4.22 25.79 -10.47
C GLY D 208 2.77 26.27 -10.35
N VAL D 209 2.21 26.22 -9.14
CA VAL D 209 0.85 26.62 -8.84
C VAL D 209 0.52 28.04 -9.26
N SER D 210 1.40 28.98 -8.93
CA SER D 210 1.15 30.37 -9.25
C SER D 210 0.95 30.56 -10.75
N LYS D 211 1.88 30.04 -11.57
CA LYS D 211 1.78 30.16 -13.00
C LYS D 211 0.52 29.47 -13.52
N ALA D 212 0.20 28.31 -12.95
CA ALA D 212 -0.92 27.53 -13.43
C ALA D 212 -2.22 28.30 -13.18
N ILE D 213 -2.36 28.87 -11.97
CA ILE D 213 -3.55 29.65 -11.62
C ILE D 213 -3.63 30.92 -12.49
N SER D 214 -2.48 31.55 -12.76
CA SER D 214 -2.39 32.75 -13.57
C SER D 214 -3.00 32.55 -14.94
N LEU D 215 -2.95 31.33 -15.48
CA LEU D 215 -3.47 31.11 -16.81
C LEU D 215 -4.99 31.26 -16.86
N VAL D 216 -5.69 30.93 -15.78
CA VAL D 216 -7.14 30.91 -15.81
C VAL D 216 -7.76 31.97 -14.91
N LEU D 217 -7.00 32.44 -13.91
CA LEU D 217 -7.41 33.53 -13.03
C LEU D 217 -6.24 34.51 -12.94
N PRO D 218 -5.99 35.30 -14.01
CA PRO D 218 -4.77 36.12 -14.06
C PRO D 218 -4.63 37.10 -12.91
N HIS D 219 -5.76 37.57 -12.36
CA HIS D 219 -5.75 38.50 -11.23
C HIS D 219 -5.38 37.81 -9.93
N LEU D 220 -5.48 36.47 -9.82
CA LEU D 220 -5.16 35.76 -8.59
C LEU D 220 -3.80 35.05 -8.64
N GLY D 221 -3.34 34.67 -9.81
CA GLY D 221 -2.13 33.86 -9.89
C GLY D 221 -0.99 34.47 -9.08
N PRO D 222 -0.73 35.78 -9.22
CA PRO D 222 0.35 36.43 -8.49
C PRO D 222 0.22 36.46 -6.98
N LYS D 223 -1.00 36.15 -6.52
CA LYS D 223 -1.30 36.17 -5.10
C LYS D 223 -1.38 34.80 -4.48
N VAL D 224 -1.12 33.72 -5.25
CA VAL D 224 -1.21 32.38 -4.69
C VAL D 224 0.08 31.61 -5.00
N THR D 225 0.43 30.67 -4.13
CA THR D 225 1.45 29.69 -4.46
C THR D 225 1.12 28.42 -3.69
N GLY D 226 1.91 27.38 -3.92
CA GLY D 226 1.76 26.18 -3.14
C GLY D 226 2.59 25.06 -3.74
N LEU D 227 2.25 23.84 -3.35
CA LEU D 227 3.04 22.67 -3.67
C LEU D 227 2.13 21.45 -3.63
N ALA D 228 2.70 20.30 -3.97
CA ALA D 228 2.06 19.01 -3.84
C ALA D 228 2.84 18.09 -2.92
N ILE D 229 2.08 17.18 -2.28
CA ILE D 229 2.62 16.07 -1.56
C ILE D 229 2.03 14.82 -2.20
N ARG D 230 2.89 14.02 -2.82
CA ARG D 230 2.45 12.79 -3.46
C ARG D 230 2.34 11.71 -2.40
N VAL D 231 1.20 11.01 -2.41
CA VAL D 231 0.87 10.00 -1.42
C VAL D 231 0.41 8.74 -2.16
N PRO D 232 0.77 7.53 -1.65
CA PRO D 232 0.45 6.27 -2.30
C PRO D 232 -0.94 5.77 -1.96
N THR D 233 -1.95 6.54 -2.35
CA THR D 233 -3.33 6.12 -2.27
C THR D 233 -3.90 6.23 -3.67
N PRO D 234 -5.02 5.55 -3.99
CA PRO D 234 -5.57 5.51 -5.36
C PRO D 234 -6.60 6.57 -5.74
N ASN D 235 -6.25 7.37 -6.75
CA ASN D 235 -7.17 8.19 -7.53
C ASN D 235 -7.64 9.42 -6.77
N VAL D 236 -8.16 9.28 -5.56
CA VAL D 236 -8.83 10.44 -4.99
C VAL D 236 -7.80 11.32 -4.25
N SER D 237 -7.68 12.55 -4.72
CA SER D 237 -6.77 13.54 -4.19
C SER D 237 -7.54 14.57 -3.33
N LEU D 238 -6.78 15.43 -2.65
CA LEU D 238 -7.34 16.47 -1.80
C LEU D 238 -6.55 17.75 -2.02
N VAL D 239 -7.27 18.87 -2.15
CA VAL D 239 -6.65 20.18 -2.15
C VAL D 239 -6.96 20.87 -0.83
N ASP D 240 -5.90 21.48 -0.28
CA ASP D 240 -5.88 22.14 0.99
C ASP D 240 -5.52 23.60 0.74
N LEU D 241 -6.53 24.48 0.86
CA LEU D 241 -6.36 25.91 0.62
C LEU D 241 -6.32 26.64 1.95
N SER D 242 -5.25 27.43 2.15
CA SER D 242 -5.12 28.34 3.27
C SER D 242 -5.19 29.77 2.72
N LEU D 243 -6.28 30.49 3.02
CA LEU D 243 -6.57 31.74 2.35
C LEU D 243 -6.59 32.91 3.35
N ASN D 244 -6.14 34.07 2.86
CA ASN D 244 -6.20 35.36 3.54
C ASN D 244 -7.08 36.27 2.69
N PHE D 245 -8.19 36.77 3.27
CA PHE D 245 -9.16 37.58 2.57
C PHE D 245 -9.17 39.03 3.05
N LYS D 246 -9.72 39.90 2.21
CA LYS D 246 -9.96 41.29 2.58
C LYS D 246 -11.14 41.39 3.53
N LYS D 247 -12.24 40.72 3.18
CA LYS D 247 -13.46 40.72 4.00
C LYS D 247 -13.30 39.70 5.14
N SER D 248 -13.85 40.01 6.30
CA SER D 248 -13.87 39.10 7.44
C SER D 248 -14.78 37.92 7.15
N VAL D 249 -14.41 36.76 7.72
CA VAL D 249 -15.06 35.50 7.42
C VAL D 249 -15.29 34.74 8.72
N SER D 250 -16.26 33.83 8.68
CA SER D 250 -16.51 32.86 9.73
C SER D 250 -16.67 31.51 9.06
N LYS D 251 -16.60 30.43 9.84
CA LYS D 251 -16.88 29.12 9.28
C LYS D 251 -18.23 29.14 8.55
N ALA D 252 -19.22 29.81 9.16
CA ALA D 252 -20.57 29.77 8.60
C ALA D 252 -20.62 30.54 7.28
N SER D 253 -19.91 31.69 7.21
CA SER D 253 -20.03 32.51 6.00
C SER D 253 -19.31 31.82 4.85
N VAL D 254 -18.20 31.13 5.14
CA VAL D 254 -17.48 30.40 4.12
C VAL D 254 -18.31 29.20 3.63
N GLN D 255 -18.86 28.44 4.56
CA GLN D 255 -19.78 27.35 4.22
C GLN D 255 -20.88 27.84 3.27
N HIS D 256 -21.52 28.96 3.65
CA HIS D 256 -22.61 29.51 2.86
C HIS D 256 -22.16 29.90 1.45
N ALA D 257 -21.00 30.57 1.33
CA ALA D 257 -20.54 31.01 0.02
C ALA D 257 -20.28 29.81 -0.89
N LEU D 258 -19.70 28.73 -0.36
CA LEU D 258 -19.43 27.55 -1.15
C LEU D 258 -20.72 26.82 -1.51
N LYS D 259 -21.61 26.64 -0.52
CA LYS D 259 -22.89 25.98 -0.77
C LYS D 259 -23.69 26.72 -1.85
N ASP D 260 -23.74 28.05 -1.75
CA ASP D 260 -24.48 28.83 -2.72
C ASP D 260 -23.90 28.71 -4.11
N ALA D 261 -22.57 28.70 -4.26
CA ALA D 261 -22.00 28.58 -5.58
C ALA D 261 -22.35 27.23 -6.22
N CYS D 262 -22.38 26.16 -5.42
CA CYS D 262 -22.72 24.84 -5.91
C CYS D 262 -24.16 24.76 -6.42
N LYS D 263 -25.01 25.65 -5.95
CA LYS D 263 -26.41 25.68 -6.39
C LYS D 263 -26.55 26.46 -7.68
N HIS D 264 -25.65 27.42 -7.89
CA HIS D 264 -25.79 28.43 -8.94
C HIS D 264 -24.64 28.32 -9.94
N ALA D 265 -23.67 29.25 -9.86
CA ALA D 265 -22.70 29.39 -10.92
C ALA D 265 -21.78 28.19 -11.08
N PHE D 266 -21.68 27.33 -10.06
CA PHE D 266 -20.78 26.18 -10.14
C PHE D 266 -21.55 24.85 -10.02
N LYS D 267 -22.85 24.89 -10.30
CA LYS D 267 -23.65 23.69 -10.37
C LYS D 267 -23.04 22.72 -11.38
N GLY D 268 -22.81 21.49 -10.92
CA GLY D 268 -22.28 20.44 -11.76
C GLY D 268 -20.75 20.46 -11.78
N VAL D 269 -20.11 21.45 -11.14
CA VAL D 269 -18.66 21.58 -11.18
C VAL D 269 -18.09 21.39 -9.77
N VAL D 270 -18.66 22.12 -8.80
CA VAL D 270 -18.28 22.01 -7.40
C VAL D 270 -19.46 21.41 -6.65
N SER D 271 -19.15 20.57 -5.67
CA SER D 271 -20.15 19.94 -4.80
C SER D 271 -19.70 20.10 -3.35
N ILE D 272 -20.59 19.77 -2.41
CA ILE D 272 -20.34 19.85 -0.97
C ILE D 272 -20.58 18.46 -0.38
N ASP D 273 -19.69 17.99 0.48
CA ASP D 273 -19.93 16.78 1.24
C ASP D 273 -20.31 17.16 2.65
N GLU D 274 -21.58 16.92 3.01
CA GLU D 274 -22.08 17.15 4.35
C GLU D 274 -22.25 15.83 5.12
N GLU D 275 -21.72 14.70 4.60
CA GLU D 275 -21.94 13.37 5.15
C GLU D 275 -20.71 12.78 5.82
N ARG D 276 -19.64 13.56 5.92
CA ARG D 276 -18.42 13.14 6.60
C ARG D 276 -17.87 11.84 6.00
N LEU D 277 -17.72 11.84 4.67
CA LEU D 277 -17.20 10.71 3.92
C LEU D 277 -15.69 10.75 3.87
N VAL D 278 -15.12 9.65 3.38
CA VAL D 278 -13.66 9.47 3.26
C VAL D 278 -13.30 9.35 1.78
N SER D 279 -11.99 9.30 1.46
CA SER D 279 -11.58 9.54 0.09
C SER D 279 -12.17 8.52 -0.89
N SER D 280 -12.23 7.24 -0.51
CA SER D 280 -12.68 6.18 -1.40
C SER D 280 -14.14 6.38 -1.83
N ASP D 281 -14.92 7.11 -1.04
CA ASP D 281 -16.30 7.41 -1.36
C ASP D 281 -16.47 8.29 -2.58
N PHE D 282 -15.39 8.94 -3.03
CA PHE D 282 -15.45 9.86 -4.16
C PHE D 282 -14.82 9.27 -5.42
N ILE D 283 -14.49 7.98 -5.42
CA ILE D 283 -13.98 7.37 -6.65
C ILE D 283 -15.05 7.53 -7.73
N SER D 284 -14.61 7.99 -8.91
CA SER D 284 -15.45 8.20 -10.07
C SER D 284 -16.37 9.43 -9.95
N SER D 285 -16.19 10.30 -8.95
CA SER D 285 -17.00 11.50 -8.83
C SER D 285 -16.81 12.39 -10.07
N PRO D 286 -17.90 12.97 -10.59
CA PRO D 286 -17.81 13.85 -11.75
C PRO D 286 -17.45 15.29 -11.44
N PHE D 287 -17.37 15.63 -10.16
CA PHE D 287 -17.16 17.01 -9.73
C PHE D 287 -15.69 17.36 -9.86
N SER D 288 -15.41 18.62 -10.20
CA SER D 288 -14.05 19.14 -10.17
C SER D 288 -13.50 19.20 -8.75
N ALA D 289 -14.38 19.47 -7.78
CA ALA D 289 -14.01 19.55 -6.38
C ALA D 289 -15.22 19.24 -5.50
N ILE D 290 -15.03 18.49 -4.42
CA ILE D 290 -16.09 18.26 -3.43
C ILE D 290 -15.60 18.75 -2.06
N VAL D 291 -16.20 19.85 -1.60
CA VAL D 291 -15.80 20.57 -0.43
C VAL D 291 -16.07 19.73 0.80
N ILE D 292 -15.12 19.71 1.71
CA ILE D 292 -15.29 18.96 2.95
C ILE D 292 -15.92 19.93 3.95
N ASP D 293 -17.24 19.86 4.06
CA ASP D 293 -17.95 20.94 4.75
C ASP D 293 -17.57 21.05 6.22
N ASP D 294 -17.46 19.91 6.89
CA ASP D 294 -17.32 19.90 8.35
C ASP D 294 -15.92 20.37 8.76
N GLN D 295 -14.98 20.34 7.82
CA GLN D 295 -13.61 20.72 8.12
C GLN D 295 -13.29 22.15 7.68
N ILE D 296 -14.28 22.91 7.18
CA ILE D 296 -14.09 24.33 6.96
C ILE D 296 -13.77 25.00 8.29
N MET D 297 -12.69 25.82 8.32
CA MET D 297 -12.33 26.51 9.54
C MET D 297 -11.76 27.90 9.25
N THR D 298 -11.92 28.79 10.23
CA THR D 298 -11.34 30.12 10.11
C THR D 298 -10.43 30.36 11.30
N ILE D 299 -9.51 31.33 11.15
CA ILE D 299 -8.65 31.74 12.24
C ILE D 299 -8.37 33.24 12.06
N GLY D 300 -8.41 33.99 13.16
CA GLY D 300 -8.42 35.44 13.06
C GLY D 300 -9.68 35.91 12.34
N GLU D 301 -9.70 37.16 11.86
CA GLU D 301 -10.87 37.69 11.18
C GLU D 301 -10.87 37.32 9.70
N LYS D 302 -9.70 37.03 9.10
CA LYS D 302 -9.54 37.12 7.66
C LYS D 302 -9.03 35.83 7.02
N ASN D 303 -8.76 34.78 7.79
CA ASN D 303 -8.14 33.57 7.26
C ASN D 303 -9.07 32.36 7.35
N ALA D 304 -8.97 31.49 6.33
CA ALA D 304 -9.72 30.23 6.31
C ALA D 304 -8.90 29.09 5.71
N LYS D 305 -9.26 27.86 6.11
CA LYS D 305 -8.81 26.66 5.46
C LYS D 305 -10.01 25.95 4.88
N VAL D 306 -9.90 25.61 3.59
CA VAL D 306 -10.91 24.86 2.85
C VAL D 306 -10.25 23.68 2.20
N LEU D 307 -10.84 22.49 2.40
CA LEU D 307 -10.33 21.28 1.76
C LEU D 307 -11.38 20.79 0.79
N ALA D 308 -10.93 20.14 -0.30
CA ALA D 308 -11.84 19.53 -1.25
C ALA D 308 -11.22 18.28 -1.86
N TRP D 309 -12.08 17.27 -2.03
CA TRP D 309 -11.73 16.04 -2.74
C TRP D 309 -11.85 16.22 -4.24
N TYR D 310 -11.18 15.32 -4.99
CA TYR D 310 -11.49 15.12 -6.40
C TYR D 310 -10.88 13.80 -6.84
N ASP D 311 -11.59 13.10 -7.72
CA ASP D 311 -11.01 11.97 -8.43
C ASP D 311 -10.05 12.53 -9.48
N ASN D 312 -8.75 12.18 -9.46
CA ASN D 312 -7.84 12.92 -10.32
C ASN D 312 -8.02 12.51 -11.78
N GLU D 313 -8.87 11.52 -12.11
CA GLU D 313 -9.23 11.24 -13.50
C GLU D 313 -10.62 11.75 -13.89
N MET D 314 -11.64 11.44 -13.08
N MET D 314 -11.64 11.47 -13.07
CA MET D 314 -13.01 11.54 -13.55
CA MET D 314 -13.01 11.54 -13.59
C MET D 314 -13.50 12.99 -13.58
C MET D 314 -13.56 12.96 -13.54
N GLY D 315 -13.20 13.78 -12.55
CA GLY D 315 -13.62 15.18 -12.57
C GLY D 315 -13.04 15.89 -13.80
N TYR D 316 -11.74 15.69 -14.00
CA TYR D 316 -11.04 16.28 -15.14
C TYR D 316 -11.64 15.80 -16.46
N SER D 317 -11.97 14.50 -16.58
CA SER D 317 -12.49 13.96 -17.84
C SER D 317 -13.89 14.52 -18.12
N GLU D 318 -14.72 14.64 -17.09
CA GLU D 318 -16.04 15.25 -17.25
C GLU D 318 -15.92 16.71 -17.75
N ARG D 319 -14.92 17.46 -17.23
CA ARG D 319 -14.73 18.84 -17.64
C ARG D 319 -14.16 18.91 -19.06
N LEU D 320 -13.32 17.94 -19.41
CA LEU D 320 -12.76 17.89 -20.74
C LEU D 320 -13.89 17.79 -21.77
N ILE D 321 -14.91 16.96 -21.48
CA ILE D 321 -15.98 16.76 -22.45
C ILE D 321 -16.99 17.90 -22.34
N ASP D 322 -17.16 18.46 -21.15
CA ASP D 322 -17.90 19.72 -21.02
C ASP D 322 -17.33 20.80 -21.93
N MET D 323 -15.99 20.92 -21.97
CA MET D 323 -15.34 21.93 -22.80
C MET D 323 -15.54 21.66 -24.28
N ALA D 324 -15.38 20.38 -24.70
CA ALA D 324 -15.70 19.98 -26.06
C ALA D 324 -17.10 20.45 -26.48
N GLN D 325 -18.10 20.16 -25.64
CA GLN D 325 -19.46 20.58 -25.94
C GLN D 325 -19.54 22.11 -26.05
N TYR D 326 -18.85 22.81 -25.14
CA TYR D 326 -18.95 24.27 -25.11
C TYR D 326 -18.32 24.92 -26.34
N ILE D 327 -17.08 24.51 -26.67
CA ILE D 327 -16.39 25.18 -27.76
C ILE D 327 -17.05 24.85 -29.09
N ALA D 328 -17.79 23.72 -29.17
CA ALA D 328 -18.50 23.39 -30.39
C ALA D 328 -19.71 24.32 -30.55
N1 EPE E . -30.50 -11.69 -6.85
C2 EPE E . -29.59 -11.94 -7.98
C3 EPE E . -28.18 -11.54 -7.62
N4 EPE E . -28.12 -10.12 -7.21
C5 EPE E . -29.08 -9.86 -6.12
C6 EPE E . -30.47 -10.26 -6.53
C7 EPE E . -26.76 -9.68 -6.85
C8 EPE E . -26.15 -10.32 -5.62
O8 EPE E . -26.81 -10.01 -4.40
C9 EPE E . -31.86 -12.18 -7.09
C10 EPE E . -32.71 -12.03 -5.84
S EPE E . -34.31 -12.80 -5.82
O1S EPE E . -34.26 -13.81 -4.80
O2S EPE E . -35.26 -11.73 -5.69
O3S EPE E . -34.48 -13.45 -7.22
C1 GOL F . -18.04 -0.20 6.44
O1 GOL F . -19.06 0.26 5.52
C2 GOL F . -16.75 0.59 6.39
O2 GOL F . -15.78 0.00 7.26
C3 GOL F . -16.15 0.70 5.00
O3 GOL F . -14.92 1.42 5.03
NA NA G . 0.59 -32.19 -3.87
N1 EPE H . 31.79 -8.96 4.51
C2 EPE H . 30.75 -9.70 5.25
C3 EPE H . 29.55 -10.00 4.39
N4 EPE H . 28.97 -8.78 3.82
C5 EPE H . 29.99 -7.98 3.10
C6 EPE H . 31.20 -7.72 3.95
C7 EPE H . 28.18 -8.00 4.77
C8 EPE H . 26.69 -7.94 4.44
O8 EPE H . 26.17 -9.19 4.04
C9 EPE H . 32.54 -9.78 3.54
C10 EPE H . 33.61 -8.92 2.95
S EPE H . 35.16 -9.58 2.37
O1S EPE H . 35.53 -10.68 3.21
O2S EPE H . 36.02 -8.43 2.39
O3S EPE H . 34.92 -10.09 0.92
NA NA I . 17.30 -15.00 -4.53
NA NA J . 29.15 -13.79 -0.21
NA NA K . 27.81 -16.95 -0.59
NA NA L . 13.58 -16.69 -15.68
N1 EPE M . 24.57 8.36 23.69
C2 EPE M . 24.44 7.60 24.96
C3 EPE M . 25.19 8.26 26.09
N4 EPE M . 24.61 9.56 26.39
C5 EPE M . 24.44 10.35 25.16
C6 EPE M . 25.10 9.72 23.96
C7 EPE M . 23.34 9.46 27.12
C8 EPE M . 23.27 10.32 28.37
O8 EPE M . 22.81 9.56 29.47
C9 EPE M . 23.29 8.37 22.96
C10 EPE M . 23.40 8.68 21.47
S EPE M . 21.83 8.51 20.67
O1S EPE M . 22.03 8.84 19.30
O2S EPE M . 20.88 9.28 21.46
O3S EPE M . 21.47 7.01 20.81
NA NA N . 7.66 14.83 16.71
NA NA O . -0.73 -0.91 33.78
NA NA P . 19.33 15.69 5.05
NA NA Q . 13.76 28.44 22.81
N1 EPE R . -25.52 11.94 -17.91
C2 EPE R . -24.25 11.37 -18.42
C3 EPE R . -23.52 10.57 -17.36
N4 EPE R . -23.29 11.38 -16.16
C5 EPE R . -24.60 11.80 -15.65
C6 EPE R . -25.28 12.68 -16.66
C7 EPE R . -22.48 10.74 -15.11
C8 EPE R . -21.72 11.74 -14.26
O8 EPE R . -22.35 13.01 -14.28
C9 EPE R . -26.22 12.83 -18.86
C10 EPE R . -26.13 12.48 -20.33
S EPE R . -26.51 13.77 -21.47
O1S EPE R . -25.30 14.51 -21.75
O2S EPE R . -27.68 14.48 -21.02
O3S EPE R . -26.85 12.82 -22.64
#